data_3DB7
# 
_entry.id   3DB7 
# 
_audit_conform.dict_name       mmcif_pdbx.dic 
_audit_conform.dict_version    5.398 
_audit_conform.dict_location   http://mmcif.pdb.org/dictionaries/ascii/mmcif_pdbx.dic 
# 
loop_
_database_2.database_id 
_database_2.database_code 
_database_2.pdbx_database_accession 
_database_2.pdbx_DOI 
PDB   3DB7         pdb_00003db7 10.2210/pdb3db7/pdb 
RCSB  RCSB047820   ?            ?                   
WWPDB D_1000047820 ?            ?                   
# 
loop_
_pdbx_audit_revision_history.ordinal 
_pdbx_audit_revision_history.data_content_type 
_pdbx_audit_revision_history.major_revision 
_pdbx_audit_revision_history.minor_revision 
_pdbx_audit_revision_history.revision_date 
1 'Structure model' 1 0 2008-10-28 
2 'Structure model' 1 1 2011-07-13 
3 'Structure model' 1 2 2017-10-25 
4 'Structure model' 1 3 2019-07-24 
5 'Structure model' 1 4 2023-02-01 
6 'Structure model' 1 5 2024-11-13 
# 
_pdbx_audit_revision_details.ordinal             1 
_pdbx_audit_revision_details.revision_ordinal    1 
_pdbx_audit_revision_details.data_content_type   'Structure model' 
_pdbx_audit_revision_details.provider            repository 
_pdbx_audit_revision_details.type                'Initial release' 
_pdbx_audit_revision_details.description         ? 
_pdbx_audit_revision_details.details             ? 
# 
loop_
_pdbx_audit_revision_group.ordinal 
_pdbx_audit_revision_group.revision_ordinal 
_pdbx_audit_revision_group.data_content_type 
_pdbx_audit_revision_group.group 
1  2 'Structure model' Advisory                     
2  2 'Structure model' 'Version format compliance'  
3  3 'Structure model' 'Author supporting evidence' 
4  3 'Structure model' 'Refinement description'     
5  4 'Structure model' 'Data collection'            
6  4 'Structure model' 'Derived calculations'       
7  4 'Structure model' 'Refinement description'     
8  5 'Structure model' 'Database references'        
9  5 'Structure model' 'Derived calculations'       
10 6 'Structure model' 'Data collection'            
11 6 'Structure model' 'Structure summary'          
# 
loop_
_pdbx_audit_revision_category.ordinal 
_pdbx_audit_revision_category.revision_ordinal 
_pdbx_audit_revision_category.data_content_type 
_pdbx_audit_revision_category.category 
1  3 'Structure model' pdbx_struct_assembly_auth_evidence 
2  3 'Structure model' software                           
3  4 'Structure model' pdbx_struct_special_symmetry       
4  4 'Structure model' software                           
5  4 'Structure model' struct_conn                        
6  5 'Structure model' database_2                         
7  5 'Structure model' pdbx_struct_conn_angle             
8  5 'Structure model' struct_conn                        
9  5 'Structure model' struct_ref_seq_dif                 
10 5 'Structure model' struct_site                        
11 6 'Structure model' chem_comp_atom                     
12 6 'Structure model' chem_comp_bond                     
13 6 'Structure model' pdbx_entry_details                 
14 6 'Structure model' pdbx_modification_feature          
# 
loop_
_pdbx_audit_revision_item.ordinal 
_pdbx_audit_revision_item.revision_ordinal 
_pdbx_audit_revision_item.data_content_type 
_pdbx_audit_revision_item.item 
1  3 'Structure model' '_software.classification'                     
2  3 'Structure model' '_software.name'                               
3  4 'Structure model' '_software.classification'                     
4  4 'Structure model' '_software.contact_author'                     
5  4 'Structure model' '_software.contact_author_email'               
6  4 'Structure model' '_software.language'                           
7  4 'Structure model' '_software.location'                           
8  4 'Structure model' '_software.name'                               
9  4 'Structure model' '_software.type'                               
10 4 'Structure model' '_software.version'                            
11 4 'Structure model' '_struct_conn.pdbx_leaving_atom_flag'          
12 5 'Structure model' '_database_2.pdbx_DOI'                         
13 5 'Structure model' '_database_2.pdbx_database_accession'          
14 5 'Structure model' '_pdbx_struct_conn_angle.ptnr1_auth_comp_id'   
15 5 'Structure model' '_pdbx_struct_conn_angle.ptnr1_auth_seq_id'    
16 5 'Structure model' '_pdbx_struct_conn_angle.ptnr1_label_alt_id'   
17 5 'Structure model' '_pdbx_struct_conn_angle.ptnr1_label_asym_id'  
18 5 'Structure model' '_pdbx_struct_conn_angle.ptnr1_label_atom_id'  
19 5 'Structure model' '_pdbx_struct_conn_angle.ptnr1_label_comp_id'  
20 5 'Structure model' '_pdbx_struct_conn_angle.ptnr1_label_seq_id'   
21 5 'Structure model' '_pdbx_struct_conn_angle.ptnr3_auth_comp_id'   
22 5 'Structure model' '_pdbx_struct_conn_angle.ptnr3_auth_seq_id'    
23 5 'Structure model' '_pdbx_struct_conn_angle.ptnr3_label_alt_id'   
24 5 'Structure model' '_pdbx_struct_conn_angle.ptnr3_label_asym_id'  
25 5 'Structure model' '_pdbx_struct_conn_angle.ptnr3_label_atom_id'  
26 5 'Structure model' '_pdbx_struct_conn_angle.ptnr3_label_comp_id'  
27 5 'Structure model' '_pdbx_struct_conn_angle.ptnr3_label_seq_id'   
28 5 'Structure model' '_pdbx_struct_conn_angle.value'                
29 5 'Structure model' '_struct_conn.pdbx_dist_value'                 
30 5 'Structure model' '_struct_conn.pdbx_ptnr1_label_alt_id'         
31 5 'Structure model' '_struct_conn.pdbx_ptnr2_label_alt_id'         
32 5 'Structure model' '_struct_conn.ptnr1_auth_comp_id'              
33 5 'Structure model' '_struct_conn.ptnr1_auth_seq_id'               
34 5 'Structure model' '_struct_conn.ptnr1_label_asym_id'             
35 5 'Structure model' '_struct_conn.ptnr1_label_atom_id'             
36 5 'Structure model' '_struct_conn.ptnr1_label_comp_id'             
37 5 'Structure model' '_struct_conn.ptnr1_label_seq_id'              
38 5 'Structure model' '_struct_conn.ptnr2_auth_comp_id'              
39 5 'Structure model' '_struct_conn.ptnr2_auth_seq_id'               
40 5 'Structure model' '_struct_conn.ptnr2_label_asym_id'             
41 5 'Structure model' '_struct_conn.ptnr2_label_atom_id'             
42 5 'Structure model' '_struct_conn.ptnr2_label_comp_id'             
43 5 'Structure model' '_struct_conn.ptnr2_label_seq_id'              
44 5 'Structure model' '_struct_ref_seq_dif.details'                  
45 5 'Structure model' '_struct_site.pdbx_auth_asym_id'               
46 5 'Structure model' '_struct_site.pdbx_auth_comp_id'               
47 5 'Structure model' '_struct_site.pdbx_auth_seq_id'                
48 6 'Structure model' '_pdbx_entry_details.has_protein_modification' 
# 
_pdbx_database_status.SG_entry                        Y 
_pdbx_database_status.entry_id                        3DB7 
_pdbx_database_status.deposit_site                    RCSB 
_pdbx_database_status.process_site                    RCSB 
_pdbx_database_status.recvd_initial_deposition_date   2008-05-30 
_pdbx_database_status.status_code                     REL 
_pdbx_database_status.status_code_sf                  REL 
_pdbx_database_status.status_code_mr                  ? 
_pdbx_database_status.status_code_cs                  ? 
_pdbx_database_status.pdb_format_compatible           Y 
_pdbx_database_status.methods_development_category    ? 
_pdbx_database_status.status_code_nmr_data            ? 
# 
_pdbx_database_related.db_name        TargetDB 
_pdbx_database_related.db_id          389981 
_pdbx_database_related.details        . 
_pdbx_database_related.content_type   unspecified 
# 
_audit_author.name           'Joint Center for Structural Genomics (JCSG)' 
_audit_author.pdbx_ordinal   1 
# 
_citation.id                        primary 
_citation.title                     
;Crystal structure of putative calcium-regulated periplasmic protein of unknown function (NP_809836.1) from BACTEROIDES THETAIOTAOMICRON VPI-5482 at 1.40 A resolution
;
_citation.journal_abbrev            'To be Published' 
_citation.journal_volume            ? 
_citation.page_first                ? 
_citation.page_last                 ? 
_citation.year                      ? 
_citation.journal_id_ASTM           ? 
_citation.country                   ? 
_citation.journal_id_ISSN           ? 
_citation.journal_id_CSD            0353 
_citation.book_publisher            ? 
_citation.pdbx_database_id_PubMed   ? 
_citation.pdbx_database_id_DOI      ? 
# 
_citation_author.citation_id        primary 
_citation_author.name               'Joint Center for Structural Genomics (JCSG)' 
_citation_author.ordinal            1 
_citation_author.identifier_ORCID   ? 
# 
loop_
_entity.id 
_entity.type 
_entity.src_method 
_entity.pdbx_description 
_entity.formula_weight 
_entity.pdbx_number_of_molecules 
_entity.pdbx_ec 
_entity.pdbx_mutation 
_entity.pdbx_fragment 
_entity.details 
1 polymer     man 'putative calcium-regulated periplasmic protein' 14790.481 1   ? ? ? ? 
2 non-polymer syn 'CALCIUM ION'                                    40.078    3   ? ? ? ? 
3 non-polymer syn 1,2-ETHANEDIOL                                   62.068    2   ? ? ? ? 
4 water       nat water                                            18.015    194 ? ? ? ? 
# 
_entity_poly.entity_id                      1 
_entity_poly.type                           'polypeptide(L)' 
_entity_poly.nstd_linkage                   no 
_entity_poly.nstd_monomer                   yes 
_entity_poly.pdbx_seq_one_letter_code       
;GADDDKPIQVTQ(MSE)PQLAQQFIKQHFSDSKVALAK(MSE)ESDFLYKSYEVIFTNGNKVEFDKKGNWEEVDCKHTSV
PVAIIPAAIQKYVTTNYPDAKVLKIERDKKDYEVKLSNRTELKFDLKFNLIDIDN
;
_entity_poly.pdbx_seq_one_letter_code_can   
;GADDDKPIQVTQMPQLAQQFIKQHFSDSKVALAKMESDFLYKSYEVIFTNGNKVEFDKKGNWEEVDCKHTSVPVAIIPAA
IQKYVTTNYPDAKVLKIERDKKDYEVKLSNRTELKFDLKFNLIDIDN
;
_entity_poly.pdbx_strand_id                 A 
_entity_poly.pdbx_target_identifier         389981 
# 
loop_
_pdbx_entity_nonpoly.entity_id 
_pdbx_entity_nonpoly.name 
_pdbx_entity_nonpoly.comp_id 
2 'CALCIUM ION'  CA  
3 1,2-ETHANEDIOL EDO 
4 water          HOH 
# 
loop_
_entity_poly_seq.entity_id 
_entity_poly_seq.num 
_entity_poly_seq.mon_id 
_entity_poly_seq.hetero 
1 1   GLY n 
1 2   ALA n 
1 3   ASP n 
1 4   ASP n 
1 5   ASP n 
1 6   LYS n 
1 7   PRO n 
1 8   ILE n 
1 9   GLN n 
1 10  VAL n 
1 11  THR n 
1 12  GLN n 
1 13  MSE n 
1 14  PRO n 
1 15  GLN n 
1 16  LEU n 
1 17  ALA n 
1 18  GLN n 
1 19  GLN n 
1 20  PHE n 
1 21  ILE n 
1 22  LYS n 
1 23  GLN n 
1 24  HIS n 
1 25  PHE n 
1 26  SER n 
1 27  ASP n 
1 28  SER n 
1 29  LYS n 
1 30  VAL n 
1 31  ALA n 
1 32  LEU n 
1 33  ALA n 
1 34  LYS n 
1 35  MSE n 
1 36  GLU n 
1 37  SER n 
1 38  ASP n 
1 39  PHE n 
1 40  LEU n 
1 41  TYR n 
1 42  LYS n 
1 43  SER n 
1 44  TYR n 
1 45  GLU n 
1 46  VAL n 
1 47  ILE n 
1 48  PHE n 
1 49  THR n 
1 50  ASN n 
1 51  GLY n 
1 52  ASN n 
1 53  LYS n 
1 54  VAL n 
1 55  GLU n 
1 56  PHE n 
1 57  ASP n 
1 58  LYS n 
1 59  LYS n 
1 60  GLY n 
1 61  ASN n 
1 62  TRP n 
1 63  GLU n 
1 64  GLU n 
1 65  VAL n 
1 66  ASP n 
1 67  CYS n 
1 68  LYS n 
1 69  HIS n 
1 70  THR n 
1 71  SER n 
1 72  VAL n 
1 73  PRO n 
1 74  VAL n 
1 75  ALA n 
1 76  ILE n 
1 77  ILE n 
1 78  PRO n 
1 79  ALA n 
1 80  ALA n 
1 81  ILE n 
1 82  GLN n 
1 83  LYS n 
1 84  TYR n 
1 85  VAL n 
1 86  THR n 
1 87  THR n 
1 88  ASN n 
1 89  TYR n 
1 90  PRO n 
1 91  ASP n 
1 92  ALA n 
1 93  LYS n 
1 94  VAL n 
1 95  LEU n 
1 96  LYS n 
1 97  ILE n 
1 98  GLU n 
1 99  ARG n 
1 100 ASP n 
1 101 LYS n 
1 102 LYS n 
1 103 ASP n 
1 104 TYR n 
1 105 GLU n 
1 106 VAL n 
1 107 LYS n 
1 108 LEU n 
1 109 SER n 
1 110 ASN n 
1 111 ARG n 
1 112 THR n 
1 113 GLU n 
1 114 LEU n 
1 115 LYS n 
1 116 PHE n 
1 117 ASP n 
1 118 LEU n 
1 119 LYS n 
1 120 PHE n 
1 121 ASN n 
1 122 LEU n 
1 123 ILE n 
1 124 ASP n 
1 125 ILE n 
1 126 ASP n 
1 127 ASN n 
# 
_entity_src_gen.entity_id                          1 
_entity_src_gen.pdbx_src_id                        1 
_entity_src_gen.pdbx_alt_source_flag               sample 
_entity_src_gen.pdbx_seq_type                      ? 
_entity_src_gen.pdbx_beg_seq_num                   ? 
_entity_src_gen.pdbx_end_seq_num                   ? 
_entity_src_gen.gene_src_common_name               ? 
_entity_src_gen.gene_src_genus                     ? 
_entity_src_gen.pdbx_gene_src_gene                 'NP_809836.1, BT_0923' 
_entity_src_gen.gene_src_species                   ? 
_entity_src_gen.gene_src_strain                    ? 
_entity_src_gen.gene_src_tissue                    ? 
_entity_src_gen.gene_src_tissue_fraction           ? 
_entity_src_gen.gene_src_details                   ? 
_entity_src_gen.pdbx_gene_src_fragment             ? 
_entity_src_gen.pdbx_gene_src_scientific_name      'Bacteroides thetaiotaomicron' 
_entity_src_gen.pdbx_gene_src_ncbi_taxonomy_id     818 
_entity_src_gen.pdbx_gene_src_variant              ? 
_entity_src_gen.pdbx_gene_src_cell_line            ? 
_entity_src_gen.pdbx_gene_src_atcc                 ? 
_entity_src_gen.pdbx_gene_src_organ                ? 
_entity_src_gen.pdbx_gene_src_organelle            ? 
_entity_src_gen.pdbx_gene_src_cell                 ? 
_entity_src_gen.pdbx_gene_src_cellular_location    ? 
_entity_src_gen.host_org_common_name               ? 
_entity_src_gen.pdbx_host_org_scientific_name      'Escherichia coli' 
_entity_src_gen.pdbx_host_org_ncbi_taxonomy_id     562 
_entity_src_gen.host_org_genus                     ? 
_entity_src_gen.pdbx_host_org_gene                 ? 
_entity_src_gen.pdbx_host_org_organ                ? 
_entity_src_gen.host_org_species                   ? 
_entity_src_gen.pdbx_host_org_tissue               ? 
_entity_src_gen.pdbx_host_org_tissue_fraction      ? 
_entity_src_gen.pdbx_host_org_strain               HK100 
_entity_src_gen.pdbx_host_org_variant              ? 
_entity_src_gen.pdbx_host_org_cell_line            ? 
_entity_src_gen.pdbx_host_org_atcc                 ? 
_entity_src_gen.pdbx_host_org_culture_collection   ? 
_entity_src_gen.pdbx_host_org_cell                 ? 
_entity_src_gen.pdbx_host_org_organelle            ? 
_entity_src_gen.pdbx_host_org_cellular_location    ? 
_entity_src_gen.pdbx_host_org_vector_type          Plasmid 
_entity_src_gen.pdbx_host_org_vector               ? 
_entity_src_gen.host_org_details                   ? 
_entity_src_gen.expression_system_id               ? 
_entity_src_gen.plasmid_name                       SpeedET 
_entity_src_gen.plasmid_details                    ? 
_entity_src_gen.pdbx_description                   ? 
# 
loop_
_chem_comp.id 
_chem_comp.type 
_chem_comp.mon_nstd_flag 
_chem_comp.name 
_chem_comp.pdbx_synonyms 
_chem_comp.formula 
_chem_comp.formula_weight 
ALA 'L-peptide linking' y ALANINE          ?                 'C3 H7 N O2'     89.093  
ARG 'L-peptide linking' y ARGININE         ?                 'C6 H15 N4 O2 1' 175.209 
ASN 'L-peptide linking' y ASPARAGINE       ?                 'C4 H8 N2 O3'    132.118 
ASP 'L-peptide linking' y 'ASPARTIC ACID'  ?                 'C4 H7 N O4'     133.103 
CA  non-polymer         . 'CALCIUM ION'    ?                 'Ca 2'           40.078  
CYS 'L-peptide linking' y CYSTEINE         ?                 'C3 H7 N O2 S'   121.158 
EDO non-polymer         . 1,2-ETHANEDIOL   'ETHYLENE GLYCOL' 'C2 H6 O2'       62.068  
GLN 'L-peptide linking' y GLUTAMINE        ?                 'C5 H10 N2 O3'   146.144 
GLU 'L-peptide linking' y 'GLUTAMIC ACID'  ?                 'C5 H9 N O4'     147.129 
GLY 'peptide linking'   y GLYCINE          ?                 'C2 H5 N O2'     75.067  
HIS 'L-peptide linking' y HISTIDINE        ?                 'C6 H10 N3 O2 1' 156.162 
HOH non-polymer         . WATER            ?                 'H2 O'           18.015  
ILE 'L-peptide linking' y ISOLEUCINE       ?                 'C6 H13 N O2'    131.173 
LEU 'L-peptide linking' y LEUCINE          ?                 'C6 H13 N O2'    131.173 
LYS 'L-peptide linking' y LYSINE           ?                 'C6 H15 N2 O2 1' 147.195 
MSE 'L-peptide linking' n SELENOMETHIONINE ?                 'C5 H11 N O2 Se' 196.106 
PHE 'L-peptide linking' y PHENYLALANINE    ?                 'C9 H11 N O2'    165.189 
PRO 'L-peptide linking' y PROLINE          ?                 'C5 H9 N O2'     115.130 
SER 'L-peptide linking' y SERINE           ?                 'C3 H7 N O3'     105.093 
THR 'L-peptide linking' y THREONINE        ?                 'C4 H9 N O3'     119.119 
TRP 'L-peptide linking' y TRYPTOPHAN       ?                 'C11 H12 N2 O2'  204.225 
TYR 'L-peptide linking' y TYROSINE         ?                 'C9 H11 N O3'    181.189 
VAL 'L-peptide linking' y VALINE           ?                 'C5 H11 N O2'    117.146 
# 
loop_
_pdbx_poly_seq_scheme.asym_id 
_pdbx_poly_seq_scheme.entity_id 
_pdbx_poly_seq_scheme.seq_id 
_pdbx_poly_seq_scheme.mon_id 
_pdbx_poly_seq_scheme.ndb_seq_num 
_pdbx_poly_seq_scheme.pdb_seq_num 
_pdbx_poly_seq_scheme.auth_seq_num 
_pdbx_poly_seq_scheme.pdb_mon_id 
_pdbx_poly_seq_scheme.auth_mon_id 
_pdbx_poly_seq_scheme.pdb_strand_id 
_pdbx_poly_seq_scheme.pdb_ins_code 
_pdbx_poly_seq_scheme.hetero 
A 1 1   GLY 1   0   0   GLY GLY A . n 
A 1 2   ALA 2   20  20  ALA ALA A . n 
A 1 3   ASP 3   21  21  ASP ASP A . n 
A 1 4   ASP 4   22  22  ASP ASP A . n 
A 1 5   ASP 5   23  23  ASP ASP A . n 
A 1 6   LYS 6   24  24  LYS LYS A . n 
A 1 7   PRO 7   25  25  PRO PRO A . n 
A 1 8   ILE 8   26  26  ILE ILE A . n 
A 1 9   GLN 9   27  27  GLN GLN A . n 
A 1 10  VAL 10  28  28  VAL VAL A . n 
A 1 11  THR 11  29  29  THR THR A . n 
A 1 12  GLN 12  30  30  GLN GLN A . n 
A 1 13  MSE 13  31  31  MSE MSE A . n 
A 1 14  PRO 14  32  32  PRO PRO A . n 
A 1 15  GLN 15  33  33  GLN GLN A . n 
A 1 16  LEU 16  34  34  LEU LEU A . n 
A 1 17  ALA 17  35  35  ALA ALA A . n 
A 1 18  GLN 18  36  36  GLN GLN A . n 
A 1 19  GLN 19  37  37  GLN GLN A . n 
A 1 20  PHE 20  38  38  PHE PHE A . n 
A 1 21  ILE 21  39  39  ILE ILE A . n 
A 1 22  LYS 22  40  40  LYS LYS A . n 
A 1 23  GLN 23  41  41  GLN GLN A . n 
A 1 24  HIS 24  42  42  HIS HIS A . n 
A 1 25  PHE 25  43  43  PHE PHE A . n 
A 1 26  SER 26  44  44  SER SER A . n 
A 1 27  ASP 27  45  45  ASP ASP A . n 
A 1 28  SER 28  46  46  SER SER A . n 
A 1 29  LYS 29  47  47  LYS LYS A . n 
A 1 30  VAL 30  48  48  VAL VAL A . n 
A 1 31  ALA 31  49  49  ALA ALA A . n 
A 1 32  LEU 32  50  50  LEU LEU A . n 
A 1 33  ALA 33  51  51  ALA ALA A . n 
A 1 34  LYS 34  52  52  LYS LYS A . n 
A 1 35  MSE 35  53  53  MSE MSE A . n 
A 1 36  GLU 36  54  54  GLU GLU A . n 
A 1 37  SER 37  55  55  SER SER A . n 
A 1 38  ASP 38  56  56  ASP ASP A . n 
A 1 39  PHE 39  57  57  PHE PHE A . n 
A 1 40  LEU 40  58  58  LEU LEU A . n 
A 1 41  TYR 41  59  59  TYR TYR A . n 
A 1 42  LYS 42  60  60  LYS LYS A . n 
A 1 43  SER 43  61  61  SER SER A . n 
A 1 44  TYR 44  62  62  TYR TYR A . n 
A 1 45  GLU 45  63  63  GLU GLU A . n 
A 1 46  VAL 46  64  64  VAL VAL A . n 
A 1 47  ILE 47  65  65  ILE ILE A . n 
A 1 48  PHE 48  66  66  PHE PHE A . n 
A 1 49  THR 49  67  67  THR THR A . n 
A 1 50  ASN 50  68  68  ASN ASN A . n 
A 1 51  GLY 51  69  69  GLY GLY A . n 
A 1 52  ASN 52  70  70  ASN ASN A . n 
A 1 53  LYS 53  71  71  LYS LYS A . n 
A 1 54  VAL 54  72  72  VAL VAL A . n 
A 1 55  GLU 55  73  73  GLU GLU A . n 
A 1 56  PHE 56  74  74  PHE PHE A . n 
A 1 57  ASP 57  75  75  ASP ASP A . n 
A 1 58  LYS 58  76  76  LYS LYS A . n 
A 1 59  LYS 59  77  77  LYS LYS A . n 
A 1 60  GLY 60  78  78  GLY GLY A . n 
A 1 61  ASN 61  79  79  ASN ASN A . n 
A 1 62  TRP 62  80  80  TRP TRP A . n 
A 1 63  GLU 63  81  81  GLU GLU A . n 
A 1 64  GLU 64  82  82  GLU GLU A . n 
A 1 65  VAL 65  83  83  VAL VAL A . n 
A 1 66  ASP 66  84  84  ASP ASP A . n 
A 1 67  CYS 67  85  85  CYS CYS A . n 
A 1 68  LYS 68  86  86  LYS LYS A . n 
A 1 69  HIS 69  87  87  HIS HIS A . n 
A 1 70  THR 70  88  88  THR THR A . n 
A 1 71  SER 71  89  89  SER SER A . n 
A 1 72  VAL 72  90  90  VAL VAL A . n 
A 1 73  PRO 73  91  91  PRO PRO A . n 
A 1 74  VAL 74  92  92  VAL VAL A . n 
A 1 75  ALA 75  93  93  ALA ALA A . n 
A 1 76  ILE 76  94  94  ILE ILE A . n 
A 1 77  ILE 77  95  95  ILE ILE A . n 
A 1 78  PRO 78  96  96  PRO PRO A . n 
A 1 79  ALA 79  97  97  ALA ALA A . n 
A 1 80  ALA 80  98  98  ALA ALA A . n 
A 1 81  ILE 81  99  99  ILE ILE A . n 
A 1 82  GLN 82  100 100 GLN GLN A . n 
A 1 83  LYS 83  101 101 LYS LYS A . n 
A 1 84  TYR 84  102 102 TYR TYR A . n 
A 1 85  VAL 85  103 103 VAL VAL A . n 
A 1 86  THR 86  104 104 THR THR A . n 
A 1 87  THR 87  105 105 THR THR A . n 
A 1 88  ASN 88  106 106 ASN ASN A . n 
A 1 89  TYR 89  107 107 TYR TYR A . n 
A 1 90  PRO 90  108 108 PRO PRO A . n 
A 1 91  ASP 91  109 109 ASP ASP A . n 
A 1 92  ALA 92  110 110 ALA ALA A . n 
A 1 93  LYS 93  111 111 LYS LYS A . n 
A 1 94  VAL 94  112 112 VAL VAL A . n 
A 1 95  LEU 95  113 113 LEU LEU A . n 
A 1 96  LYS 96  114 114 LYS LYS A . n 
A 1 97  ILE 97  115 115 ILE ILE A . n 
A 1 98  GLU 98  116 116 GLU GLU A . n 
A 1 99  ARG 99  117 117 ARG ARG A . n 
A 1 100 ASP 100 118 118 ASP ASP A . n 
A 1 101 LYS 101 119 119 LYS LYS A . n 
A 1 102 LYS 102 120 120 LYS LYS A . n 
A 1 103 ASP 103 121 121 ASP ASP A . n 
A 1 104 TYR 104 122 122 TYR TYR A . n 
A 1 105 GLU 105 123 123 GLU GLU A . n 
A 1 106 VAL 106 124 124 VAL VAL A . n 
A 1 107 LYS 107 125 125 LYS LYS A . n 
A 1 108 LEU 108 126 126 LEU LEU A . n 
A 1 109 SER 109 127 127 SER SER A . n 
A 1 110 ASN 110 128 128 ASN ASN A . n 
A 1 111 ARG 111 129 129 ARG ARG A . n 
A 1 112 THR 112 130 130 THR THR A . n 
A 1 113 GLU 113 131 131 GLU GLU A . n 
A 1 114 LEU 114 132 132 LEU LEU A . n 
A 1 115 LYS 115 133 133 LYS LYS A . n 
A 1 116 PHE 116 134 134 PHE PHE A . n 
A 1 117 ASP 117 135 135 ASP ASP A . n 
A 1 118 LEU 118 136 136 LEU LEU A . n 
A 1 119 LYS 119 137 137 LYS LYS A . n 
A 1 120 PHE 120 138 138 PHE PHE A . n 
A 1 121 ASN 121 139 139 ASN ASN A . n 
A 1 122 LEU 122 140 140 LEU LEU A . n 
A 1 123 ILE 123 141 141 ILE ILE A . n 
A 1 124 ASP 124 142 142 ASP ASP A . n 
A 1 125 ILE 125 143 143 ILE ILE A . n 
A 1 126 ASP 126 144 144 ASP ASP A . n 
A 1 127 ASN 127 145 145 ASN ASN A . n 
# 
loop_
_pdbx_nonpoly_scheme.asym_id 
_pdbx_nonpoly_scheme.entity_id 
_pdbx_nonpoly_scheme.mon_id 
_pdbx_nonpoly_scheme.ndb_seq_num 
_pdbx_nonpoly_scheme.pdb_seq_num 
_pdbx_nonpoly_scheme.auth_seq_num 
_pdbx_nonpoly_scheme.pdb_mon_id 
_pdbx_nonpoly_scheme.auth_mon_id 
_pdbx_nonpoly_scheme.pdb_strand_id 
_pdbx_nonpoly_scheme.pdb_ins_code 
B 2 CA  1   1   1   CA  CA  A . 
C 2 CA  1   2   2   CA  CA  A . 
D 2 CA  1   3   3   CA  CA  A . 
E 3 EDO 1   4   4   EDO EDO A . 
F 3 EDO 1   5   5   EDO EDO A . 
G 4 HOH 1   146 6   HOH HOH A . 
G 4 HOH 2   147 7   HOH HOH A . 
G 4 HOH 3   148 8   HOH HOH A . 
G 4 HOH 4   149 9   HOH HOH A . 
G 4 HOH 5   150 10  HOH HOH A . 
G 4 HOH 6   151 11  HOH HOH A . 
G 4 HOH 7   152 12  HOH HOH A . 
G 4 HOH 8   153 13  HOH HOH A . 
G 4 HOH 9   154 14  HOH HOH A . 
G 4 HOH 10  155 15  HOH HOH A . 
G 4 HOH 11  156 16  HOH HOH A . 
G 4 HOH 12  157 17  HOH HOH A . 
G 4 HOH 13  158 18  HOH HOH A . 
G 4 HOH 14  159 19  HOH HOH A . 
G 4 HOH 15  160 20  HOH HOH A . 
G 4 HOH 16  161 21  HOH HOH A . 
G 4 HOH 17  162 22  HOH HOH A . 
G 4 HOH 18  163 23  HOH HOH A . 
G 4 HOH 19  164 24  HOH HOH A . 
G 4 HOH 20  165 25  HOH HOH A . 
G 4 HOH 21  166 26  HOH HOH A . 
G 4 HOH 22  167 27  HOH HOH A . 
G 4 HOH 23  168 28  HOH HOH A . 
G 4 HOH 24  169 29  HOH HOH A . 
G 4 HOH 25  170 30  HOH HOH A . 
G 4 HOH 26  171 31  HOH HOH A . 
G 4 HOH 27  172 32  HOH HOH A . 
G 4 HOH 28  173 33  HOH HOH A . 
G 4 HOH 29  174 34  HOH HOH A . 
G 4 HOH 30  175 35  HOH HOH A . 
G 4 HOH 31  176 36  HOH HOH A . 
G 4 HOH 32  177 37  HOH HOH A . 
G 4 HOH 33  178 38  HOH HOH A . 
G 4 HOH 34  179 39  HOH HOH A . 
G 4 HOH 35  180 40  HOH HOH A . 
G 4 HOH 36  181 41  HOH HOH A . 
G 4 HOH 37  182 42  HOH HOH A . 
G 4 HOH 38  183 43  HOH HOH A . 
G 4 HOH 39  184 44  HOH HOH A . 
G 4 HOH 40  185 45  HOH HOH A . 
G 4 HOH 41  186 46  HOH HOH A . 
G 4 HOH 42  187 47  HOH HOH A . 
G 4 HOH 43  188 48  HOH HOH A . 
G 4 HOH 44  189 49  HOH HOH A . 
G 4 HOH 45  190 50  HOH HOH A . 
G 4 HOH 46  191 51  HOH HOH A . 
G 4 HOH 47  192 52  HOH HOH A . 
G 4 HOH 48  193 53  HOH HOH A . 
G 4 HOH 49  194 54  HOH HOH A . 
G 4 HOH 50  195 55  HOH HOH A . 
G 4 HOH 51  196 56  HOH HOH A . 
G 4 HOH 52  197 57  HOH HOH A . 
G 4 HOH 53  198 58  HOH HOH A . 
G 4 HOH 54  199 59  HOH HOH A . 
G 4 HOH 55  200 60  HOH HOH A . 
G 4 HOH 56  201 61  HOH HOH A . 
G 4 HOH 57  202 62  HOH HOH A . 
G 4 HOH 58  203 63  HOH HOH A . 
G 4 HOH 59  204 64  HOH HOH A . 
G 4 HOH 60  205 65  HOH HOH A . 
G 4 HOH 61  206 66  HOH HOH A . 
G 4 HOH 62  207 67  HOH HOH A . 
G 4 HOH 63  208 68  HOH HOH A . 
G 4 HOH 64  209 69  HOH HOH A . 
G 4 HOH 65  210 70  HOH HOH A . 
G 4 HOH 66  211 71  HOH HOH A . 
G 4 HOH 67  212 72  HOH HOH A . 
G 4 HOH 68  213 73  HOH HOH A . 
G 4 HOH 69  214 74  HOH HOH A . 
G 4 HOH 70  215 75  HOH HOH A . 
G 4 HOH 71  216 76  HOH HOH A . 
G 4 HOH 72  217 77  HOH HOH A . 
G 4 HOH 73  218 78  HOH HOH A . 
G 4 HOH 74  219 79  HOH HOH A . 
G 4 HOH 75  220 80  HOH HOH A . 
G 4 HOH 76  221 81  HOH HOH A . 
G 4 HOH 77  222 82  HOH HOH A . 
G 4 HOH 78  223 83  HOH HOH A . 
G 4 HOH 79  224 84  HOH HOH A . 
G 4 HOH 80  225 85  HOH HOH A . 
G 4 HOH 81  226 86  HOH HOH A . 
G 4 HOH 82  227 87  HOH HOH A . 
G 4 HOH 83  228 88  HOH HOH A . 
G 4 HOH 84  229 89  HOH HOH A . 
G 4 HOH 85  230 90  HOH HOH A . 
G 4 HOH 86  231 91  HOH HOH A . 
G 4 HOH 87  232 92  HOH HOH A . 
G 4 HOH 88  233 93  HOH HOH A . 
G 4 HOH 89  234 94  HOH HOH A . 
G 4 HOH 90  235 95  HOH HOH A . 
G 4 HOH 91  236 96  HOH HOH A . 
G 4 HOH 92  237 97  HOH HOH A . 
G 4 HOH 93  238 98  HOH HOH A . 
G 4 HOH 94  239 99  HOH HOH A . 
G 4 HOH 95  240 100 HOH HOH A . 
G 4 HOH 96  241 101 HOH HOH A . 
G 4 HOH 97  242 102 HOH HOH A . 
G 4 HOH 98  243 103 HOH HOH A . 
G 4 HOH 99  244 104 HOH HOH A . 
G 4 HOH 100 245 105 HOH HOH A . 
G 4 HOH 101 246 106 HOH HOH A . 
G 4 HOH 102 247 107 HOH HOH A . 
G 4 HOH 103 248 108 HOH HOH A . 
G 4 HOH 104 249 109 HOH HOH A . 
G 4 HOH 105 250 110 HOH HOH A . 
G 4 HOH 106 251 111 HOH HOH A . 
G 4 HOH 107 252 112 HOH HOH A . 
G 4 HOH 108 253 113 HOH HOH A . 
G 4 HOH 109 254 114 HOH HOH A . 
G 4 HOH 110 255 115 HOH HOH A . 
G 4 HOH 111 256 116 HOH HOH A . 
G 4 HOH 112 257 117 HOH HOH A . 
G 4 HOH 113 258 118 HOH HOH A . 
G 4 HOH 114 259 119 HOH HOH A . 
G 4 HOH 115 260 120 HOH HOH A . 
G 4 HOH 116 261 121 HOH HOH A . 
G 4 HOH 117 262 122 HOH HOH A . 
G 4 HOH 118 263 123 HOH HOH A . 
G 4 HOH 119 264 124 HOH HOH A . 
G 4 HOH 120 265 125 HOH HOH A . 
G 4 HOH 121 266 126 HOH HOH A . 
G 4 HOH 122 267 127 HOH HOH A . 
G 4 HOH 123 268 128 HOH HOH A . 
G 4 HOH 124 269 129 HOH HOH A . 
G 4 HOH 125 270 130 HOH HOH A . 
G 4 HOH 126 271 131 HOH HOH A . 
G 4 HOH 127 272 132 HOH HOH A . 
G 4 HOH 128 273 133 HOH HOH A . 
G 4 HOH 129 274 134 HOH HOH A . 
G 4 HOH 130 275 135 HOH HOH A . 
G 4 HOH 131 276 136 HOH HOH A . 
G 4 HOH 132 277 137 HOH HOH A . 
G 4 HOH 133 278 138 HOH HOH A . 
G 4 HOH 134 279 139 HOH HOH A . 
G 4 HOH 135 280 140 HOH HOH A . 
G 4 HOH 136 281 141 HOH HOH A . 
G 4 HOH 137 282 142 HOH HOH A . 
G 4 HOH 138 283 143 HOH HOH A . 
G 4 HOH 139 284 144 HOH HOH A . 
G 4 HOH 140 285 145 HOH HOH A . 
G 4 HOH 141 286 146 HOH HOH A . 
G 4 HOH 142 287 147 HOH HOH A . 
G 4 HOH 143 288 148 HOH HOH A . 
G 4 HOH 144 289 149 HOH HOH A . 
G 4 HOH 145 290 150 HOH HOH A . 
G 4 HOH 146 291 151 HOH HOH A . 
G 4 HOH 147 292 152 HOH HOH A . 
G 4 HOH 148 293 153 HOH HOH A . 
G 4 HOH 149 294 154 HOH HOH A . 
G 4 HOH 150 295 155 HOH HOH A . 
G 4 HOH 151 296 156 HOH HOH A . 
G 4 HOH 152 297 157 HOH HOH A . 
G 4 HOH 153 298 158 HOH HOH A . 
G 4 HOH 154 299 159 HOH HOH A . 
G 4 HOH 155 300 160 HOH HOH A . 
G 4 HOH 156 301 161 HOH HOH A . 
G 4 HOH 157 302 162 HOH HOH A . 
G 4 HOH 158 303 163 HOH HOH A . 
G 4 HOH 159 304 164 HOH HOH A . 
G 4 HOH 160 305 165 HOH HOH A . 
G 4 HOH 161 306 166 HOH HOH A . 
G 4 HOH 162 307 167 HOH HOH A . 
G 4 HOH 163 308 168 HOH HOH A . 
G 4 HOH 164 309 169 HOH HOH A . 
G 4 HOH 165 310 170 HOH HOH A . 
G 4 HOH 166 311 171 HOH HOH A . 
G 4 HOH 167 312 172 HOH HOH A . 
G 4 HOH 168 313 173 HOH HOH A . 
G 4 HOH 169 314 174 HOH HOH A . 
G 4 HOH 170 315 175 HOH HOH A . 
G 4 HOH 171 316 176 HOH HOH A . 
G 4 HOH 172 317 177 HOH HOH A . 
G 4 HOH 173 318 178 HOH HOH A . 
G 4 HOH 174 319 179 HOH HOH A . 
G 4 HOH 175 320 180 HOH HOH A . 
G 4 HOH 176 321 181 HOH HOH A . 
G 4 HOH 177 322 182 HOH HOH A . 
G 4 HOH 178 323 183 HOH HOH A . 
G 4 HOH 179 324 184 HOH HOH A . 
G 4 HOH 180 325 185 HOH HOH A . 
G 4 HOH 181 326 186 HOH HOH A . 
G 4 HOH 182 327 187 HOH HOH A . 
G 4 HOH 183 328 188 HOH HOH A . 
G 4 HOH 184 329 189 HOH HOH A . 
G 4 HOH 185 330 190 HOH HOH A . 
G 4 HOH 186 331 191 HOH HOH A . 
G 4 HOH 187 332 192 HOH HOH A . 
G 4 HOH 188 333 193 HOH HOH A . 
G 4 HOH 189 334 194 HOH HOH A . 
G 4 HOH 190 335 195 HOH HOH A . 
G 4 HOH 191 336 196 HOH HOH A . 
G 4 HOH 192 337 197 HOH HOH A . 
G 4 HOH 193 338 198 HOH HOH A . 
G 4 HOH 194 339 199 HOH HOH A . 
# 
loop_
_pdbx_unobs_or_zero_occ_atoms.id 
_pdbx_unobs_or_zero_occ_atoms.PDB_model_num 
_pdbx_unobs_or_zero_occ_atoms.polymer_flag 
_pdbx_unobs_or_zero_occ_atoms.occupancy_flag 
_pdbx_unobs_or_zero_occ_atoms.auth_asym_id 
_pdbx_unobs_or_zero_occ_atoms.auth_comp_id 
_pdbx_unobs_or_zero_occ_atoms.auth_seq_id 
_pdbx_unobs_or_zero_occ_atoms.PDB_ins_code 
_pdbx_unobs_or_zero_occ_atoms.auth_atom_id 
_pdbx_unobs_or_zero_occ_atoms.label_alt_id 
_pdbx_unobs_or_zero_occ_atoms.label_asym_id 
_pdbx_unobs_or_zero_occ_atoms.label_comp_id 
_pdbx_unobs_or_zero_occ_atoms.label_seq_id 
_pdbx_unobs_or_zero_occ_atoms.label_atom_id 
1  1 Y 1 A LYS 24  ? CD  ? A LYS 6   CD  
2  1 Y 1 A LYS 24  ? CE  ? A LYS 6   CE  
3  1 Y 1 A LYS 24  ? NZ  ? A LYS 6   NZ  
4  1 Y 1 A ASP 45  ? CG  ? A ASP 27  CG  
5  1 Y 1 A ASP 45  ? OD1 ? A ASP 27  OD1 
6  1 Y 1 A ASP 45  ? OD2 ? A ASP 27  OD2 
7  1 Y 1 A LYS 47  ? CD  ? A LYS 29  CD  
8  1 Y 1 A LYS 47  ? CE  ? A LYS 29  CE  
9  1 Y 1 A LYS 47  ? NZ  ? A LYS 29  NZ  
10 1 Y 1 A LYS 60  ? CD  ? A LYS 42  CD  
11 1 Y 1 A LYS 60  ? CE  ? A LYS 42  CE  
12 1 Y 1 A LYS 60  ? NZ  ? A LYS 42  NZ  
13 1 Y 1 A LYS 76  ? NZ  ? A LYS 58  NZ  
14 1 Y 1 A LYS 77  ? CE  ? A LYS 59  CE  
15 1 Y 1 A LYS 77  ? NZ  ? A LYS 59  NZ  
16 1 Y 1 A LYS 111 ? CE  ? A LYS 93  CE  
17 1 Y 1 A LYS 111 ? NZ  ? A LYS 93  NZ  
18 1 Y 1 A LYS 120 ? CE  ? A LYS 102 CE  
19 1 Y 1 A LYS 120 ? NZ  ? A LYS 102 NZ  
20 1 Y 1 A ARG 129 ? CZ  ? A ARG 111 CZ  
21 1 Y 1 A ARG 129 ? NH1 ? A ARG 111 NH1 
22 1 Y 1 A ARG 129 ? NH2 ? A ARG 111 NH2 
# 
loop_
_software.name 
_software.version 
_software.date 
_software.type 
_software.contact_author 
_software.contact_author_email 
_software.classification 
_software.location 
_software.language 
_software.citation_id 
_software.pdbx_ordinal 
REFMAC      5.4.0067 ?                    program 'Murshudov, G.N.'            ccp4@dl.ac.uk                        refinement 
http://www.ccp4.ac.uk/main.html                                    Fortran_77 ? 1 
PHENIX      .        ?                    package 'P.D. Adams'                 PDAdams@lbl.gov                      refinement 
http://www.phenix-online.org/                                      C++        ? 2 
SHELX       .        ?                    package 'George Sheldrick'           gsheldr@shelx.uni-ac.gwdg.de         phasing 
http://shelx.uni-ac.gwdg.de/SHELX/                                 Fortran_77 ? 3 
MolProbity  3beta29  ?                    package 'D.C. & J.S. Richardson lab' molprobity@kinemage.biochem.duke.edu 
'model building'  http://kinemage.biochem.duke.edu/molprobity/                       ?          ? 4 
XSCALE      .        ?                    package 'Wolfgang Kabsch'            ?                                    'data scaling' 
http://www.mpimf-heidelberg.mpg.de/~kabsch/xds/xscale_program.html ?          ? 5 
PDB_EXTRACT 3.004    'September 10, 2007' package PDB                          sw-help@rcsb.rutgers.edu             
'data extraction' http://pdb.rutgers.edu/software/                                   C++        ? 6 
XDS         .        ?                    ?       ?                            ?                                    
'data reduction'  ?                                                                  ?          ? 7 
SHELXD      .        ?                    ?       ?                            ?                                    phasing ? ? ? 
8 
autoSHARP   .        ?                    ?       ?                            ?                                    phasing ? ? ? 
9 
# 
_cell.entry_id           3DB7 
_cell.length_a           66.170 
_cell.length_b           48.420 
_cell.length_c           44.610 
_cell.angle_alpha        90.00 
_cell.angle_beta         113.27 
_cell.angle_gamma        90.00 
_cell.Z_PDB              4 
_cell.pdbx_unique_axis   ? 
_cell.length_a_esd       ? 
_cell.length_b_esd       ? 
_cell.length_c_esd       ? 
_cell.angle_alpha_esd    ? 
_cell.angle_beta_esd     ? 
_cell.angle_gamma_esd    ? 
# 
_symmetry.entry_id                         3DB7 
_symmetry.space_group_name_H-M             'C 1 2 1' 
_symmetry.pdbx_full_space_group_name_H-M   ? 
_symmetry.cell_setting                     ? 
_symmetry.Int_Tables_number                5 
_symmetry.space_group_name_Hall            ? 
# 
_exptl.entry_id          3DB7 
_exptl.method            'X-RAY DIFFRACTION' 
_exptl.crystals_number   1 
# 
_exptl_crystal.id                    1 
_exptl_crystal.density_meas          ? 
_exptl_crystal.density_Matthews      2.22 
_exptl_crystal.density_percent_sol   44.58 
_exptl_crystal.description           ? 
_exptl_crystal.F_000                 ? 
_exptl_crystal.preparation           ? 
# 
_exptl_crystal_grow.crystal_id      1 
_exptl_crystal_grow.method          'VAPOR DIFFUSION, SITTING DROP' 
_exptl_crystal_grow.temp            277 
_exptl_crystal_grow.temp_details    ? 
_exptl_crystal_grow.pH              7.3 
_exptl_crystal_grow.pdbx_pH_range   ? 
_exptl_crystal_grow.pdbx_details    
'0.2000M CaAcetate, 20.0000% PEG-3350, No Buffer pH 7., NANODROP, pH 7.3, VAPOR DIFFUSION, SITTING DROP, temperature 277K' 
# 
_diffrn.id                     1 
_diffrn.ambient_temp           100 
_diffrn.ambient_temp_details   ? 
_diffrn.crystal_id             1 
# 
_diffrn_detector.diffrn_id              1 
_diffrn_detector.detector               CCD 
_diffrn_detector.type                   'MARMOSAIC 325 mm CCD' 
_diffrn_detector.pdbx_collection_date   2008-03-04 
_diffrn_detector.details                'Flat mirror (vertical focusing)' 
# 
_diffrn_radiation.diffrn_id                        1 
_diffrn_radiation.wavelength_id                    1 
_diffrn_radiation.pdbx_monochromatic_or_laue_m_l   M 
_diffrn_radiation.monochromator                    'Single crystal Si(111) bent monochromator (horizontal focusing)' 
_diffrn_radiation.pdbx_diffrn_protocol             MAD 
_diffrn_radiation.pdbx_scattering_type             x-ray 
# 
loop_
_diffrn_radiation_wavelength.id 
_diffrn_radiation_wavelength.wavelength 
_diffrn_radiation_wavelength.wt 
1 0.91837 1.0 
2 0.97947 1.0 
3 0.97891 1.0 
# 
_diffrn_source.diffrn_id                   1 
_diffrn_source.source                      SYNCHROTRON 
_diffrn_source.type                        'SSRL BEAMLINE BL11-1' 
_diffrn_source.pdbx_synchrotron_site       SSRL 
_diffrn_source.pdbx_synchrotron_beamline   BL11-1 
_diffrn_source.pdbx_wavelength             ? 
_diffrn_source.pdbx_wavelength_list        0.91837,0.97947,0.97891 
# 
_reflns.entry_id                     3DB7 
_reflns.observed_criterion_sigma_I   -3.00 
_reflns.observed_criterion_sigma_F   ? 
_reflns.d_resolution_low             24.922 
_reflns.d_resolution_high            1.40 
_reflns.number_obs                   23150 
_reflns.number_all                   ? 
_reflns.percent_possible_obs         90.5 
_reflns.pdbx_Rmerge_I_obs            0.042 
_reflns.pdbx_Rsym_value              ? 
_reflns.pdbx_netI_over_sigmaI        10.440 
_reflns.B_iso_Wilson_estimate        ? 
_reflns.pdbx_redundancy              2.149 
_reflns.R_free_details               ? 
_reflns.limit_h_max                  ? 
_reflns.limit_h_min                  ? 
_reflns.limit_k_max                  ? 
_reflns.limit_k_min                  ? 
_reflns.limit_l_max                  ? 
_reflns.limit_l_min                  ? 
_reflns.observed_criterion_F_max     ? 
_reflns.observed_criterion_F_min     ? 
_reflns.pdbx_chi_squared             ? 
_reflns.pdbx_scaling_rejects         ? 
_reflns.pdbx_ordinal                 1 
_reflns.pdbx_diffrn_id               1 
# 
loop_
_reflns_shell.d_res_high 
_reflns_shell.d_res_low 
_reflns_shell.percent_possible_all 
_reflns_shell.Rmerge_I_obs 
_reflns_shell.pdbx_Rsym_value 
_reflns_shell.meanI_over_sigI_obs 
_reflns_shell.pdbx_redundancy 
_reflns_shell.percent_possible_obs 
_reflns_shell.number_unique_all 
_reflns_shell.number_measured_all 
_reflns_shell.number_measured_obs 
_reflns_shell.number_unique_obs 
_reflns_shell.pdbx_chi_squared 
_reflns_shell.pdbx_ordinal 
_reflns_shell.pdbx_diffrn_id 
1.40 1.45  ? 0.536 ? 1.5  ? ? ? ? ? ? ? 1  1 
1.45 1.51  ? 0.369 ? 2.0  ? ? ? ? ? ? ? 2  1 
1.51 1.58  ? 0.281 ? 2.7  ? ? ? ? ? ? ? 3  1 
1.58 1.66  ? 0.211 ? 3.6  ? ? ? ? ? ? ? 4  1 
1.66 1.76  ? 0.155 ? 4.8  ? ? ? ? ? ? ? 5  1 
1.76 1.90  ? 0.093 ? 7.4  ? ? ? ? ? ? ? 6  1 
1.90 2.09  ? 0.046 ? 12.4 ? ? ? ? ? ? ? 7  1 
2.09 2.39  ? 0.036 ? 16.0 ? ? ? ? ? ? ? 8  1 
2.39 3.01  ? 0.027 ? 20.8 ? ? ? ? ? ? ? 9  1 
3.01 24.92 ? 0.017 ? 32.1 ? ? ? ? ? ? ? 10 1 
# 
_refine.entry_id                                 3DB7 
_refine.ls_number_reflns_obs                     23150 
_refine.ls_number_reflns_all                     ? 
_refine.pdbx_ls_sigma_I                          ? 
_refine.pdbx_ls_sigma_F                          ? 
_refine.pdbx_data_cutoff_high_absF               ? 
_refine.pdbx_data_cutoff_low_absF                ? 
_refine.pdbx_data_cutoff_high_rms_absF           ? 
_refine.ls_d_res_low                             24.922 
_refine.ls_d_res_high                            1.40 
_refine.ls_percent_reflns_obs                    90.53 
_refine.ls_R_factor_obs                          0.16228 
_refine.ls_R_factor_all                          ? 
_refine.ls_R_factor_R_work                       0.16034 
_refine.ls_R_factor_R_free                       0.19824 
_refine.ls_R_factor_R_free_error                 ? 
_refine.ls_R_factor_R_free_error_details         ? 
_refine.ls_percent_reflns_R_free                 5.1 
_refine.ls_number_reflns_R_free                  1172 
_refine.ls_number_parameters                     ? 
_refine.ls_number_restraints                     ? 
_refine.occupancy_min                            ? 
_refine.occupancy_max                            ? 
_refine.correlation_coeff_Fo_to_Fc               0.969 
_refine.correlation_coeff_Fo_to_Fc_free          0.955 
_refine.B_iso_mean                               10.575 
_refine.aniso_B[1][1]                            -0.28 
_refine.aniso_B[2][2]                            0.24 
_refine.aniso_B[3][3]                            0.17 
_refine.aniso_B[1][2]                            0.00 
_refine.aniso_B[1][3]                            0.15 
_refine.aniso_B[2][3]                            0.00 
_refine.solvent_model_details                    MASK 
_refine.solvent_model_param_ksol                 ? 
_refine.solvent_model_param_bsol                 ? 
_refine.pdbx_solvent_vdw_probe_radii             1.20 
_refine.pdbx_solvent_ion_probe_radii             0.80 
_refine.pdbx_solvent_shrinkage_radii             0.80 
_refine.pdbx_ls_cross_valid_method               THROUGHOUT 
_refine.details                                  
;1.HYDROGENS HAVE BEEN ADDED IN THE RIDING POSITIONS. 2.ATOM RECORD CONTAINS RESIDUAL B FACTORS ONLY. 3.A MET-INHIBITION PROTOCOL WAS USED FOR SELENOMETHIONINE INCORPORATION DURING PROTEIN EXPRESSION. THE OCCUPANCY OF THE SE ATOMS IN THE MSE RESIDUES WAS REDUCED TO 0.75 TO ACCOUNT FOR THE REDUCED SCATTERING POWER DUE TO PARTIAL S-MET INCORPORATION. 4.ETHYLENE GLYCOL AND CALCIUM IONS FROM THE CRYSTALLIZATION COND ARE MODELED IN THIS STRUCTURE.
;
_refine.pdbx_starting_model                      ? 
_refine.pdbx_method_to_determine_struct          MAD 
_refine.pdbx_isotropic_thermal_model             ? 
_refine.pdbx_stereochemistry_target_values       'MAXIMUM LIKELIHOOD WITH PHASES' 
_refine.pdbx_stereochem_target_val_spec_case     ? 
_refine.pdbx_R_Free_selection_details            RANDOM 
_refine.pdbx_overall_ESU_R                       0.066 
_refine.pdbx_overall_ESU_R_Free                  0.071 
_refine.overall_SU_ML                            0.045 
_refine.pdbx_overall_phase_error                 ? 
_refine.overall_SU_B                             2.134 
_refine.ls_redundancy_reflns_obs                 ? 
_refine.B_iso_min                                ? 
_refine.B_iso_max                                ? 
_refine.overall_SU_R_Cruickshank_DPI             ? 
_refine.overall_SU_R_free                        ? 
_refine.ls_wR_factor_R_free                      ? 
_refine.ls_wR_factor_R_work                      ? 
_refine.overall_FOM_free_R_set                   ? 
_refine.overall_FOM_work_R_set                   ? 
_refine.pdbx_refine_id                           'X-RAY DIFFRACTION' 
_refine.pdbx_TLS_residual_ADP_flag               'LIKELY RESIDUAL' 
_refine.pdbx_diffrn_id                           1 
_refine.pdbx_overall_SU_R_free_Cruickshank_DPI   ? 
_refine.pdbx_overall_SU_R_Blow_DPI               ? 
_refine.pdbx_overall_SU_R_free_Blow_DPI          ? 
# 
_refine_hist.pdbx_refine_id                   'X-RAY DIFFRACTION' 
_refine_hist.cycle_id                         LAST 
_refine_hist.pdbx_number_atoms_protein        1013 
_refine_hist.pdbx_number_atoms_nucleic_acid   0 
_refine_hist.pdbx_number_atoms_ligand         11 
_refine_hist.number_atoms_solvent             194 
_refine_hist.number_atoms_total               1218 
_refine_hist.d_res_high                       1.40 
_refine_hist.d_res_low                        24.922 
# 
loop_
_refine_ls_restr.type 
_refine_ls_restr.dev_ideal 
_refine_ls_restr.dev_ideal_target 
_refine_ls_restr.weight 
_refine_ls_restr.number 
_refine_ls_restr.pdbx_refine_id 
_refine_ls_restr.pdbx_restraint_function 
r_bond_refined_d             0.018  0.022  ? 1131 'X-RAY DIFFRACTION' ? 
r_bond_other_d               0.001  0.020  ? 771  'X-RAY DIFFRACTION' ? 
r_angle_refined_deg          1.559  1.965  ? 1539 'X-RAY DIFFRACTION' ? 
r_angle_other_deg            1.096  3.000  ? 1902 'X-RAY DIFFRACTION' ? 
r_dihedral_angle_1_deg       6.603  5.000  ? 146  'X-RAY DIFFRACTION' ? 
r_dihedral_angle_2_deg       35.122 26.731 ? 52   'X-RAY DIFFRACTION' ? 
r_dihedral_angle_3_deg       11.482 15.000 ? 209  'X-RAY DIFFRACTION' ? 
r_dihedral_angle_4_deg       11.545 15.000 ? 1    'X-RAY DIFFRACTION' ? 
r_chiral_restr               0.102  0.200  ? 168  'X-RAY DIFFRACTION' ? 
r_gen_planes_refined         0.008  0.021  ? 1293 'X-RAY DIFFRACTION' ? 
r_gen_planes_other           0.003  0.020  ? 207  'X-RAY DIFFRACTION' ? 
r_nbd_refined                ?      ?      ? ?    'X-RAY DIFFRACTION' ? 
r_nbd_other                  ?      ?      ? ?    'X-RAY DIFFRACTION' ? 
r_nbtor_refined              ?      ?      ? ?    'X-RAY DIFFRACTION' ? 
r_nbtor_other                ?      ?      ? ?    'X-RAY DIFFRACTION' ? 
r_xyhbond_nbd_refined        ?      ?      ? ?    'X-RAY DIFFRACTION' ? 
r_xyhbond_nbd_other          ?      ?      ? ?    'X-RAY DIFFRACTION' ? 
r_metal_ion_refined          ?      ?      ? ?    'X-RAY DIFFRACTION' ? 
r_metal_ion_other            ?      ?      ? ?    'X-RAY DIFFRACTION' ? 
r_symmetry_vdw_refined       ?      ?      ? ?    'X-RAY DIFFRACTION' ? 
r_symmetry_vdw_other         ?      ?      ? ?    'X-RAY DIFFRACTION' ? 
r_symmetry_hbond_refined     ?      ?      ? ?    'X-RAY DIFFRACTION' ? 
r_symmetry_hbond_other       ?      ?      ? ?    'X-RAY DIFFRACTION' ? 
r_symmetry_metal_ion_refined ?      ?      ? ?    'X-RAY DIFFRACTION' ? 
r_symmetry_metal_ion_other   ?      ?      ? ?    'X-RAY DIFFRACTION' ? 
r_mcbond_it                  1.626  3.000  ? 697  'X-RAY DIFFRACTION' ? 
r_mcbond_other               0.510  3.000  ? 271  'X-RAY DIFFRACTION' ? 
r_mcangle_it                 2.615  5.000  ? 1150 'X-RAY DIFFRACTION' ? 
r_scbond_it                  3.931  8.000  ? 434  'X-RAY DIFFRACTION' ? 
r_scangle_it                 5.984  11.000 ? 389  'X-RAY DIFFRACTION' ? 
r_rigid_bond_restr           ?      ?      ? ?    'X-RAY DIFFRACTION' ? 
r_sphericity_free            ?      ?      ? ?    'X-RAY DIFFRACTION' ? 
r_sphericity_bonded          ?      ?      ? ?    'X-RAY DIFFRACTION' ? 
# 
_refine_ls_shell.pdbx_total_number_of_bins_used   20 
_refine_ls_shell.d_res_high                       1.401 
_refine_ls_shell.d_res_low                        1.437 
_refine_ls_shell.number_reflns_R_work             1644 
_refine_ls_shell.R_factor_R_work                  0.258 
_refine_ls_shell.percent_reflns_obs               91.98 
_refine_ls_shell.R_factor_R_free                  0.299 
_refine_ls_shell.R_factor_R_free_error            ? 
_refine_ls_shell.percent_reflns_R_free            ? 
_refine_ls_shell.number_reflns_R_free             76 
_refine_ls_shell.number_reflns_all                ? 
_refine_ls_shell.R_factor_all                     ? 
_refine_ls_shell.redundancy_reflns_obs            ? 
_refine_ls_shell.number_reflns_obs                ? 
_refine_ls_shell.pdbx_refine_id                   'X-RAY DIFFRACTION' 
# 
_struct.entry_id                  3DB7 
_struct.title                     
;Crystal structure of a putative calcium-regulated periplasmic protein (bt0923) from bacteroides thetaiotaomicron at 1.40 A resolution
;
_struct.pdbx_model_details        ? 
_struct.pdbx_CASP_flag            ? 
_struct.pdbx_model_type_details   ? 
# 
_struct_keywords.text            
'Structural genomics, Joint Center for Structural Genomics, JCSG, Protein Structure Initiative, PSI-2, ca-binding protein' 
_struct_keywords.pdbx_keywords   'Ca-BINDING PROTEIN' 
_struct_keywords.entry_id        3DB7 
# 
loop_
_struct_asym.id 
_struct_asym.pdbx_blank_PDB_chainid_flag 
_struct_asym.pdbx_modified 
_struct_asym.entity_id 
_struct_asym.details 
A N N 1 ? 
B N N 2 ? 
C N N 2 ? 
D N N 2 ? 
E N N 3 ? 
F N N 3 ? 
G N N 4 ? 
# 
_struct_ref.id                         1 
_struct_ref.db_name                    UNP 
_struct_ref.db_code                    Q8A994_BACTN 
_struct_ref.pdbx_db_accession          Q8A994 
_struct_ref.entity_id                  1 
_struct_ref.pdbx_seq_one_letter_code   
;ADDDKPIQVTQMPQLAQQFIKQHFSDSKVALAKMESDFLYKSYEVIFTNGNKVEFDKKGNWEEVDCKHTSVPVAIIPAAI
QKYVTTNYPDAKVLKIERDKKDYEVKLSNRTELKFDLKFNLIDIDN
;
_struct_ref.pdbx_align_begin           20 
_struct_ref.pdbx_db_isoform            ? 
# 
_struct_ref_seq.align_id                      1 
_struct_ref_seq.ref_id                        1 
_struct_ref_seq.pdbx_PDB_id_code              3DB7 
_struct_ref_seq.pdbx_strand_id                A 
_struct_ref_seq.seq_align_beg                 2 
_struct_ref_seq.pdbx_seq_align_beg_ins_code   ? 
_struct_ref_seq.seq_align_end                 127 
_struct_ref_seq.pdbx_seq_align_end_ins_code   ? 
_struct_ref_seq.pdbx_db_accession             Q8A994 
_struct_ref_seq.db_align_beg                  20 
_struct_ref_seq.pdbx_db_align_beg_ins_code    ? 
_struct_ref_seq.db_align_end                  145 
_struct_ref_seq.pdbx_db_align_end_ins_code    ? 
_struct_ref_seq.pdbx_auth_seq_align_beg       20 
_struct_ref_seq.pdbx_auth_seq_align_end       145 
# 
_struct_ref_seq_dif.align_id                     1 
_struct_ref_seq_dif.pdbx_pdb_id_code             3DB7 
_struct_ref_seq_dif.mon_id                       GLY 
_struct_ref_seq_dif.pdbx_pdb_strand_id           A 
_struct_ref_seq_dif.seq_num                      1 
_struct_ref_seq_dif.pdbx_pdb_ins_code            ? 
_struct_ref_seq_dif.pdbx_seq_db_name             UNP 
_struct_ref_seq_dif.pdbx_seq_db_accession_code   Q8A994 
_struct_ref_seq_dif.db_mon_id                    ? 
_struct_ref_seq_dif.pdbx_seq_db_seq_num          ? 
_struct_ref_seq_dif.details                      'expression tag' 
_struct_ref_seq_dif.pdbx_auth_seq_num            0 
_struct_ref_seq_dif.pdbx_ordinal                 1 
# 
loop_
_pdbx_struct_assembly.id 
_pdbx_struct_assembly.details 
_pdbx_struct_assembly.method_details 
_pdbx_struct_assembly.oligomeric_details 
_pdbx_struct_assembly.oligomeric_count 
1 author_and_software_defined_assembly PISA dimeric   2 
2 author_defined_assembly              ?    monomeric 1 
# 
loop_
_pdbx_struct_assembly_prop.biol_id 
_pdbx_struct_assembly_prop.type 
_pdbx_struct_assembly_prop.value 
_pdbx_struct_assembly_prop.details 
1 'ABSA (A^2)' 3320  ? 
1 MORE         -77   ? 
1 'SSA (A^2)'  12730 ? 
# 
loop_
_pdbx_struct_assembly_gen.assembly_id 
_pdbx_struct_assembly_gen.oper_expression 
_pdbx_struct_assembly_gen.asym_id_list 
1 1,2 A,B,C,D,E,F,G 
2 1   A,B,C,D,E,F,G 
# 
loop_
_pdbx_struct_assembly_auth_evidence.id 
_pdbx_struct_assembly_auth_evidence.assembly_id 
_pdbx_struct_assembly_auth_evidence.experimental_support 
_pdbx_struct_assembly_auth_evidence.details 
1 1 'gel filtration'   ? 
2 1 'light scattering' ? 
3 2 'gel filtration'   ? 
4 2 'light scattering' ? 
# 
loop_
_pdbx_struct_oper_list.id 
_pdbx_struct_oper_list.type 
_pdbx_struct_oper_list.name 
_pdbx_struct_oper_list.symmetry_operation 
_pdbx_struct_oper_list.matrix[1][1] 
_pdbx_struct_oper_list.matrix[1][2] 
_pdbx_struct_oper_list.matrix[1][3] 
_pdbx_struct_oper_list.vector[1] 
_pdbx_struct_oper_list.matrix[2][1] 
_pdbx_struct_oper_list.matrix[2][2] 
_pdbx_struct_oper_list.matrix[2][3] 
_pdbx_struct_oper_list.vector[2] 
_pdbx_struct_oper_list.matrix[3][1] 
_pdbx_struct_oper_list.matrix[3][2] 
_pdbx_struct_oper_list.matrix[3][3] 
_pdbx_struct_oper_list.vector[3] 
1 'identity operation'         1_555 x,y,z   1.0000000000  0.0000000000 0.0000000000 0.0000000000   0.0000000000 1.0000000000  0.0000000000 0.0000000000  0.0000000000 0.0000000000 1.0000000000  0.0000000000  
2 'crystal symmetry operation' 2_555 -x,y,-z -0.0647967856 0.8787023914 0.4729518833 -16.6472303411 0.8787023914 -0.1743849029 0.4443782319 10.4255881957 0.4729518833 0.4443782319 -0.7608183115 13.5480040840 
# 
_struct_biol.id        1 
_struct_biol.details   
;AUTHORS STATE THAT ONLY WHEN CA1 AND CA2 ARE INCLUDED IN THE CALCULATION, DOES PISA (v1.14) PREDICT THAT A STABLE DIMER COULD BE A  
PROBABLE QUATERNARY STRUCTURE. SIZE EXCLUSION CHROMATOGRAPHY WITH STATIC LIGHT SCATTERING (SEC+SLS) WITHOUT ADDED CALCIUM SUPPORTS THE ASSIGNMENT OF A MONOMER AS A SIGNIFICANT OLIGOMERIZATION STATE IN SOLUTION.  WHEN A SAMPLE WAS RUN WITH 0.2 M CALCIUM CHLORIDE IN THE MOBILE PHASE (SIMILAR CONCENTRATION TO THAT IN THE CRYSTALLIZATION REAGENT), THE SEC+SLS RESULTS SHOWED PRIMARILY DIMER.
;
# 
loop_
_struct_conf.conf_type_id 
_struct_conf.id 
_struct_conf.pdbx_PDB_helix_id 
_struct_conf.beg_label_comp_id 
_struct_conf.beg_label_asym_id 
_struct_conf.beg_label_seq_id 
_struct_conf.pdbx_beg_PDB_ins_code 
_struct_conf.end_label_comp_id 
_struct_conf.end_label_asym_id 
_struct_conf.end_label_seq_id 
_struct_conf.pdbx_end_PDB_ins_code 
_struct_conf.beg_auth_comp_id 
_struct_conf.beg_auth_asym_id 
_struct_conf.beg_auth_seq_id 
_struct_conf.end_auth_comp_id 
_struct_conf.end_auth_asym_id 
_struct_conf.end_auth_seq_id 
_struct_conf.pdbx_PDB_helix_class 
_struct_conf.details 
_struct_conf.pdbx_PDB_helix_length 
HELX_P HELX_P1 1 GLY A 1  ? ASP A 5  ? GLY A 0  ASP A 23  5 ? 5  
HELX_P HELX_P2 2 GLN A 9  ? MSE A 13 ? GLN A 27 MSE A 31  5 ? 5  
HELX_P HELX_P3 3 PRO A 14 ? PHE A 25 ? PRO A 32 PHE A 43  1 ? 12 
HELX_P HELX_P4 4 PRO A 73 ? ILE A 77 ? PRO A 91 ILE A 95  5 ? 5  
HELX_P HELX_P5 5 PRO A 78 ? TYR A 89 ? PRO A 96 TYR A 107 1 ? 12 
# 
_struct_conf_type.id          HELX_P 
_struct_conf_type.criteria    ? 
_struct_conf_type.reference   ? 
# 
loop_
_struct_conn.id 
_struct_conn.conn_type_id 
_struct_conn.pdbx_leaving_atom_flag 
_struct_conn.pdbx_PDB_id 
_struct_conn.ptnr1_label_asym_id 
_struct_conn.ptnr1_label_comp_id 
_struct_conn.ptnr1_label_seq_id 
_struct_conn.ptnr1_label_atom_id 
_struct_conn.pdbx_ptnr1_label_alt_id 
_struct_conn.pdbx_ptnr1_PDB_ins_code 
_struct_conn.pdbx_ptnr1_standard_comp_id 
_struct_conn.ptnr1_symmetry 
_struct_conn.ptnr2_label_asym_id 
_struct_conn.ptnr2_label_comp_id 
_struct_conn.ptnr2_label_seq_id 
_struct_conn.ptnr2_label_atom_id 
_struct_conn.pdbx_ptnr2_label_alt_id 
_struct_conn.pdbx_ptnr2_PDB_ins_code 
_struct_conn.ptnr1_auth_asym_id 
_struct_conn.ptnr1_auth_comp_id 
_struct_conn.ptnr1_auth_seq_id 
_struct_conn.ptnr2_auth_asym_id 
_struct_conn.ptnr2_auth_comp_id 
_struct_conn.ptnr2_auth_seq_id 
_struct_conn.ptnr2_symmetry 
_struct_conn.pdbx_ptnr3_label_atom_id 
_struct_conn.pdbx_ptnr3_label_seq_id 
_struct_conn.pdbx_ptnr3_label_comp_id 
_struct_conn.pdbx_ptnr3_label_asym_id 
_struct_conn.pdbx_ptnr3_label_alt_id 
_struct_conn.pdbx_ptnr3_PDB_ins_code 
_struct_conn.details 
_struct_conn.pdbx_dist_value 
_struct_conn.pdbx_value_order 
_struct_conn.pdbx_role 
covale1  covale both ? A GLN 12 C  ? ? ? 1_555 A MSE 13  N   A ? A GLN 30 A MSE 31  1_555 ? ? ? ? ? ? ? 1.331 ? ? 
covale2  covale both ? A GLN 12 C  ? ? ? 1_555 A MSE 13  N   B ? A GLN 30 A MSE 31  1_555 ? ? ? ? ? ? ? 1.313 ? ? 
covale3  covale both ? A MSE 13 C  A ? ? 1_555 A PRO 14  N   ? ? A MSE 31 A PRO 32  1_555 ? ? ? ? ? ? ? 1.348 ? ? 
covale4  covale both ? A MSE 13 C  B ? ? 1_555 A PRO 14  N   ? ? A MSE 31 A PRO 32  1_555 ? ? ? ? ? ? ? 1.336 ? ? 
covale5  covale both ? A LYS 34 C  ? ? ? 1_555 A MSE 35  N   ? ? A LYS 52 A MSE 53  1_555 ? ? ? ? ? ? ? 1.322 ? ? 
covale6  covale both ? A MSE 35 C  ? ? ? 1_555 A GLU 36  N   ? ? A MSE 53 A GLU 54  1_555 ? ? ? ? ? ? ? 1.332 ? ? 
metalc1  metalc ?    ? B CA  .  CA ? ? ? 1_555 A GLU 36  OE1 ? ? A CA  1  A GLU 54  1_555 ? ? ? ? ? ? ? 2.463 ? ? 
metalc2  metalc ?    ? B CA  .  CA ? ? ? 1_555 A GLU 36  OE2 ? ? A CA  1  A GLU 54  1_555 ? ? ? ? ? ? ? 2.691 ? ? 
metalc3  metalc ?    ? B CA  .  CA ? ? ? 1_555 A GLU 45  OE2 ? ? A CA  1  A GLU 63  1_555 ? ? ? ? ? ? ? 2.344 ? ? 
metalc4  metalc ?    ? B CA  .  CA ? ? ? 1_555 A GLU 55  OE1 ? ? A CA  1  A GLU 73  1_555 ? ? ? ? ? ? ? 2.508 ? ? 
metalc5  metalc ?    ? B CA  .  CA ? ? ? 1_555 A GLU 55  OE2 ? ? A CA  1  A GLU 73  1_555 ? ? ? ? ? ? ? 2.506 ? ? 
metalc6  metalc ?    ? C CA  .  CA ? ? ? 1_555 A GLU 55  OE1 ? ? A CA  2  A GLU 73  1_555 ? ? ? ? ? ? ? 2.314 ? ? 
metalc7  metalc ?    ? C CA  .  CA ? ? ? 1_555 A GLU 64  OE1 ? ? A CA  2  A GLU 82  1_555 ? ? ? ? ? ? ? 2.279 ? ? 
metalc8  metalc ?    ? C CA  .  CA ? ? ? 1_555 G HOH .   O   ? ? A CA  2  A HOH 146 1_555 ? ? ? ? ? ? ? 2.416 ? ? 
metalc9  metalc ?    ? C CA  .  CA ? ? ? 1_555 G HOH .   O   ? ? A CA  2  A HOH 158 1_555 ? ? ? ? ? ? ? 2.466 ? ? 
metalc10 metalc ?    ? D CA  .  CA ? ? ? 1_555 F EDO .   O2  A ? A CA  3  A EDO 5   1_555 ? ? ? ? ? ? ? 2.497 ? ? 
metalc11 metalc ?    ? D CA  .  CA ? ? ? 1_555 F EDO .   O2  B ? A CA  3  A EDO 5   1_555 ? ? ? ? ? ? ? 2.519 ? ? 
metalc12 metalc ?    ? D CA  .  CA ? ? ? 1_555 F EDO .   O1  A ? A CA  3  A EDO 5   1_555 ? ? ? ? ? ? ? 2.460 ? ? 
metalc13 metalc ?    ? D CA  .  CA ? ? ? 1_555 A GLU 105 OE2 A ? A CA  3  A GLU 123 1_555 ? ? ? ? ? ? ? 2.292 ? ? 
metalc14 metalc ?    ? D CA  .  CA ? ? ? 1_555 G HOH .   O   B ? A CA  3  A HOH 336 1_555 ? ? ? ? ? ? ? 2.181 ? ? 
metalc15 metalc ?    ? D CA  .  CA ? ? ? 1_555 G HOH .   O   A ? A CA  3  A HOH 337 1_555 ? ? ? ? ? ? ? 2.386 ? ? 
metalc16 metalc ?    ? D CA  .  CA ? ? ? 1_555 G HOH .   O   B ? A CA  3  A HOH 337 1_555 ? ? ? ? ? ? ? 2.199 ? ? 
# 
loop_
_struct_conn_type.id 
_struct_conn_type.criteria 
_struct_conn_type.reference 
covale ? ? 
metalc ? ? 
# 
loop_
_pdbx_struct_conn_angle.id 
_pdbx_struct_conn_angle.ptnr1_label_atom_id 
_pdbx_struct_conn_angle.ptnr1_label_alt_id 
_pdbx_struct_conn_angle.ptnr1_label_asym_id 
_pdbx_struct_conn_angle.ptnr1_label_comp_id 
_pdbx_struct_conn_angle.ptnr1_label_seq_id 
_pdbx_struct_conn_angle.ptnr1_auth_atom_id 
_pdbx_struct_conn_angle.ptnr1_auth_asym_id 
_pdbx_struct_conn_angle.ptnr1_auth_comp_id 
_pdbx_struct_conn_angle.ptnr1_auth_seq_id 
_pdbx_struct_conn_angle.ptnr1_PDB_ins_code 
_pdbx_struct_conn_angle.ptnr1_symmetry 
_pdbx_struct_conn_angle.ptnr2_label_atom_id 
_pdbx_struct_conn_angle.ptnr2_label_alt_id 
_pdbx_struct_conn_angle.ptnr2_label_asym_id 
_pdbx_struct_conn_angle.ptnr2_label_comp_id 
_pdbx_struct_conn_angle.ptnr2_label_seq_id 
_pdbx_struct_conn_angle.ptnr2_auth_atom_id 
_pdbx_struct_conn_angle.ptnr2_auth_asym_id 
_pdbx_struct_conn_angle.ptnr2_auth_comp_id 
_pdbx_struct_conn_angle.ptnr2_auth_seq_id 
_pdbx_struct_conn_angle.ptnr2_PDB_ins_code 
_pdbx_struct_conn_angle.ptnr2_symmetry 
_pdbx_struct_conn_angle.ptnr3_label_atom_id 
_pdbx_struct_conn_angle.ptnr3_label_alt_id 
_pdbx_struct_conn_angle.ptnr3_label_asym_id 
_pdbx_struct_conn_angle.ptnr3_label_comp_id 
_pdbx_struct_conn_angle.ptnr3_label_seq_id 
_pdbx_struct_conn_angle.ptnr3_auth_atom_id 
_pdbx_struct_conn_angle.ptnr3_auth_asym_id 
_pdbx_struct_conn_angle.ptnr3_auth_comp_id 
_pdbx_struct_conn_angle.ptnr3_auth_seq_id 
_pdbx_struct_conn_angle.ptnr3_PDB_ins_code 
_pdbx_struct_conn_angle.ptnr3_symmetry 
_pdbx_struct_conn_angle.value 
_pdbx_struct_conn_angle.value_esd 
1  OE1 ? A GLU 36  ? A GLU 54  ? 1_555 CA ? B CA . ? A CA 1 ? 1_555 OE2 ? A GLU 36  ? A GLU 54  ? 1_555 50.3  ? 
2  OE1 ? A GLU 36  ? A GLU 54  ? 1_555 CA ? B CA . ? A CA 1 ? 1_555 OE2 ? A GLU 45  ? A GLU 63  ? 1_555 76.4  ? 
3  OE2 ? A GLU 36  ? A GLU 54  ? 1_555 CA ? B CA . ? A CA 1 ? 1_555 OE2 ? A GLU 45  ? A GLU 63  ? 1_555 126.6 ? 
4  OE1 ? A GLU 36  ? A GLU 54  ? 1_555 CA ? B CA . ? A CA 1 ? 1_555 OE1 ? A GLU 55  ? A GLU 73  ? 1_555 127.7 ? 
5  OE2 ? A GLU 36  ? A GLU 54  ? 1_555 CA ? B CA . ? A CA 1 ? 1_555 OE1 ? A GLU 55  ? A GLU 73  ? 1_555 129.1 ? 
6  OE2 ? A GLU 45  ? A GLU 63  ? 1_555 CA ? B CA . ? A CA 1 ? 1_555 OE1 ? A GLU 55  ? A GLU 73  ? 1_555 79.3  ? 
7  OE1 ? A GLU 36  ? A GLU 54  ? 1_555 CA ? B CA . ? A CA 1 ? 1_555 OE2 ? A GLU 55  ? A GLU 73  ? 1_555 81.6  ? 
8  OE2 ? A GLU 36  ? A GLU 54  ? 1_555 CA ? B CA . ? A CA 1 ? 1_555 OE2 ? A GLU 55  ? A GLU 73  ? 1_555 81.7  ? 
9  OE2 ? A GLU 45  ? A GLU 63  ? 1_555 CA ? B CA . ? A CA 1 ? 1_555 OE2 ? A GLU 55  ? A GLU 73  ? 1_555 89.8  ? 
10 OE1 ? A GLU 55  ? A GLU 73  ? 1_555 CA ? B CA . ? A CA 1 ? 1_555 OE2 ? A GLU 55  ? A GLU 73  ? 1_555 52.6  ? 
11 OE1 ? A GLU 55  ? A GLU 73  ? 1_555 CA ? C CA . ? A CA 2 ? 1_555 OE1 ? A GLU 64  ? A GLU 82  ? 1_555 90.5  ? 
12 OE1 ? A GLU 55  ? A GLU 73  ? 1_555 CA ? C CA . ? A CA 2 ? 1_555 O   ? G HOH .   ? A HOH 146 ? 1_555 80.1  ? 
13 OE1 ? A GLU 64  ? A GLU 82  ? 1_555 CA ? C CA . ? A CA 2 ? 1_555 O   ? G HOH .   ? A HOH 146 ? 1_555 105.2 ? 
14 OE1 ? A GLU 55  ? A GLU 73  ? 1_555 CA ? C CA . ? A CA 2 ? 1_555 O   ? G HOH .   ? A HOH 158 ? 1_555 153.2 ? 
15 OE1 ? A GLU 64  ? A GLU 82  ? 1_555 CA ? C CA . ? A CA 2 ? 1_555 O   ? G HOH .   ? A HOH 158 ? 1_555 85.6  ? 
16 O   ? G HOH .   ? A HOH 146 ? 1_555 CA ? C CA . ? A CA 2 ? 1_555 O   ? G HOH .   ? A HOH 158 ? 1_555 75.4  ? 
17 O2  A F EDO .   ? A EDO 5   ? 1_555 CA ? D CA . ? A CA 3 ? 1_555 O2  B F EDO .   ? A EDO 5   ? 1_555 19.1  ? 
18 O2  A F EDO .   ? A EDO 5   ? 1_555 CA ? D CA . ? A CA 3 ? 1_555 O1  A F EDO .   ? A EDO 5   ? 1_555 60.8  ? 
19 O2  B F EDO .   ? A EDO 5   ? 1_555 CA ? D CA . ? A CA 3 ? 1_555 O1  A F EDO .   ? A EDO 5   ? 1_555 73.5  ? 
20 O2  A F EDO .   ? A EDO 5   ? 1_555 CA ? D CA . ? A CA 3 ? 1_555 OE2 A A GLU 105 ? A GLU 123 ? 1_555 68.0  ? 
21 O2  B F EDO .   ? A EDO 5   ? 1_555 CA ? D CA . ? A CA 3 ? 1_555 OE2 A A GLU 105 ? A GLU 123 ? 1_555 80.2  ? 
22 O1  A F EDO .   ? A EDO 5   ? 1_555 CA ? D CA . ? A CA 3 ? 1_555 OE2 A A GLU 105 ? A GLU 123 ? 1_555 91.2  ? 
23 O2  A F EDO .   ? A EDO 5   ? 1_555 CA ? D CA . ? A CA 3 ? 1_555 O   B G HOH .   ? A HOH 336 ? 1_555 100.4 ? 
24 O2  B F EDO .   ? A EDO 5   ? 1_555 CA ? D CA . ? A CA 3 ? 1_555 O   B G HOH .   ? A HOH 336 ? 1_555 104.8 ? 
25 O1  A F EDO .   ? A EDO 5   ? 1_555 CA ? D CA . ? A CA 3 ? 1_555 O   B G HOH .   ? A HOH 336 ? 1_555 45.3  ? 
26 OE2 A A GLU 105 ? A GLU 123 ? 1_555 CA ? D CA . ? A CA 3 ? 1_555 O   B G HOH .   ? A HOH 336 ? 1_555 128.5 ? 
27 O2  A F EDO .   ? A EDO 5   ? 1_555 CA ? D CA . ? A CA 3 ? 1_555 O   A G HOH .   ? A HOH 337 ? 1_555 131.1 ? 
28 O2  B F EDO .   ? A EDO 5   ? 1_555 CA ? D CA . ? A CA 3 ? 1_555 O   A G HOH .   ? A HOH 337 ? 1_555 146.9 ? 
29 O1  A F EDO .   ? A EDO 5   ? 1_555 CA ? D CA . ? A CA 3 ? 1_555 O   A G HOH .   ? A HOH 337 ? 1_555 73.5  ? 
30 OE2 A A GLU 105 ? A GLU 123 ? 1_555 CA ? D CA . ? A CA 3 ? 1_555 O   A G HOH .   ? A HOH 337 ? 1_555 98.0  ? 
31 O   B G HOH .   ? A HOH 336 ? 1_555 CA ? D CA . ? A CA 3 ? 1_555 O   A G HOH .   ? A HOH 337 ? 1_555 50.9  ? 
32 O2  A F EDO .   ? A EDO 5   ? 1_555 CA ? D CA . ? A CA 3 ? 1_555 O   B G HOH .   ? A HOH 337 ? 1_555 95.4  ? 
33 O2  B F EDO .   ? A EDO 5   ? 1_555 CA ? D CA . ? A CA 3 ? 1_555 O   B G HOH .   ? A HOH 337 ? 1_555 114.3 ? 
34 O1  A F EDO .   ? A EDO 5   ? 1_555 CA ? D CA . ? A CA 3 ? 1_555 O   B G HOH .   ? A HOH 337 ? 1_555 67.8  ? 
35 OE2 A A GLU 105 ? A GLU 123 ? 1_555 CA ? D CA . ? A CA 3 ? 1_555 O   B G HOH .   ? A HOH 337 ? 1_555 50.8  ? 
36 O   B G HOH .   ? A HOH 336 ? 1_555 CA ? D CA . ? A CA 3 ? 1_555 O   B G HOH .   ? A HOH 337 ? 1_555 82.9  ? 
37 O   A G HOH .   ? A HOH 337 ? 1_555 CA ? D CA . ? A CA 3 ? 1_555 O   B G HOH .   ? A HOH 337 ? 1_555 48.9  ? 
# 
loop_
_pdbx_modification_feature.ordinal 
_pdbx_modification_feature.label_comp_id 
_pdbx_modification_feature.label_asym_id 
_pdbx_modification_feature.label_seq_id 
_pdbx_modification_feature.label_alt_id 
_pdbx_modification_feature.modified_residue_label_comp_id 
_pdbx_modification_feature.modified_residue_label_asym_id 
_pdbx_modification_feature.modified_residue_label_seq_id 
_pdbx_modification_feature.modified_residue_label_alt_id 
_pdbx_modification_feature.auth_comp_id 
_pdbx_modification_feature.auth_asym_id 
_pdbx_modification_feature.auth_seq_id 
_pdbx_modification_feature.PDB_ins_code 
_pdbx_modification_feature.symmetry 
_pdbx_modification_feature.modified_residue_auth_comp_id 
_pdbx_modification_feature.modified_residue_auth_asym_id 
_pdbx_modification_feature.modified_residue_auth_seq_id 
_pdbx_modification_feature.modified_residue_PDB_ins_code 
_pdbx_modification_feature.modified_residue_symmetry 
_pdbx_modification_feature.comp_id_linking_atom 
_pdbx_modification_feature.modified_residue_id_linking_atom 
_pdbx_modification_feature.modified_residue_id 
_pdbx_modification_feature.ref_pcm_id 
_pdbx_modification_feature.ref_comp_id 
_pdbx_modification_feature.type 
_pdbx_modification_feature.category 
1 MSE A 13 A . . . . MSE A 31 ? 1_555 . . . . . . . MET 1 MSE Selenomethionine 'Named protein modification' 
2 MSE A 13 B . . . . MSE A 31 ? 1_555 . . . . . . . MET 1 MSE Selenomethionine 'Named protein modification' 
3 MSE A 35 ? . . . . MSE A 53 ? 1_555 . . . . . . . MET 1 MSE Selenomethionine 'Named protein modification' 
# 
_struct_sheet.id               A 
_struct_sheet.type             ? 
_struct_sheet.number_strands   9 
_struct_sheet.details          ? 
# 
loop_
_struct_sheet_order.sheet_id 
_struct_sheet_order.range_id_1 
_struct_sheet_order.range_id_2 
_struct_sheet_order.offset 
_struct_sheet_order.sense 
A 1 2 ? anti-parallel 
A 2 3 ? anti-parallel 
A 3 4 ? anti-parallel 
A 4 5 ? anti-parallel 
A 5 6 ? anti-parallel 
A 6 7 ? anti-parallel 
A 7 8 ? anti-parallel 
A 8 9 ? anti-parallel 
# 
loop_
_struct_sheet_range.sheet_id 
_struct_sheet_range.id 
_struct_sheet_range.beg_label_comp_id 
_struct_sheet_range.beg_label_asym_id 
_struct_sheet_range.beg_label_seq_id 
_struct_sheet_range.pdbx_beg_PDB_ins_code 
_struct_sheet_range.end_label_comp_id 
_struct_sheet_range.end_label_asym_id 
_struct_sheet_range.end_label_seq_id 
_struct_sheet_range.pdbx_end_PDB_ins_code 
_struct_sheet_range.beg_auth_comp_id 
_struct_sheet_range.beg_auth_asym_id 
_struct_sheet_range.beg_auth_seq_id 
_struct_sheet_range.end_auth_comp_id 
_struct_sheet_range.end_auth_asym_id 
_struct_sheet_range.end_auth_seq_id 
A 1 LYS A 6   ? ILE A 8   ? LYS A 24  ILE A 26  
A 2 VAL A 30  ? ASP A 38  ? VAL A 48  ASP A 56  
A 3 TYR A 41  ? PHE A 48  ? TYR A 59  PHE A 66  
A 4 LYS A 53  ? PHE A 56  ? LYS A 71  PHE A 74  
A 5 TRP A 62  ? ASP A 66  ? TRP A 80  ASP A 84  
A 6 VAL A 94  ? ARG A 99  ? VAL A 112 ARG A 117 
A 7 ASP A 103 ? LEU A 108 ? ASP A 121 LEU A 126 
A 8 GLU A 113 ? ASP A 117 ? GLU A 131 ASP A 135 
A 9 LEU A 122 ? ASP A 126 ? LEU A 140 ASP A 144 
# 
loop_
_pdbx_struct_sheet_hbond.sheet_id 
_pdbx_struct_sheet_hbond.range_id_1 
_pdbx_struct_sheet_hbond.range_id_2 
_pdbx_struct_sheet_hbond.range_1_label_atom_id 
_pdbx_struct_sheet_hbond.range_1_label_comp_id 
_pdbx_struct_sheet_hbond.range_1_label_asym_id 
_pdbx_struct_sheet_hbond.range_1_label_seq_id 
_pdbx_struct_sheet_hbond.range_1_PDB_ins_code 
_pdbx_struct_sheet_hbond.range_1_auth_atom_id 
_pdbx_struct_sheet_hbond.range_1_auth_comp_id 
_pdbx_struct_sheet_hbond.range_1_auth_asym_id 
_pdbx_struct_sheet_hbond.range_1_auth_seq_id 
_pdbx_struct_sheet_hbond.range_2_label_atom_id 
_pdbx_struct_sheet_hbond.range_2_label_comp_id 
_pdbx_struct_sheet_hbond.range_2_label_asym_id 
_pdbx_struct_sheet_hbond.range_2_label_seq_id 
_pdbx_struct_sheet_hbond.range_2_PDB_ins_code 
_pdbx_struct_sheet_hbond.range_2_auth_atom_id 
_pdbx_struct_sheet_hbond.range_2_auth_comp_id 
_pdbx_struct_sheet_hbond.range_2_auth_asym_id 
_pdbx_struct_sheet_hbond.range_2_auth_seq_id 
A 1 2 N LYS A 6   ? N LYS A 24  O MSE A 35  ? O MSE A 53  
A 2 3 N LEU A 32  ? N LEU A 50  O ILE A 47  ? O ILE A 65  
A 3 4 N TYR A 44  ? N TYR A 62  O PHE A 56  ? O PHE A 74  
A 4 5 N LYS A 53  ? N LYS A 71  O ASP A 66  ? O ASP A 84  
A 5 6 N VAL A 65  ? N VAL A 83  O ILE A 97  ? O ILE A 115 
A 6 7 N LEU A 95  ? N LEU A 113 O LYS A 107 ? O LYS A 125 
A 7 8 N TYR A 104 ? N TYR A 122 O PHE A 116 ? O PHE A 134 
A 8 9 N LYS A 115 ? N LYS A 133 O ILE A 123 ? O ILE A 141 
# 
loop_
_struct_site.id 
_struct_site.pdbx_evidence_code 
_struct_site.pdbx_auth_asym_id 
_struct_site.pdbx_auth_comp_id 
_struct_site.pdbx_auth_seq_id 
_struct_site.pdbx_auth_ins_code 
_struct_site.pdbx_num_residues 
_struct_site.details 
AC1 Software A CA  1 ? 6 'BINDING SITE FOR RESIDUE CA A 1'  
AC2 Software A CA  2 ? 6 'BINDING SITE FOR RESIDUE CA A 2'  
AC3 Software A CA  3 ? 3 'BINDING SITE FOR RESIDUE CA A 3'  
AC4 Software A EDO 4 ? 4 'BINDING SITE FOR RESIDUE EDO A 4' 
AC5 Software A EDO 5 ? 8 'BINDING SITE FOR RESIDUE EDO A 5' 
# 
loop_
_struct_site_gen.id 
_struct_site_gen.site_id 
_struct_site_gen.pdbx_num_res 
_struct_site_gen.label_comp_id 
_struct_site_gen.label_asym_id 
_struct_site_gen.label_seq_id 
_struct_site_gen.pdbx_auth_ins_code 
_struct_site_gen.auth_comp_id 
_struct_site_gen.auth_asym_id 
_struct_site_gen.auth_seq_id 
_struct_site_gen.label_atom_id 
_struct_site_gen.label_alt_id 
_struct_site_gen.symmetry 
_struct_site_gen.details 
1  AC1 6 GLU A 36  ? GLU A 54  . ? 1_555 ? 
2  AC1 6 GLU A 45  ? GLU A 63  . ? 1_555 ? 
3  AC1 6 GLU A 55  ? GLU A 73  . ? 1_555 ? 
4  AC1 6 ASP A 124 ? ASP A 142 . ? 2_555 ? 
5  AC1 6 ILE A 125 ? ILE A 143 . ? 2_555 ? 
6  AC1 6 ASP A 126 ? ASP A 144 . ? 2_555 ? 
7  AC2 6 GLU A 55  ? GLU A 73  . ? 1_555 ? 
8  AC2 6 GLU A 64  ? GLU A 82  . ? 1_555 ? 
9  AC2 6 ASP A 124 ? ASP A 142 . ? 2_555 ? 
10 AC2 6 ASP A 126 ? ASP A 144 . ? 2_555 ? 
11 AC2 6 HOH G .   ? HOH A 146 . ? 1_555 ? 
12 AC2 6 HOH G .   ? HOH A 158 . ? 1_555 ? 
13 AC3 3 GLU A 105 ? GLU A 123 . ? 2_555 ? 
14 AC3 3 HOH G .   ? HOH A 336 . ? 2_555 ? 
15 AC3 3 HOH G .   ? HOH A 337 . ? 2_555 ? 
16 AC4 4 ILE A 8   ? ILE A 26  . ? 1_555 ? 
17 AC4 4 GLN A 9   ? GLN A 27  . ? 1_555 ? 
18 AC4 4 ALA A 33  ? ALA A 51  . ? 1_555 ? 
19 AC4 4 LYS A 119 ? LYS A 137 . ? 3_545 ? 
20 AC5 8 GLU A 98  ? GLU A 116 . ? 1_555 ? 
21 AC5 8 ARG A 99  ? ARG A 117 . ? 1_555 ? 
22 AC5 8 ASP A 103 ? ASP A 121 . ? 1_555 ? 
23 AC5 8 GLU A 105 ? GLU A 123 . ? 2_555 ? 
24 AC5 8 LYS A 115 ? LYS A 133 . ? 2_555 ? 
25 AC5 8 HOH G .   ? HOH A 255 . ? 1_555 ? 
26 AC5 8 HOH G .   ? HOH A 336 . ? 1_555 ? 
27 AC5 8 HOH G .   ? HOH A 337 . ? 2_555 ? 
# 
_pdbx_entry_details.entry_id                   3DB7 
_pdbx_entry_details.compound_details           ? 
_pdbx_entry_details.source_details             ? 
_pdbx_entry_details.nonpolymer_details         ? 
_pdbx_entry_details.sequence_details           
;THE CONSTRUCT WAS EXPRESSED WITH A PURIFICATION TAG MGSDKIHHHHHHENLYFQG. THE TAG WAS REMOVED WITH TEV PROTEASE LEAVING ONLY A GLYCINE (0) FOLLOWED BY THE TARGET SEQUENCE. THE CLONED CONSTRUCT CONTAINS RESIDUES 20-145 OF THE FULL LENGTH PROTEIN.
;
_pdbx_entry_details.has_ligand_of_interest     ? 
_pdbx_entry_details.has_protein_modification   Y 
# 
loop_
_pdbx_validate_torsion.id 
_pdbx_validate_torsion.PDB_model_num 
_pdbx_validate_torsion.auth_comp_id 
_pdbx_validate_torsion.auth_asym_id 
_pdbx_validate_torsion.auth_seq_id 
_pdbx_validate_torsion.PDB_ins_code 
_pdbx_validate_torsion.label_alt_id 
_pdbx_validate_torsion.phi 
_pdbx_validate_torsion.psi 
1 1 THR A 88  ? ? -136.51 -108.94 
2 1 ARG A 129 ? ? 84.18   -6.44   
# 
_pdbx_SG_project.project_name          'PSI, Protein Structure Initiative' 
_pdbx_SG_project.full_name_of_center   'Joint Center for Structural Genomics' 
_pdbx_SG_project.id                    1 
_pdbx_SG_project.initial_of_center     JCSG 
# 
loop_
_pdbx_struct_mod_residue.id 
_pdbx_struct_mod_residue.label_asym_id 
_pdbx_struct_mod_residue.label_comp_id 
_pdbx_struct_mod_residue.label_seq_id 
_pdbx_struct_mod_residue.auth_asym_id 
_pdbx_struct_mod_residue.auth_comp_id 
_pdbx_struct_mod_residue.auth_seq_id 
_pdbx_struct_mod_residue.PDB_ins_code 
_pdbx_struct_mod_residue.parent_comp_id 
_pdbx_struct_mod_residue.details 
1 A MSE 13 A MSE 31 ? MET SELENOMETHIONINE 
2 A MSE 35 A MSE 53 ? MET SELENOMETHIONINE 
# 
loop_
_pdbx_struct_special_symmetry.id 
_pdbx_struct_special_symmetry.PDB_model_num 
_pdbx_struct_special_symmetry.auth_asym_id 
_pdbx_struct_special_symmetry.auth_comp_id 
_pdbx_struct_special_symmetry.auth_seq_id 
_pdbx_struct_special_symmetry.PDB_ins_code 
_pdbx_struct_special_symmetry.label_asym_id 
_pdbx_struct_special_symmetry.label_comp_id 
_pdbx_struct_special_symmetry.label_seq_id 
1 1 A CA  3   ? D CA  . 
2 1 A HOH 334 ? G HOH . 
# 
_pdbx_refine_tls.id               1 
_pdbx_refine_tls.details          ? 
_pdbx_refine_tls.method           refined 
_pdbx_refine_tls.origin_x         -0.8741 
_pdbx_refine_tls.origin_y         0.0785 
_pdbx_refine_tls.origin_z         0.0516 
_pdbx_refine_tls.T[1][1]          -0.0265 
_pdbx_refine_tls.T[2][2]          -0.0252 
_pdbx_refine_tls.T[3][3]          -0.0184 
_pdbx_refine_tls.T[1][2]          -0.0080 
_pdbx_refine_tls.T[1][3]          0.0055 
_pdbx_refine_tls.T[2][3]          -0.0031 
_pdbx_refine_tls.L[1][1]          0.6538 
_pdbx_refine_tls.L[2][2]          0.8945 
_pdbx_refine_tls.L[3][3]          0.5151 
_pdbx_refine_tls.L[1][2]          -0.4637 
_pdbx_refine_tls.L[1][3]          0.0839 
_pdbx_refine_tls.L[2][3]          -0.1270 
_pdbx_refine_tls.S[1][1]          -0.0015 
_pdbx_refine_tls.S[1][2]          -0.0080 
_pdbx_refine_tls.S[1][3]          -0.0089 
_pdbx_refine_tls.S[2][1]          -0.0296 
_pdbx_refine_tls.S[2][2]          -0.0138 
_pdbx_refine_tls.S[2][3]          -0.0224 
_pdbx_refine_tls.S[3][1]          0.0233 
_pdbx_refine_tls.S[3][2]          0.0223 
_pdbx_refine_tls.S[3][3]          0.0152 
_pdbx_refine_tls.pdbx_refine_id   'X-RAY DIFFRACTION' 
# 
_pdbx_refine_tls_group.id                  1 
_pdbx_refine_tls_group.refine_tls_id       1 
_pdbx_refine_tls_group.beg_auth_asym_id    A 
_pdbx_refine_tls_group.beg_auth_seq_id     0 
_pdbx_refine_tls_group.beg_label_asym_id   A 
_pdbx_refine_tls_group.beg_label_seq_id    1 
_pdbx_refine_tls_group.end_auth_asym_id    A 
_pdbx_refine_tls_group.end_auth_seq_id     145 
_pdbx_refine_tls_group.end_label_asym_id   A 
_pdbx_refine_tls_group.end_label_seq_id    127 
_pdbx_refine_tls_group.selection           ? 
_pdbx_refine_tls_group.pdbx_refine_id      'X-RAY DIFFRACTION' 
_pdbx_refine_tls_group.selection_details   ? 
# 
_phasing.method   MAD 
# 
loop_
_chem_comp_atom.comp_id 
_chem_comp_atom.atom_id 
_chem_comp_atom.type_symbol 
_chem_comp_atom.pdbx_aromatic_flag 
_chem_comp_atom.pdbx_stereo_config 
_chem_comp_atom.pdbx_ordinal 
ALA N    N  N N 1   
ALA CA   C  N S 2   
ALA C    C  N N 3   
ALA O    O  N N 4   
ALA CB   C  N N 5   
ALA OXT  O  N N 6   
ALA H    H  N N 7   
ALA H2   H  N N 8   
ALA HA   H  N N 9   
ALA HB1  H  N N 10  
ALA HB2  H  N N 11  
ALA HB3  H  N N 12  
ALA HXT  H  N N 13  
ARG N    N  N N 14  
ARG CA   C  N S 15  
ARG C    C  N N 16  
ARG O    O  N N 17  
ARG CB   C  N N 18  
ARG CG   C  N N 19  
ARG CD   C  N N 20  
ARG NE   N  N N 21  
ARG CZ   C  N N 22  
ARG NH1  N  N N 23  
ARG NH2  N  N N 24  
ARG OXT  O  N N 25  
ARG H    H  N N 26  
ARG H2   H  N N 27  
ARG HA   H  N N 28  
ARG HB2  H  N N 29  
ARG HB3  H  N N 30  
ARG HG2  H  N N 31  
ARG HG3  H  N N 32  
ARG HD2  H  N N 33  
ARG HD3  H  N N 34  
ARG HE   H  N N 35  
ARG HH11 H  N N 36  
ARG HH12 H  N N 37  
ARG HH21 H  N N 38  
ARG HH22 H  N N 39  
ARG HXT  H  N N 40  
ASN N    N  N N 41  
ASN CA   C  N S 42  
ASN C    C  N N 43  
ASN O    O  N N 44  
ASN CB   C  N N 45  
ASN CG   C  N N 46  
ASN OD1  O  N N 47  
ASN ND2  N  N N 48  
ASN OXT  O  N N 49  
ASN H    H  N N 50  
ASN H2   H  N N 51  
ASN HA   H  N N 52  
ASN HB2  H  N N 53  
ASN HB3  H  N N 54  
ASN HD21 H  N N 55  
ASN HD22 H  N N 56  
ASN HXT  H  N N 57  
ASP N    N  N N 58  
ASP CA   C  N S 59  
ASP C    C  N N 60  
ASP O    O  N N 61  
ASP CB   C  N N 62  
ASP CG   C  N N 63  
ASP OD1  O  N N 64  
ASP OD2  O  N N 65  
ASP OXT  O  N N 66  
ASP H    H  N N 67  
ASP H2   H  N N 68  
ASP HA   H  N N 69  
ASP HB2  H  N N 70  
ASP HB3  H  N N 71  
ASP HD2  H  N N 72  
ASP HXT  H  N N 73  
CA  CA   CA N N 74  
CYS N    N  N N 75  
CYS CA   C  N R 76  
CYS C    C  N N 77  
CYS O    O  N N 78  
CYS CB   C  N N 79  
CYS SG   S  N N 80  
CYS OXT  O  N N 81  
CYS H    H  N N 82  
CYS H2   H  N N 83  
CYS HA   H  N N 84  
CYS HB2  H  N N 85  
CYS HB3  H  N N 86  
CYS HG   H  N N 87  
CYS HXT  H  N N 88  
EDO C1   C  N N 89  
EDO O1   O  N N 90  
EDO C2   C  N N 91  
EDO O2   O  N N 92  
EDO H11  H  N N 93  
EDO H12  H  N N 94  
EDO HO1  H  N N 95  
EDO H21  H  N N 96  
EDO H22  H  N N 97  
EDO HO2  H  N N 98  
GLN N    N  N N 99  
GLN CA   C  N S 100 
GLN C    C  N N 101 
GLN O    O  N N 102 
GLN CB   C  N N 103 
GLN CG   C  N N 104 
GLN CD   C  N N 105 
GLN OE1  O  N N 106 
GLN NE2  N  N N 107 
GLN OXT  O  N N 108 
GLN H    H  N N 109 
GLN H2   H  N N 110 
GLN HA   H  N N 111 
GLN HB2  H  N N 112 
GLN HB3  H  N N 113 
GLN HG2  H  N N 114 
GLN HG3  H  N N 115 
GLN HE21 H  N N 116 
GLN HE22 H  N N 117 
GLN HXT  H  N N 118 
GLU N    N  N N 119 
GLU CA   C  N S 120 
GLU C    C  N N 121 
GLU O    O  N N 122 
GLU CB   C  N N 123 
GLU CG   C  N N 124 
GLU CD   C  N N 125 
GLU OE1  O  N N 126 
GLU OE2  O  N N 127 
GLU OXT  O  N N 128 
GLU H    H  N N 129 
GLU H2   H  N N 130 
GLU HA   H  N N 131 
GLU HB2  H  N N 132 
GLU HB3  H  N N 133 
GLU HG2  H  N N 134 
GLU HG3  H  N N 135 
GLU HE2  H  N N 136 
GLU HXT  H  N N 137 
GLY N    N  N N 138 
GLY CA   C  N N 139 
GLY C    C  N N 140 
GLY O    O  N N 141 
GLY OXT  O  N N 142 
GLY H    H  N N 143 
GLY H2   H  N N 144 
GLY HA2  H  N N 145 
GLY HA3  H  N N 146 
GLY HXT  H  N N 147 
HIS N    N  N N 148 
HIS CA   C  N S 149 
HIS C    C  N N 150 
HIS O    O  N N 151 
HIS CB   C  N N 152 
HIS CG   C  Y N 153 
HIS ND1  N  Y N 154 
HIS CD2  C  Y N 155 
HIS CE1  C  Y N 156 
HIS NE2  N  Y N 157 
HIS OXT  O  N N 158 
HIS H    H  N N 159 
HIS H2   H  N N 160 
HIS HA   H  N N 161 
HIS HB2  H  N N 162 
HIS HB3  H  N N 163 
HIS HD1  H  N N 164 
HIS HD2  H  N N 165 
HIS HE1  H  N N 166 
HIS HE2  H  N N 167 
HIS HXT  H  N N 168 
HOH O    O  N N 169 
HOH H1   H  N N 170 
HOH H2   H  N N 171 
ILE N    N  N N 172 
ILE CA   C  N S 173 
ILE C    C  N N 174 
ILE O    O  N N 175 
ILE CB   C  N S 176 
ILE CG1  C  N N 177 
ILE CG2  C  N N 178 
ILE CD1  C  N N 179 
ILE OXT  O  N N 180 
ILE H    H  N N 181 
ILE H2   H  N N 182 
ILE HA   H  N N 183 
ILE HB   H  N N 184 
ILE HG12 H  N N 185 
ILE HG13 H  N N 186 
ILE HG21 H  N N 187 
ILE HG22 H  N N 188 
ILE HG23 H  N N 189 
ILE HD11 H  N N 190 
ILE HD12 H  N N 191 
ILE HD13 H  N N 192 
ILE HXT  H  N N 193 
LEU N    N  N N 194 
LEU CA   C  N S 195 
LEU C    C  N N 196 
LEU O    O  N N 197 
LEU CB   C  N N 198 
LEU CG   C  N N 199 
LEU CD1  C  N N 200 
LEU CD2  C  N N 201 
LEU OXT  O  N N 202 
LEU H    H  N N 203 
LEU H2   H  N N 204 
LEU HA   H  N N 205 
LEU HB2  H  N N 206 
LEU HB3  H  N N 207 
LEU HG   H  N N 208 
LEU HD11 H  N N 209 
LEU HD12 H  N N 210 
LEU HD13 H  N N 211 
LEU HD21 H  N N 212 
LEU HD22 H  N N 213 
LEU HD23 H  N N 214 
LEU HXT  H  N N 215 
LYS N    N  N N 216 
LYS CA   C  N S 217 
LYS C    C  N N 218 
LYS O    O  N N 219 
LYS CB   C  N N 220 
LYS CG   C  N N 221 
LYS CD   C  N N 222 
LYS CE   C  N N 223 
LYS NZ   N  N N 224 
LYS OXT  O  N N 225 
LYS H    H  N N 226 
LYS H2   H  N N 227 
LYS HA   H  N N 228 
LYS HB2  H  N N 229 
LYS HB3  H  N N 230 
LYS HG2  H  N N 231 
LYS HG3  H  N N 232 
LYS HD2  H  N N 233 
LYS HD3  H  N N 234 
LYS HE2  H  N N 235 
LYS HE3  H  N N 236 
LYS HZ1  H  N N 237 
LYS HZ2  H  N N 238 
LYS HZ3  H  N N 239 
LYS HXT  H  N N 240 
MSE N    N  N N 241 
MSE CA   C  N S 242 
MSE C    C  N N 243 
MSE O    O  N N 244 
MSE OXT  O  N N 245 
MSE CB   C  N N 246 
MSE CG   C  N N 247 
MSE SE   SE N N 248 
MSE CE   C  N N 249 
MSE H    H  N N 250 
MSE H2   H  N N 251 
MSE HA   H  N N 252 
MSE HXT  H  N N 253 
MSE HB2  H  N N 254 
MSE HB3  H  N N 255 
MSE HG2  H  N N 256 
MSE HG3  H  N N 257 
MSE HE1  H  N N 258 
MSE HE2  H  N N 259 
MSE HE3  H  N N 260 
PHE N    N  N N 261 
PHE CA   C  N S 262 
PHE C    C  N N 263 
PHE O    O  N N 264 
PHE CB   C  N N 265 
PHE CG   C  Y N 266 
PHE CD1  C  Y N 267 
PHE CD2  C  Y N 268 
PHE CE1  C  Y N 269 
PHE CE2  C  Y N 270 
PHE CZ   C  Y N 271 
PHE OXT  O  N N 272 
PHE H    H  N N 273 
PHE H2   H  N N 274 
PHE HA   H  N N 275 
PHE HB2  H  N N 276 
PHE HB3  H  N N 277 
PHE HD1  H  N N 278 
PHE HD2  H  N N 279 
PHE HE1  H  N N 280 
PHE HE2  H  N N 281 
PHE HZ   H  N N 282 
PHE HXT  H  N N 283 
PRO N    N  N N 284 
PRO CA   C  N S 285 
PRO C    C  N N 286 
PRO O    O  N N 287 
PRO CB   C  N N 288 
PRO CG   C  N N 289 
PRO CD   C  N N 290 
PRO OXT  O  N N 291 
PRO H    H  N N 292 
PRO HA   H  N N 293 
PRO HB2  H  N N 294 
PRO HB3  H  N N 295 
PRO HG2  H  N N 296 
PRO HG3  H  N N 297 
PRO HD2  H  N N 298 
PRO HD3  H  N N 299 
PRO HXT  H  N N 300 
SER N    N  N N 301 
SER CA   C  N S 302 
SER C    C  N N 303 
SER O    O  N N 304 
SER CB   C  N N 305 
SER OG   O  N N 306 
SER OXT  O  N N 307 
SER H    H  N N 308 
SER H2   H  N N 309 
SER HA   H  N N 310 
SER HB2  H  N N 311 
SER HB3  H  N N 312 
SER HG   H  N N 313 
SER HXT  H  N N 314 
THR N    N  N N 315 
THR CA   C  N S 316 
THR C    C  N N 317 
THR O    O  N N 318 
THR CB   C  N R 319 
THR OG1  O  N N 320 
THR CG2  C  N N 321 
THR OXT  O  N N 322 
THR H    H  N N 323 
THR H2   H  N N 324 
THR HA   H  N N 325 
THR HB   H  N N 326 
THR HG1  H  N N 327 
THR HG21 H  N N 328 
THR HG22 H  N N 329 
THR HG23 H  N N 330 
THR HXT  H  N N 331 
TRP N    N  N N 332 
TRP CA   C  N S 333 
TRP C    C  N N 334 
TRP O    O  N N 335 
TRP CB   C  N N 336 
TRP CG   C  Y N 337 
TRP CD1  C  Y N 338 
TRP CD2  C  Y N 339 
TRP NE1  N  Y N 340 
TRP CE2  C  Y N 341 
TRP CE3  C  Y N 342 
TRP CZ2  C  Y N 343 
TRP CZ3  C  Y N 344 
TRP CH2  C  Y N 345 
TRP OXT  O  N N 346 
TRP H    H  N N 347 
TRP H2   H  N N 348 
TRP HA   H  N N 349 
TRP HB2  H  N N 350 
TRP HB3  H  N N 351 
TRP HD1  H  N N 352 
TRP HE1  H  N N 353 
TRP HE3  H  N N 354 
TRP HZ2  H  N N 355 
TRP HZ3  H  N N 356 
TRP HH2  H  N N 357 
TRP HXT  H  N N 358 
TYR N    N  N N 359 
TYR CA   C  N S 360 
TYR C    C  N N 361 
TYR O    O  N N 362 
TYR CB   C  N N 363 
TYR CG   C  Y N 364 
TYR CD1  C  Y N 365 
TYR CD2  C  Y N 366 
TYR CE1  C  Y N 367 
TYR CE2  C  Y N 368 
TYR CZ   C  Y N 369 
TYR OH   O  N N 370 
TYR OXT  O  N N 371 
TYR H    H  N N 372 
TYR H2   H  N N 373 
TYR HA   H  N N 374 
TYR HB2  H  N N 375 
TYR HB3  H  N N 376 
TYR HD1  H  N N 377 
TYR HD2  H  N N 378 
TYR HE1  H  N N 379 
TYR HE2  H  N N 380 
TYR HH   H  N N 381 
TYR HXT  H  N N 382 
VAL N    N  N N 383 
VAL CA   C  N S 384 
VAL C    C  N N 385 
VAL O    O  N N 386 
VAL CB   C  N N 387 
VAL CG1  C  N N 388 
VAL CG2  C  N N 389 
VAL OXT  O  N N 390 
VAL H    H  N N 391 
VAL H2   H  N N 392 
VAL HA   H  N N 393 
VAL HB   H  N N 394 
VAL HG11 H  N N 395 
VAL HG12 H  N N 396 
VAL HG13 H  N N 397 
VAL HG21 H  N N 398 
VAL HG22 H  N N 399 
VAL HG23 H  N N 400 
VAL HXT  H  N N 401 
# 
loop_
_chem_comp_bond.comp_id 
_chem_comp_bond.atom_id_1 
_chem_comp_bond.atom_id_2 
_chem_comp_bond.value_order 
_chem_comp_bond.pdbx_aromatic_flag 
_chem_comp_bond.pdbx_stereo_config 
_chem_comp_bond.pdbx_ordinal 
ALA N   CA   sing N N 1   
ALA N   H    sing N N 2   
ALA N   H2   sing N N 3   
ALA CA  C    sing N N 4   
ALA CA  CB   sing N N 5   
ALA CA  HA   sing N N 6   
ALA C   O    doub N N 7   
ALA C   OXT  sing N N 8   
ALA CB  HB1  sing N N 9   
ALA CB  HB2  sing N N 10  
ALA CB  HB3  sing N N 11  
ALA OXT HXT  sing N N 12  
ARG N   CA   sing N N 13  
ARG N   H    sing N N 14  
ARG N   H2   sing N N 15  
ARG CA  C    sing N N 16  
ARG CA  CB   sing N N 17  
ARG CA  HA   sing N N 18  
ARG C   O    doub N N 19  
ARG C   OXT  sing N N 20  
ARG CB  CG   sing N N 21  
ARG CB  HB2  sing N N 22  
ARG CB  HB3  sing N N 23  
ARG CG  CD   sing N N 24  
ARG CG  HG2  sing N N 25  
ARG CG  HG3  sing N N 26  
ARG CD  NE   sing N N 27  
ARG CD  HD2  sing N N 28  
ARG CD  HD3  sing N N 29  
ARG NE  CZ   sing N N 30  
ARG NE  HE   sing N N 31  
ARG CZ  NH1  sing N N 32  
ARG CZ  NH2  doub N N 33  
ARG NH1 HH11 sing N N 34  
ARG NH1 HH12 sing N N 35  
ARG NH2 HH21 sing N N 36  
ARG NH2 HH22 sing N N 37  
ARG OXT HXT  sing N N 38  
ASN N   CA   sing N N 39  
ASN N   H    sing N N 40  
ASN N   H2   sing N N 41  
ASN CA  C    sing N N 42  
ASN CA  CB   sing N N 43  
ASN CA  HA   sing N N 44  
ASN C   O    doub N N 45  
ASN C   OXT  sing N N 46  
ASN CB  CG   sing N N 47  
ASN CB  HB2  sing N N 48  
ASN CB  HB3  sing N N 49  
ASN CG  OD1  doub N N 50  
ASN CG  ND2  sing N N 51  
ASN ND2 HD21 sing N N 52  
ASN ND2 HD22 sing N N 53  
ASN OXT HXT  sing N N 54  
ASP N   CA   sing N N 55  
ASP N   H    sing N N 56  
ASP N   H2   sing N N 57  
ASP CA  C    sing N N 58  
ASP CA  CB   sing N N 59  
ASP CA  HA   sing N N 60  
ASP C   O    doub N N 61  
ASP C   OXT  sing N N 62  
ASP CB  CG   sing N N 63  
ASP CB  HB2  sing N N 64  
ASP CB  HB3  sing N N 65  
ASP CG  OD1  doub N N 66  
ASP CG  OD2  sing N N 67  
ASP OD2 HD2  sing N N 68  
ASP OXT HXT  sing N N 69  
CYS N   CA   sing N N 70  
CYS N   H    sing N N 71  
CYS N   H2   sing N N 72  
CYS CA  C    sing N N 73  
CYS CA  CB   sing N N 74  
CYS CA  HA   sing N N 75  
CYS C   O    doub N N 76  
CYS C   OXT  sing N N 77  
CYS CB  SG   sing N N 78  
CYS CB  HB2  sing N N 79  
CYS CB  HB3  sing N N 80  
CYS SG  HG   sing N N 81  
CYS OXT HXT  sing N N 82  
EDO C1  O1   sing N N 83  
EDO C1  C2   sing N N 84  
EDO C1  H11  sing N N 85  
EDO C1  H12  sing N N 86  
EDO O1  HO1  sing N N 87  
EDO C2  O2   sing N N 88  
EDO C2  H21  sing N N 89  
EDO C2  H22  sing N N 90  
EDO O2  HO2  sing N N 91  
GLN N   CA   sing N N 92  
GLN N   H    sing N N 93  
GLN N   H2   sing N N 94  
GLN CA  C    sing N N 95  
GLN CA  CB   sing N N 96  
GLN CA  HA   sing N N 97  
GLN C   O    doub N N 98  
GLN C   OXT  sing N N 99  
GLN CB  CG   sing N N 100 
GLN CB  HB2  sing N N 101 
GLN CB  HB3  sing N N 102 
GLN CG  CD   sing N N 103 
GLN CG  HG2  sing N N 104 
GLN CG  HG3  sing N N 105 
GLN CD  OE1  doub N N 106 
GLN CD  NE2  sing N N 107 
GLN NE2 HE21 sing N N 108 
GLN NE2 HE22 sing N N 109 
GLN OXT HXT  sing N N 110 
GLU N   CA   sing N N 111 
GLU N   H    sing N N 112 
GLU N   H2   sing N N 113 
GLU CA  C    sing N N 114 
GLU CA  CB   sing N N 115 
GLU CA  HA   sing N N 116 
GLU C   O    doub N N 117 
GLU C   OXT  sing N N 118 
GLU CB  CG   sing N N 119 
GLU CB  HB2  sing N N 120 
GLU CB  HB3  sing N N 121 
GLU CG  CD   sing N N 122 
GLU CG  HG2  sing N N 123 
GLU CG  HG3  sing N N 124 
GLU CD  OE1  doub N N 125 
GLU CD  OE2  sing N N 126 
GLU OE2 HE2  sing N N 127 
GLU OXT HXT  sing N N 128 
GLY N   CA   sing N N 129 
GLY N   H    sing N N 130 
GLY N   H2   sing N N 131 
GLY CA  C    sing N N 132 
GLY CA  HA2  sing N N 133 
GLY CA  HA3  sing N N 134 
GLY C   O    doub N N 135 
GLY C   OXT  sing N N 136 
GLY OXT HXT  sing N N 137 
HIS N   CA   sing N N 138 
HIS N   H    sing N N 139 
HIS N   H2   sing N N 140 
HIS CA  C    sing N N 141 
HIS CA  CB   sing N N 142 
HIS CA  HA   sing N N 143 
HIS C   O    doub N N 144 
HIS C   OXT  sing N N 145 
HIS CB  CG   sing N N 146 
HIS CB  HB2  sing N N 147 
HIS CB  HB3  sing N N 148 
HIS CG  ND1  sing Y N 149 
HIS CG  CD2  doub Y N 150 
HIS ND1 CE1  doub Y N 151 
HIS ND1 HD1  sing N N 152 
HIS CD2 NE2  sing Y N 153 
HIS CD2 HD2  sing N N 154 
HIS CE1 NE2  sing Y N 155 
HIS CE1 HE1  sing N N 156 
HIS NE2 HE2  sing N N 157 
HIS OXT HXT  sing N N 158 
HOH O   H1   sing N N 159 
HOH O   H2   sing N N 160 
ILE N   CA   sing N N 161 
ILE N   H    sing N N 162 
ILE N   H2   sing N N 163 
ILE CA  C    sing N N 164 
ILE CA  CB   sing N N 165 
ILE CA  HA   sing N N 166 
ILE C   O    doub N N 167 
ILE C   OXT  sing N N 168 
ILE CB  CG1  sing N N 169 
ILE CB  CG2  sing N N 170 
ILE CB  HB   sing N N 171 
ILE CG1 CD1  sing N N 172 
ILE CG1 HG12 sing N N 173 
ILE CG1 HG13 sing N N 174 
ILE CG2 HG21 sing N N 175 
ILE CG2 HG22 sing N N 176 
ILE CG2 HG23 sing N N 177 
ILE CD1 HD11 sing N N 178 
ILE CD1 HD12 sing N N 179 
ILE CD1 HD13 sing N N 180 
ILE OXT HXT  sing N N 181 
LEU N   CA   sing N N 182 
LEU N   H    sing N N 183 
LEU N   H2   sing N N 184 
LEU CA  C    sing N N 185 
LEU CA  CB   sing N N 186 
LEU CA  HA   sing N N 187 
LEU C   O    doub N N 188 
LEU C   OXT  sing N N 189 
LEU CB  CG   sing N N 190 
LEU CB  HB2  sing N N 191 
LEU CB  HB3  sing N N 192 
LEU CG  CD1  sing N N 193 
LEU CG  CD2  sing N N 194 
LEU CG  HG   sing N N 195 
LEU CD1 HD11 sing N N 196 
LEU CD1 HD12 sing N N 197 
LEU CD1 HD13 sing N N 198 
LEU CD2 HD21 sing N N 199 
LEU CD2 HD22 sing N N 200 
LEU CD2 HD23 sing N N 201 
LEU OXT HXT  sing N N 202 
LYS N   CA   sing N N 203 
LYS N   H    sing N N 204 
LYS N   H2   sing N N 205 
LYS CA  C    sing N N 206 
LYS CA  CB   sing N N 207 
LYS CA  HA   sing N N 208 
LYS C   O    doub N N 209 
LYS C   OXT  sing N N 210 
LYS CB  CG   sing N N 211 
LYS CB  HB2  sing N N 212 
LYS CB  HB3  sing N N 213 
LYS CG  CD   sing N N 214 
LYS CG  HG2  sing N N 215 
LYS CG  HG3  sing N N 216 
LYS CD  CE   sing N N 217 
LYS CD  HD2  sing N N 218 
LYS CD  HD3  sing N N 219 
LYS CE  NZ   sing N N 220 
LYS CE  HE2  sing N N 221 
LYS CE  HE3  sing N N 222 
LYS NZ  HZ1  sing N N 223 
LYS NZ  HZ2  sing N N 224 
LYS NZ  HZ3  sing N N 225 
LYS OXT HXT  sing N N 226 
MSE N   CA   sing N N 227 
MSE N   H    sing N N 228 
MSE N   H2   sing N N 229 
MSE CA  C    sing N N 230 
MSE CA  CB   sing N N 231 
MSE CA  HA   sing N N 232 
MSE C   O    doub N N 233 
MSE C   OXT  sing N N 234 
MSE OXT HXT  sing N N 235 
MSE CB  CG   sing N N 236 
MSE CB  HB2  sing N N 237 
MSE CB  HB3  sing N N 238 
MSE CG  SE   sing N N 239 
MSE CG  HG2  sing N N 240 
MSE CG  HG3  sing N N 241 
MSE SE  CE   sing N N 242 
MSE CE  HE1  sing N N 243 
MSE CE  HE2  sing N N 244 
MSE CE  HE3  sing N N 245 
PHE N   CA   sing N N 246 
PHE N   H    sing N N 247 
PHE N   H2   sing N N 248 
PHE CA  C    sing N N 249 
PHE CA  CB   sing N N 250 
PHE CA  HA   sing N N 251 
PHE C   O    doub N N 252 
PHE C   OXT  sing N N 253 
PHE CB  CG   sing N N 254 
PHE CB  HB2  sing N N 255 
PHE CB  HB3  sing N N 256 
PHE CG  CD1  doub Y N 257 
PHE CG  CD2  sing Y N 258 
PHE CD1 CE1  sing Y N 259 
PHE CD1 HD1  sing N N 260 
PHE CD2 CE2  doub Y N 261 
PHE CD2 HD2  sing N N 262 
PHE CE1 CZ   doub Y N 263 
PHE CE1 HE1  sing N N 264 
PHE CE2 CZ   sing Y N 265 
PHE CE2 HE2  sing N N 266 
PHE CZ  HZ   sing N N 267 
PHE OXT HXT  sing N N 268 
PRO N   CA   sing N N 269 
PRO N   CD   sing N N 270 
PRO N   H    sing N N 271 
PRO CA  C    sing N N 272 
PRO CA  CB   sing N N 273 
PRO CA  HA   sing N N 274 
PRO C   O    doub N N 275 
PRO C   OXT  sing N N 276 
PRO CB  CG   sing N N 277 
PRO CB  HB2  sing N N 278 
PRO CB  HB3  sing N N 279 
PRO CG  CD   sing N N 280 
PRO CG  HG2  sing N N 281 
PRO CG  HG3  sing N N 282 
PRO CD  HD2  sing N N 283 
PRO CD  HD3  sing N N 284 
PRO OXT HXT  sing N N 285 
SER N   CA   sing N N 286 
SER N   H    sing N N 287 
SER N   H2   sing N N 288 
SER CA  C    sing N N 289 
SER CA  CB   sing N N 290 
SER CA  HA   sing N N 291 
SER C   O    doub N N 292 
SER C   OXT  sing N N 293 
SER CB  OG   sing N N 294 
SER CB  HB2  sing N N 295 
SER CB  HB3  sing N N 296 
SER OG  HG   sing N N 297 
SER OXT HXT  sing N N 298 
THR N   CA   sing N N 299 
THR N   H    sing N N 300 
THR N   H2   sing N N 301 
THR CA  C    sing N N 302 
THR CA  CB   sing N N 303 
THR CA  HA   sing N N 304 
THR C   O    doub N N 305 
THR C   OXT  sing N N 306 
THR CB  OG1  sing N N 307 
THR CB  CG2  sing N N 308 
THR CB  HB   sing N N 309 
THR OG1 HG1  sing N N 310 
THR CG2 HG21 sing N N 311 
THR CG2 HG22 sing N N 312 
THR CG2 HG23 sing N N 313 
THR OXT HXT  sing N N 314 
TRP N   CA   sing N N 315 
TRP N   H    sing N N 316 
TRP N   H2   sing N N 317 
TRP CA  C    sing N N 318 
TRP CA  CB   sing N N 319 
TRP CA  HA   sing N N 320 
TRP C   O    doub N N 321 
TRP C   OXT  sing N N 322 
TRP CB  CG   sing N N 323 
TRP CB  HB2  sing N N 324 
TRP CB  HB3  sing N N 325 
TRP CG  CD1  doub Y N 326 
TRP CG  CD2  sing Y N 327 
TRP CD1 NE1  sing Y N 328 
TRP CD1 HD1  sing N N 329 
TRP CD2 CE2  doub Y N 330 
TRP CD2 CE3  sing Y N 331 
TRP NE1 CE2  sing Y N 332 
TRP NE1 HE1  sing N N 333 
TRP CE2 CZ2  sing Y N 334 
TRP CE3 CZ3  doub Y N 335 
TRP CE3 HE3  sing N N 336 
TRP CZ2 CH2  doub Y N 337 
TRP CZ2 HZ2  sing N N 338 
TRP CZ3 CH2  sing Y N 339 
TRP CZ3 HZ3  sing N N 340 
TRP CH2 HH2  sing N N 341 
TRP OXT HXT  sing N N 342 
TYR N   CA   sing N N 343 
TYR N   H    sing N N 344 
TYR N   H2   sing N N 345 
TYR CA  C    sing N N 346 
TYR CA  CB   sing N N 347 
TYR CA  HA   sing N N 348 
TYR C   O    doub N N 349 
TYR C   OXT  sing N N 350 
TYR CB  CG   sing N N 351 
TYR CB  HB2  sing N N 352 
TYR CB  HB3  sing N N 353 
TYR CG  CD1  doub Y N 354 
TYR CG  CD2  sing Y N 355 
TYR CD1 CE1  sing Y N 356 
TYR CD1 HD1  sing N N 357 
TYR CD2 CE2  doub Y N 358 
TYR CD2 HD2  sing N N 359 
TYR CE1 CZ   doub Y N 360 
TYR CE1 HE1  sing N N 361 
TYR CE2 CZ   sing Y N 362 
TYR CE2 HE2  sing N N 363 
TYR CZ  OH   sing N N 364 
TYR OH  HH   sing N N 365 
TYR OXT HXT  sing N N 366 
VAL N   CA   sing N N 367 
VAL N   H    sing N N 368 
VAL N   H2   sing N N 369 
VAL CA  C    sing N N 370 
VAL CA  CB   sing N N 371 
VAL CA  HA   sing N N 372 
VAL C   O    doub N N 373 
VAL C   OXT  sing N N 374 
VAL CB  CG1  sing N N 375 
VAL CB  CG2  sing N N 376 
VAL CB  HB   sing N N 377 
VAL CG1 HG11 sing N N 378 
VAL CG1 HG12 sing N N 379 
VAL CG1 HG13 sing N N 380 
VAL CG2 HG21 sing N N 381 
VAL CG2 HG22 sing N N 382 
VAL CG2 HG23 sing N N 383 
VAL OXT HXT  sing N N 384 
# 
_atom_sites.entry_id                    3DB7 
_atom_sites.fract_transf_matrix[1][1]   0.01128428 
_atom_sites.fract_transf_matrix[1][2]   -0.01197078 
_atom_sites.fract_transf_matrix[1][3]   -0.00007261 
_atom_sites.fract_transf_matrix[2][1]   -0.01412281 
_atom_sites.fract_transf_matrix[2][2]   -0.01326957 
_atom_sites.fract_transf_matrix[2][3]   -0.00714220 
_atom_sites.fract_transf_matrix[3][1]   0.01218925 
_atom_sites.fract_transf_matrix[3][2]   -0.00162937 
_atom_sites.fract_transf_matrix[3][3]   -0.02107549 
_atom_sites.fract_transf_vector[1]      0.156819 
_atom_sites.fract_transf_vector[2]      0.980870 
_atom_sites.fract_transf_vector[3]      0.252718 
# 
loop_
_atom_type.symbol 
C  
CA 
N  
O  
S  
SE 
# 
loop_
_atom_site.group_PDB 
_atom_site.id 
_atom_site.type_symbol 
_atom_site.label_atom_id 
_atom_site.label_alt_id 
_atom_site.label_comp_id 
_atom_site.label_asym_id 
_atom_site.label_entity_id 
_atom_site.label_seq_id 
_atom_site.pdbx_PDB_ins_code 
_atom_site.Cartn_x 
_atom_site.Cartn_y 
_atom_site.Cartn_z 
_atom_site.occupancy 
_atom_site.B_iso_or_equiv 
_atom_site.pdbx_formal_charge 
_atom_site.auth_seq_id 
_atom_site.auth_comp_id 
_atom_site.auth_asym_id 
_atom_site.auth_atom_id 
_atom_site.pdbx_PDB_model_num 
ATOM   1    N  N   . GLY A 1 1   ? -2.909  -10.322 17.118  1.00 17.76 ? 0   GLY A N   1 
ATOM   2    C  CA  . GLY A 1 1   ? -2.462  -9.087  17.779  1.00 17.59 ? 0   GLY A CA  1 
ATOM   3    C  C   . GLY A 1 1   ? -0.966  -8.880  17.665  1.00 16.75 ? 0   GLY A C   1 
ATOM   4    O  O   . GLY A 1 1   ? -0.235  -9.663  17.031  1.00 17.05 ? 0   GLY A O   1 
ATOM   5    N  N   . ALA A 1 2   ? -0.506  -7.833  18.324  1.00 18.34 ? 20  ALA A N   1 
ATOM   6    C  CA  . ALA A 1 2   ? 0.887   -7.490  18.224  1.00 19.87 ? 20  ALA A CA  1 
ATOM   7    C  C   . ALA A 1 2   ? 1.744   -8.661  18.671  1.00 21.63 ? 20  ALA A C   1 
ATOM   8    O  O   . ALA A 1 2   ? 2.821   -8.909  18.115  1.00 22.78 ? 20  ALA A O   1 
ATOM   9    C  CB  . ALA A 1 2   ? 1.187   -6.247  19.038  1.00 21.94 ? 20  ALA A CB  1 
ATOM   10   N  N   . ASP A 1 3   ? 1.266   -9.431  19.656  1.00 21.35 ? 21  ASP A N   1 
ATOM   11   C  CA  . ASP A 1 3   ? 2.073   -10.535 20.160  1.00 23.30 ? 21  ASP A CA  1 
ATOM   12   C  C   . ASP A 1 3   ? 2.232   -11.674 19.186  1.00 20.26 ? 21  ASP A C   1 
ATOM   13   O  O   . ASP A 1 3   ? 3.092   -12.515 19.367  1.00 19.09 ? 21  ASP A O   1 
ATOM   14   C  CB  . ASP A 1 3   ? 1.514   -11.086 21.472  1.00 24.55 ? 21  ASP A CB  1 
ATOM   15   C  CG  . ASP A 1 3   ? 1.712   -10.129 22.619  1.00 34.69 ? 21  ASP A CG  1 
ATOM   16   O  OD1 . ASP A 1 3   ? 2.531   -9.186  22.460  1.00 25.36 ? 21  ASP A OD1 1 
ATOM   17   O  OD2 . ASP A 1 3   ? 1.046   -10.328 23.662  1.00 40.22 ? 21  ASP A OD2 1 
ATOM   18   N  N   . ASP A 1 4   ? 1.429   -11.676 18.137  1.00 17.12 ? 22  ASP A N   1 
ATOM   19   C  CA  . ASP A 1 4   ? 1.417   -12.793 17.186  1.00 16.31 ? 22  ASP A CA  1 
ATOM   20   C  C   . ASP A 1 4   ? 2.338   -12.492 15.975  1.00 14.91 ? 22  ASP A C   1 
ATOM   21   O  O   . ASP A 1 4   ? 2.493   -13.342 15.099  1.00 15.93 ? 22  ASP A O   1 
ATOM   22   C  CB  . ASP A 1 4   ? -0.017  -13.063 16.705  1.00 14.94 ? 22  ASP A CB  1 
ATOM   23   C  CG  . ASP A 1 4   ? -0.985  -13.272 17.838  1.00 22.45 ? 22  ASP A CG  1 
ATOM   24   O  OD1 . ASP A 1 4   ? -0.846  -14.319 18.460  1.00 23.80 ? 22  ASP A OD1 1 
ATOM   25   O  OD2 . ASP A 1 4   ? -1.881  -12.408 18.076  1.00 20.57 ? 22  ASP A OD2 1 
ATOM   26   N  N   . ASP A 1 5   ? 2.966   -11.326 15.951  1.00 12.98 ? 23  ASP A N   1 
ATOM   27   C  CA  . ASP A 1 5   ? 3.792   -10.946 14.790  1.00 15.04 ? 23  ASP A CA  1 
ATOM   28   C  C   . ASP A 1 5   ? 4.885   -11.990 14.613  1.00 16.02 ? 23  ASP A C   1 
ATOM   29   O  O   . ASP A 1 5   ? 5.553   -12.386 15.571  1.00 16.15 ? 23  ASP A O   1 
ATOM   30   C  CB  . ASP A 1 5   ? 4.488   -9.589  15.000  1.00 15.17 ? 23  ASP A CB  1 
ATOM   31   C  CG  . ASP A 1 5   ? 3.586   -8.384  14.748  1.00 19.07 ? 23  ASP A CG  1 
ATOM   32   O  OD1 . ASP A 1 5   ? 2.379   -8.505  14.366  1.00 14.36 ? 23  ASP A OD1 1 
ATOM   33   O  OD2 . ASP A 1 5   ? 4.114   -7.265  14.930  1.00 20.20 ? 23  ASP A OD2 1 
ATOM   34   N  N   A LYS A 1 6   ? 5.133   -12.364 13.368  0.50 12.04 ? 24  LYS A N   1 
ATOM   35   N  N   B LYS A 1 6   ? 5.059   -12.470 13.382  0.50 13.77 ? 24  LYS A N   1 
ATOM   36   C  CA  A LYS A 1 6   ? 6.143   -13.370 13.106  0.50 11.91 ? 24  LYS A CA  1 
ATOM   37   C  CA  B LYS A 1 6   ? 6.146   -13.420 13.087  0.50 13.85 ? 24  LYS A CA  1 
ATOM   38   C  C   A LYS A 1 6   ? 7.074   -12.902 12.003  0.50 13.35 ? 24  LYS A C   1 
ATOM   39   C  C   B LYS A 1 6   ? 7.062   -12.849 12.012  0.50 14.22 ? 24  LYS A C   1 
ATOM   40   O  O   A LYS A 1 6   ? 6.683   -12.859 10.836  0.50 10.66 ? 24  LYS A O   1 
ATOM   41   O  O   B LYS A 1 6   ? 6.651   -12.695 10.868  0.50 12.28 ? 24  LYS A O   1 
ATOM   42   C  CB  A LYS A 1 6   ? 5.467   -14.652 12.690  0.50 13.71 ? 24  LYS A CB  1 
ATOM   43   C  CB  B LYS A 1 6   ? 5.610   -14.748 12.567  0.50 15.42 ? 24  LYS A CB  1 
ATOM   44   C  CG  A LYS A 1 6   ? 6.421   -15.765 12.421  0.50 12.04 ? 24  LYS A CG  1 
ATOM   45   C  CG  B LYS A 1 6   ? 4.568   -15.423 13.435  0.50 20.50 ? 24  LYS A CG  1 
ATOM   46   N  N   . PRO A 1 7   ? 8.322   -12.565 12.355  1.00 12.99 ? 25  PRO A N   1 
ATOM   47   C  CA  . PRO A 1 7   ? 9.268   -12.146 11.324  1.00 12.15 ? 25  PRO A CA  1 
ATOM   48   C  C   . PRO A 1 7   ? 9.545   -13.305 10.387  1.00 11.05 ? 25  PRO A C   1 
ATOM   49   O  O   . PRO A 1 7   ? 9.528   -14.472 10.811  1.00 12.32 ? 25  PRO A O   1 
ATOM   50   C  CB  . PRO A 1 7   ? 10.501  -11.654 12.111  1.00 14.91 ? 25  PRO A CB  1 
ATOM   51   C  CG  . PRO A 1 7   ? 10.289  -12.101 13.481  1.00 20.70 ? 25  PRO A CG  1 
ATOM   52   C  CD  . PRO A 1 7   ? 8.881   -12.458 13.712  1.00 17.15 ? 25  PRO A CD  1 
ATOM   53   N  N   . ILE A 1 8   ? 9.665   -12.982 9.108   1.00 9.77  ? 26  ILE A N   1 
ATOM   54   C  CA  . ILE A 1 8   ? 9.881   -13.955 8.054   1.00 8.90  ? 26  ILE A CA  1 
ATOM   55   C  C   . ILE A 1 8   ? 10.836  -13.408 7.042   1.00 11.69 ? 26  ILE A C   1 
ATOM   56   O  O   . ILE A 1 8   ? 11.113  -12.218 6.993   1.00 9.83  ? 26  ILE A O   1 
ATOM   57   C  CB  . ILE A 1 8   ? 8.587   -14.341 7.307   1.00 10.16 ? 26  ILE A CB  1 
ATOM   58   C  CG1 . ILE A 1 8   ? 7.885   -13.108 6.743   1.00 11.07 ? 26  ILE A CG1 1 
ATOM   59   C  CG2 . ILE A 1 8   ? 7.597   -15.049 8.227   1.00 12.76 ? 26  ILE A CG2 1 
ATOM   60   C  CD1 . ILE A 1 8   ? 6.612   -13.433 5.907   1.00 12.57 ? 26  ILE A CD1 1 
ATOM   61   N  N   . GLN A 1 9   ? 11.315  -14.297 6.193   1.00 10.86 ? 27  GLN A N   1 
ATOM   62   C  CA  . GLN A 1 9   ? 12.090  -13.882 5.049   1.00 12.34 ? 27  GLN A CA  1 
ATOM   63   C  C   . GLN A 1 9   ? 11.083  -13.496 3.969   1.00 9.19  ? 27  GLN A C   1 
ATOM   64   O  O   . GLN A 1 9   ? 9.961   -13.994 3.917   1.00 10.17 ? 27  GLN A O   1 
ATOM   65   C  CB  . GLN A 1 9   ? 13.009  -15.017 4.558   1.00 13.84 ? 27  GLN A CB  1 
ATOM   66   C  CG  . GLN A 1 9   ? 14.070  -15.472 5.601   1.00 13.42 ? 27  GLN A CG  1 
ATOM   67   C  CD  . GLN A 1 9   ? 15.008  -14.337 6.045   1.00 22.85 ? 27  GLN A CD  1 
ATOM   68   O  OE1 . GLN A 1 9   ? 15.152  -13.322 5.366   1.00 41.53 ? 27  GLN A OE1 1 
ATOM   69   N  NE2 . GLN A 1 9   ? 15.657  -14.524 7.193   1.00 32.69 ? 27  GLN A NE2 1 
ATOM   70   N  N   . VAL A 1 10  ? 11.503  -12.605 3.094   1.00 9.96  ? 28  VAL A N   1 
ATOM   71   C  CA  . VAL A 1 10  ? 10.702  -12.250 1.933   1.00 9.09  ? 28  VAL A CA  1 
ATOM   72   C  C   . VAL A 1 10  ? 10.322  -13.461 1.094   1.00 10.42 ? 28  VAL A C   1 
ATOM   73   O  O   . VAL A 1 10  ? 9.235   -13.533 0.600   1.00 9.35  ? 28  VAL A O   1 
ATOM   74   C  CB  . VAL A 1 10  ? 11.433  -11.245 1.033   1.00 11.67 ? 28  VAL A CB  1 
ATOM   75   C  CG1 . VAL A 1 10  ? 10.622  -10.948 -0.213  1.00 13.79 ? 28  VAL A CG1 1 
ATOM   76   C  CG2 . VAL A 1 10  ? 11.652  -9.925  1.819   1.00 15.45 ? 28  VAL A CG2 1 
ATOM   77   N  N   . THR A 1 11  ? 11.199  -14.442 1.023   1.00 10.51 ? 29  THR A N   1 
ATOM   78   C  CA  . THR A 1 11  ? 10.874  -15.654 0.268   1.00 10.61 ? 29  THR A CA  1 
ATOM   79   C  C   . THR A 1 11  ? 9.772   -16.487 0.895   1.00 12.39 ? 29  THR A C   1 
ATOM   80   O  O   . THR A 1 11  ? 9.278   -17.421 0.271   1.00 10.98 ? 29  THR A O   1 
ATOM   81   C  CB  . THR A 1 11  ? 12.151  -16.544 0.073   1.00 12.30 ? 29  THR A CB  1 
ATOM   82   O  OG1 . THR A 1 11  ? 12.780  -16.732 1.346   1.00 12.03 ? 29  THR A OG1 1 
ATOM   83   C  CG2 . THR A 1 11  ? 13.175  -15.913 -0.904  1.00 12.08 ? 29  THR A CG2 1 
ATOM   84   N  N   . GLN A 1 12  ? 9.377   -16.160 2.119   1.00 10.33 ? 30  GLN A N   1 
ATOM   85   C  CA  . GLN A 1 12  ? 8.241   -16.843 2.745   1.00 10.58 ? 30  GLN A CA  1 
ATOM   86   C  C   . GLN A 1 12  ? 6.913   -16.172 2.486   1.00 11.69 ? 30  GLN A C   1 
ATOM   87   O  O   . GLN A 1 12  ? 5.857   -16.670 2.897   1.00 12.87 ? 30  GLN A O   1 
ATOM   88   C  CB  . GLN A 1 12  ? 8.423   -16.928 4.272   1.00 9.84  ? 30  GLN A CB  1 
ATOM   89   C  CG  . GLN A 1 12  ? 9.524   -17.867 4.641   1.00 11.26 ? 30  GLN A CG  1 
ATOM   90   C  CD  . GLN A 1 12  ? 9.815   -17.834 6.117   1.00 13.19 ? 30  GLN A CD  1 
ATOM   91   O  OE1 . GLN A 1 12  ? 10.635  -17.013 6.596   1.00 13.02 ? 30  GLN A OE1 1 
ATOM   92   N  NE2 . GLN A 1 12  ? 9.200   -18.766 6.846   1.00 19.20 ? 30  GLN A NE2 1 
HETATM 93   N  N   A MSE A 1 13  ? 6.965   -15.015 1.830   0.67 8.97  ? 31  MSE A N   1 
HETATM 94   N  N   B MSE A 1 13  ? 6.937   -15.065 1.781   0.33 10.43 ? 31  MSE A N   1 
HETATM 95   C  CA  A MSE A 1 13  ? 5.757   -14.294 1.415   0.67 9.85  ? 31  MSE A CA  1 
HETATM 96   C  CA  B MSE A 1 13  ? 5.687   -14.432 1.453   0.33 10.11 ? 31  MSE A CA  1 
HETATM 97   C  C   A MSE A 1 13  ? 5.115   -14.909 0.164   0.67 9.69  ? 31  MSE A C   1 
HETATM 98   C  C   B MSE A 1 13  ? 5.057   -15.057 0.239   0.33 10.03 ? 31  MSE A C   1 
HETATM 99   O  O   A MSE A 1 13  ? 5.796   -15.527 -0.682  0.67 6.99  ? 31  MSE A O   1 
HETATM 100  O  O   B MSE A 1 13  ? 5.683   -15.867 -0.458  0.33 8.93  ? 31  MSE A O   1 
HETATM 101  C  CB  A MSE A 1 13  ? 6.070   -12.802 1.125   0.67 11.79 ? 31  MSE A CB  1 
HETATM 102  C  CB  B MSE A 1 13  ? 5.910   -12.957 1.224   0.33 11.68 ? 31  MSE A CB  1 
HETATM 103  C  CG  A MSE A 1 13  ? 6.728   -12.046 2.284   0.67 12.93 ? 31  MSE A CG  1 
HETATM 104  C  CG  B MSE A 1 13  ? 6.317   -12.312 2.489   0.33 10.92 ? 31  MSE A CG  1 
HETATM 105  SE SE  A MSE A 1 13  ? 7.239   -10.227 1.896   0.50 11.21 ? 31  MSE A SE  1 
HETATM 106  SE SE  B MSE A 1 13  ? 6.361   -10.446 2.280   0.25 14.63 ? 31  MSE A SE  1 
HETATM 107  C  CE  A MSE A 1 13  ? 5.421   -9.603  2.083   0.67 10.63 ? 31  MSE A CE  1 
HETATM 108  C  CE  B MSE A 1 13  ? 6.803   -10.321 0.327   0.33 9.86  ? 31  MSE A CE  1 
ATOM   109  N  N   . PRO A 1 14  ? 3.796   -14.697 -0.017  1.00 10.56 ? 32  PRO A N   1 
ATOM   110  C  CA  . PRO A 1 14  ? 3.205   -15.176 -1.276  1.00 10.00 ? 32  PRO A CA  1 
ATOM   111  C  C   . PRO A 1 14  ? 3.977   -14.667 -2.486  1.00 8.88  ? 32  PRO A C   1 
ATOM   112  O  O   . PRO A 1 14  ? 4.489   -13.550 -2.477  1.00 10.05 ? 32  PRO A O   1 
ATOM   113  C  CB  . PRO A 1 14  ? 1.812   -14.553 -1.271  1.00 12.36 ? 32  PRO A CB  1 
ATOM   114  C  CG  . PRO A 1 14  ? 1.523   -14.370 0.205   1.00 14.23 ? 32  PRO A CG  1 
ATOM   115  C  CD  . PRO A 1 14  ? 2.828   -13.976 0.829   1.00 11.87 ? 32  PRO A CD  1 
ATOM   116  N  N   A GLN A 1 15  ? 3.984   -15.449 -3.550  0.50 9.35  ? 33  GLN A N   1 
ATOM   117  N  N   B GLN A 1 15  ? 4.024   -15.466 -3.548  0.50 8.86  ? 33  GLN A N   1 
ATOM   118  C  CA  A GLN A 1 15  ? 4.747   -15.062 -4.734  0.50 10.90 ? 33  GLN A CA  1 
ATOM   119  C  CA  B GLN A 1 15  ? 4.773   -15.052 -4.749  0.50 9.60  ? 33  GLN A CA  1 
ATOM   120  C  C   A GLN A 1 15  ? 4.221   -13.775 -5.362  0.50 11.00 ? 33  GLN A C   1 
ATOM   121  C  C   B GLN A 1 15  ? 4.231   -13.731 -5.298  0.50 10.21 ? 33  GLN A C   1 
ATOM   122  O  O   A GLN A 1 15  ? 4.983   -13.000 -5.937  0.50 10.45 ? 33  GLN A O   1 
ATOM   123  O  O   B GLN A 1 15  ? 4.992   -12.882 -5.742  0.50 9.27  ? 33  GLN A O   1 
ATOM   124  C  CB  A GLN A 1 15  ? 4.771   -16.189 -5.757  0.50 12.22 ? 33  GLN A CB  1 
ATOM   125  C  CB  B GLN A 1 15  ? 4.774   -16.115 -5.858  0.50 10.55 ? 33  GLN A CB  1 
ATOM   126  C  CG  A GLN A 1 15  ? 5.580   -15.873 -6.999  0.50 18.74 ? 33  GLN A CG  1 
ATOM   127  C  CG  B GLN A 1 15  ? 5.582   -17.418 -5.591  0.50 11.77 ? 33  GLN A CG  1 
ATOM   128  C  CD  A GLN A 1 15  ? 7.029   -15.509 -6.714  0.50 21.75 ? 33  GLN A CD  1 
ATOM   129  C  CD  B GLN A 1 15  ? 7.085   -17.237 -5.265  0.50 12.83 ? 33  GLN A CD  1 
ATOM   130  O  OE1 A GLN A 1 15  ? 7.626   -14.722 -7.446  0.50 20.07 ? 33  GLN A OE1 1 
ATOM   131  O  OE1 B GLN A 1 15  ? 7.788   -16.418 -5.875  0.50 15.45 ? 33  GLN A OE1 1 
ATOM   132  N  NE2 A GLN A 1 15  ? 7.604   -16.095 -5.673  0.50 28.37 ? 33  GLN A NE2 1 
ATOM   133  N  NE2 B GLN A 1 15  ? 7.578   -18.025 -4.294  0.50 13.11 ? 33  GLN A NE2 1 
ATOM   134  N  N   . LEU A 1 16  ? 2.913   -13.537 -5.268  1.00 9.06  ? 34  LEU A N   1 
ATOM   135  C  CA  . LEU A 1 16  ? 2.339   -12.302 -5.817  1.00 11.44 ? 34  LEU A CA  1 
ATOM   136  C  C   . LEU A 1 16  ? 2.929   -11.104 -5.128  1.00 9.17  ? 34  LEU A C   1 
ATOM   137  O  O   . LEU A 1 16  ? 3.158   -10.063 -5.750  1.00 11.07 ? 34  LEU A O   1 
ATOM   138  C  CB  . LEU A 1 16  ? 0.827   -12.261 -5.722  1.00 12.02 ? 34  LEU A CB  1 
ATOM   139  C  CG  . LEU A 1 16  ? 0.081   -13.050 -6.781  1.00 18.08 ? 34  LEU A CG  1 
ATOM   140  C  CD1 . LEU A 1 16  ? -1.408  -13.148 -6.369  1.00 16.90 ? 34  LEU A CD1 1 
ATOM   141  C  CD2 . LEU A 1 16  ? 0.271   -12.309 -8.132  1.00 21.06 ? 34  LEU A CD2 1 
ATOM   142  N  N   . ALA A 1 17  ? 3.181   -11.242 -3.839  1.00 9.16  ? 35  ALA A N   1 
ATOM   143  C  CA  . ALA A 1 17  ? 3.757   -10.172 -3.027  1.00 9.78  ? 35  ALA A CA  1 
ATOM   144  C  C   . ALA A 1 17  ? 5.234   -9.950  -3.313  1.00 9.54  ? 35  ALA A C   1 
ATOM   145  O  O   . ALA A 1 17  ? 5.693   -8.830  -3.484  1.00 9.97  ? 35  ALA A O   1 
ATOM   146  C  CB  . ALA A 1 17  ? 3.555   -10.431 -1.509  1.00 8.17  ? 35  ALA A CB  1 
ATOM   147  N  N   . GLN A 1 18  ? 5.974   -11.032 -3.453  1.00 7.76  ? 36  GLN A N   1 
ATOM   148  C  CA  . GLN A 1 18  ? 7.370   -10.990 -3.870  1.00 9.46  ? 36  GLN A CA  1 
ATOM   149  C  C   . GLN A 1 18  ? 7.501   -10.303 -5.230  1.00 8.28  ? 36  GLN A C   1 
ATOM   150  O  O   . GLN A 1 18  ? 8.384   -9.456  -5.473  1.00 9.51  ? 36  GLN A O   1 
ATOM   151  C  CB  . GLN A 1 18  ? 7.943   -12.393 -3.936  1.00 8.58  ? 36  GLN A CB  1 
ATOM   152  C  CG  . GLN A 1 18  ? 8.061   -13.052 -2.570  1.00 8.58  ? 36  GLN A CG  1 
ATOM   153  C  CD  . GLN A 1 18  ? 8.807   -14.344 -2.618  1.00 8.60  ? 36  GLN A CD  1 
ATOM   154  O  OE1 . GLN A 1 18  ? 9.952   -14.372 -3.068  1.00 10.67 ? 36  GLN A OE1 1 
ATOM   155  N  NE2 . GLN A 1 18  ? 8.153   -15.456 -2.241  1.00 9.61  ? 36  GLN A NE2 1 
ATOM   156  N  N   . GLN A 1 19  ? 6.592   -10.610 -6.132  1.00 9.61  ? 37  GLN A N   1 
ATOM   157  C  CA  . GLN A 1 19  ? 6.633   -9.987  -7.463  1.00 10.83 ? 37  GLN A CA  1 
ATOM   158  C  C   . GLN A 1 19  ? 6.322   -8.492  -7.388  1.00 9.84  ? 37  GLN A C   1 
ATOM   159  O  O   . GLN A 1 19  ? 6.954   -7.691  -8.051  1.00 10.43 ? 37  GLN A O   1 
ATOM   160  C  CB  . GLN A 1 19  ? 5.653   -10.679 -8.410  1.00 11.42 ? 37  GLN A CB  1 
ATOM   161  C  CG  . GLN A 1 19  ? 6.082   -12.117 -8.848  1.00 16.62 ? 37  GLN A CG  1 
ATOM   162  C  CD  . GLN A 1 19  ? 4.922   -13.010 -9.271  1.00 22.83 ? 37  GLN A CD  1 
ATOM   163  O  OE1 . GLN A 1 19  ? 5.050   -14.244 -9.277  1.00 28.98 ? 37  GLN A OE1 1 
ATOM   164  N  NE2 . GLN A 1 19  ? 3.789   -12.406 -9.591  1.00 23.41 ? 37  GLN A NE2 1 
ATOM   165  N  N   . PHE A 1 20  ? 5.392   -8.129  -6.530  1.00 9.36  ? 38  PHE A N   1 
ATOM   166  C  CA  . PHE A 1 20  ? 5.010   -6.736  -6.392  1.00 8.74  ? 38  PHE A CA  1 
ATOM   167  C  C   . PHE A 1 20  ? 6.182   -5.896  -5.900  1.00 10.17 ? 38  PHE A C   1 
ATOM   168  O  O   . PHE A 1 20  ? 6.432   -4.794  -6.366  1.00 9.84  ? 38  PHE A O   1 
ATOM   169  C  CB  . PHE A 1 20  ? 3.815   -6.634  -5.452  1.00 9.48  ? 38  PHE A CB  1 
ATOM   170  C  CG  . PHE A 1 20  ? 3.227   -5.243  -5.333  1.00 9.72  ? 38  PHE A CG  1 
ATOM   171  C  CD1 . PHE A 1 20  ? 2.247   -4.847  -6.188  1.00 12.79 ? 38  PHE A CD1 1 
ATOM   172  C  CD2 . PHE A 1 20  ? 3.603   -4.397  -4.323  1.00 13.22 ? 38  PHE A CD2 1 
ATOM   173  C  CE1 . PHE A 1 20  ? 1.667   -3.586  -6.052  1.00 13.29 ? 38  PHE A CE1 1 
ATOM   174  C  CE2 . PHE A 1 20  ? 2.979   -3.125  -4.194  1.00 11.30 ? 38  PHE A CE2 1 
ATOM   175  C  CZ  . PHE A 1 20  ? 2.026   -2.767  -5.080  1.00 13.03 ? 38  PHE A CZ  1 
ATOM   176  N  N   . ILE A 1 21  ? 6.901   -6.416  -4.914  1.00 9.50  ? 39  ILE A N   1 
ATOM   177  C  CA  . ILE A 1 21  ? 8.076   -5.736  -4.332  1.00 11.16 ? 39  ILE A CA  1 
ATOM   178  C  C   . ILE A 1 21  ? 9.148   -5.514  -5.398  1.00 10.51 ? 39  ILE A C   1 
ATOM   179  O  O   . ILE A 1 21  ? 9.704   -4.457  -5.534  1.00 11.54 ? 39  ILE A O   1 
ATOM   180  C  CB  . ILE A 1 21  ? 8.624   -6.585  -3.109  1.00 12.32 ? 39  ILE A CB  1 
ATOM   181  C  CG1 . ILE A 1 21  ? 7.594   -6.568  -1.956  1.00 15.15 ? 39  ILE A CG1 1 
ATOM   182  C  CG2 . ILE A 1 21  ? 10.015  -6.082  -2.635  1.00 14.59 ? 39  ILE A CG2 1 
ATOM   183  C  CD1 . ILE A 1 21  ? 7.890   -7.621  -0.974  1.00 16.30 ? 39  ILE A CD1 1 
ATOM   184  N  N   A LYS A 1 22  ? 9.402   -6.559  -6.163  0.60 9.88  ? 40  LYS A N   1 
ATOM   185  N  N   B LYS A 1 22  ? 9.402   -6.545  -6.194  0.40 9.60  ? 40  LYS A N   1 
ATOM   186  C  CA  A LYS A 1 22  ? 10.400  -6.474  -7.218  0.60 11.16 ? 40  LYS A CA  1 
ATOM   187  C  CA  B LYS A 1 22  ? 10.425  -6.469  -7.245  0.40 9.73  ? 40  LYS A CA  1 
ATOM   188  C  C   A LYS A 1 22  ? 9.957   -5.500  -8.294  0.60 9.83  ? 40  LYS A C   1 
ATOM   189  C  C   B LYS A 1 22  ? 9.977   -5.628  -8.435  0.40 9.61  ? 40  LYS A C   1 
ATOM   190  O  O   A LYS A 1 22  ? 10.774  -4.721  -8.802  0.60 12.66 ? 40  LYS A O   1 
ATOM   191  O  O   B LYS A 1 22  ? 10.806  -5.117  -9.217  0.40 9.05  ? 40  LYS A O   1 
ATOM   192  C  CB  A LYS A 1 22  ? 10.719  -7.863  -7.763  0.60 8.85  ? 40  LYS A CB  1 
ATOM   193  C  CB  B LYS A 1 22  ? 10.809  -7.872  -7.700  0.40 7.81  ? 40  LYS A CB  1 
ATOM   194  C  CG  A LYS A 1 22  ? 11.566  -8.599  -6.739  0.60 15.90 ? 40  LYS A CG  1 
ATOM   195  C  CG  B LYS A 1 22  ? 11.971  -8.458  -6.902  0.40 9.67  ? 40  LYS A CG  1 
ATOM   196  C  CD  A LYS A 1 22  ? 11.748  -10.063 -6.971  0.60 21.04 ? 40  LYS A CD  1 
ATOM   197  C  CD  B LYS A 1 22  ? 12.215  -9.931  -7.234  0.40 10.70 ? 40  LYS A CD  1 
ATOM   198  C  CE  A LYS A 1 22  ? 12.837  -10.588 -6.029  0.60 25.86 ? 40  LYS A CE  1 
ATOM   199  C  CE  B LYS A 1 22  ? 13.435  -10.501 -6.515  0.40 8.61  ? 40  LYS A CE  1 
ATOM   200  N  NZ  A LYS A 1 22  ? 14.186  -9.994  -6.311  0.60 26.77 ? 40  LYS A NZ  1 
ATOM   201  N  NZ  B LYS A 1 22  ? 13.430  -12.004 -6.432  0.40 9.90  ? 40  LYS A NZ  1 
ATOM   202  N  N   . GLN A 1 23  ? 8.671   -5.514  -8.603  1.00 11.41 ? 41  GLN A N   1 
ATOM   203  C  CA  . GLN A 1 23  ? 8.133   -4.656  -9.666  1.00 10.83 ? 41  GLN A CA  1 
ATOM   204  C  C   . GLN A 1 23  ? 8.252   -3.196  -9.301  1.00 11.10 ? 41  GLN A C   1 
ATOM   205  O  O   . GLN A 1 23  ? 8.699   -2.352  -10.111 1.00 12.60 ? 41  GLN A O   1 
ATOM   206  C  CB  . GLN A 1 23  ? 6.688   -4.983  -9.967  1.00 12.61 ? 41  GLN A CB  1 
ATOM   207  C  CG  . GLN A 1 23  ? 6.093   -4.141  -11.110 1.00 15.97 ? 41  GLN A CG  1 
ATOM   208  C  CD  . GLN A 1 23  ? 6.868   -4.308  -12.393 1.00 23.06 ? 41  GLN A CD  1 
ATOM   209  O  OE1 . GLN A 1 23  ? 7.291   -5.418  -12.728 1.00 32.49 ? 41  GLN A OE1 1 
ATOM   210  N  NE2 . GLN A 1 23  ? 7.099   -3.194  -13.104 1.00 31.36 ? 41  GLN A NE2 1 
ATOM   211  N  N   . HIS A 1 24  ? 7.836   -2.863  -8.086  1.00 8.98  ? 42  HIS A N   1 
ATOM   212  C  CA  . HIS A 1 24  ? 7.623   -1.435  -7.746  1.00 10.41 ? 42  HIS A CA  1 
ATOM   213  C  C   . HIS A 1 24  ? 8.587   -0.867  -6.753  1.00 10.66 ? 42  HIS A C   1 
ATOM   214  O  O   . HIS A 1 24  ? 8.661   0.363   -6.620  1.00 12.47 ? 42  HIS A O   1 
ATOM   215  C  CB  . HIS A 1 24  ? 6.232   -1.202  -7.190  1.00 10.30 ? 42  HIS A CB  1 
ATOM   216  C  CG  . HIS A 1 24  ? 5.150   -1.599  -8.126  1.00 8.96  ? 42  HIS A CG  1 
ATOM   217  N  ND1 . HIS A 1 24  ? 4.879   -0.910  -9.287  1.00 12.54 ? 42  HIS A ND1 1 
ATOM   218  C  CD2 . HIS A 1 24  ? 4.287   -2.644  -8.082  1.00 12.86 ? 42  HIS A CD2 1 
ATOM   219  C  CE1 . HIS A 1 24  ? 3.914   -1.542  -9.943  1.00 15.33 ? 42  HIS A CE1 1 
ATOM   220  N  NE2 . HIS A 1 24  ? 3.498   -2.572  -9.204  1.00 12.32 ? 42  HIS A NE2 1 
ATOM   221  N  N   . PHE A 1 25  ? 9.348   -1.728  -6.091  1.00 10.47 ? 43  PHE A N   1 
ATOM   222  C  CA  . PHE A 1 25  ? 10.261  -1.278  -5.032  1.00 11.61 ? 43  PHE A CA  1 
ATOM   223  C  C   . PHE A 1 25  ? 11.682  -1.805  -5.228  1.00 14.03 ? 43  PHE A C   1 
ATOM   224  O  O   . PHE A 1 25  ? 12.419  -2.085  -4.268  1.00 13.33 ? 43  PHE A O   1 
ATOM   225  C  CB  . PHE A 1 25  ? 9.672   -1.681  -3.682  1.00 11.97 ? 43  PHE A CB  1 
ATOM   226  C  CG  . PHE A 1 25  ? 8.439   -0.903  -3.354  1.00 11.24 ? 43  PHE A CG  1 
ATOM   227  C  CD1 . PHE A 1 25  ? 8.556   0.327   -2.727  1.00 14.72 ? 43  PHE A CD1 1 
ATOM   228  C  CD2 . PHE A 1 25  ? 7.187   -1.371  -3.679  1.00 11.67 ? 43  PHE A CD2 1 
ATOM   229  C  CE1 . PHE A 1 25  ? 7.432   1.072   -2.429  1.00 18.12 ? 43  PHE A CE1 1 
ATOM   230  C  CE2 . PHE A 1 25  ? 6.082   -0.606  -3.401  1.00 12.54 ? 43  PHE A CE2 1 
ATOM   231  C  CZ  . PHE A 1 25  ? 6.202   0.601   -2.780  1.00 12.94 ? 43  PHE A CZ  1 
ATOM   232  N  N   . SER A 1 26  ? 12.070  -1.901  -6.502  1.00 14.87 ? 44  SER A N   1 
ATOM   233  C  CA  . SER A 1 26  ? 13.348  -2.514  -6.871  1.00 21.05 ? 44  SER A CA  1 
ATOM   234  C  C   . SER A 1 26  ? 14.515  -1.730  -6.262  1.00 21.08 ? 44  SER A C   1 
ATOM   235  O  O   . SER A 1 26  ? 15.557  -2.330  -5.969  1.00 26.03 ? 44  SER A O   1 
ATOM   236  C  CB  . SER A 1 26  ? 13.525  -2.613  -8.417  1.00 17.31 ? 44  SER A CB  1 
ATOM   237  O  OG  . SER A 1 26  ? 13.338  -1.359  -9.052  1.00 26.73 ? 44  SER A OG  1 
ATOM   238  N  N   . ASP A 1 27  ? 14.291  -0.447  -5.990  1.00 22.93 ? 45  ASP A N   1 
ATOM   239  C  CA  . ASP A 1 27  ? 15.360  0.479   -5.579  1.00 27.44 ? 45  ASP A CA  1 
ATOM   240  C  C   . ASP A 1 27  ? 15.375  0.644   -4.086  1.00 26.03 ? 45  ASP A C   1 
ATOM   241  O  O   . ASP A 1 27  ? 16.165  1.426   -3.545  1.00 27.28 ? 45  ASP A O   1 
ATOM   242  C  CB  . ASP A 1 27  ? 15.173  1.868   -6.200  1.00 28.19 ? 45  ASP A CB  1 
ATOM   243  N  N   . SER A 1 28  ? 14.480  -0.071  -3.418  1.00 18.75 ? 46  SER A N   1 
ATOM   244  C  CA  . SER A 1 28  ? 14.368  0.044   -1.952  1.00 16.55 ? 46  SER A CA  1 
ATOM   245  C  C   . SER A 1 28  ? 14.983  -1.210  -1.357  1.00 17.02 ? 46  SER A C   1 
ATOM   246  O  O   . SER A 1 28  ? 15.193  -2.192  -2.053  1.00 18.72 ? 46  SER A O   1 
ATOM   247  C  CB  . SER A 1 28  ? 12.904  0.204   -1.533  1.00 18.32 ? 46  SER A CB  1 
ATOM   248  O  OG  . SER A 1 28  ? 12.321  1.424   -1.979  1.00 17.93 ? 46  SER A OG  1 
ATOM   249  N  N   A LYS A 1 29  ? 15.294  -1.150  -0.068  0.50 13.78 ? 47  LYS A N   1 
ATOM   250  N  N   B LYS A 1 29  ? 15.323  -1.153  -0.073  0.50 13.18 ? 47  LYS A N   1 
ATOM   251  C  CA  A LYS A 1 29  ? 15.834  -2.298  0.635   0.50 12.88 ? 47  LYS A CA  1 
ATOM   252  C  CA  B LYS A 1 29  ? 15.866  -2.311  0.631   0.50 11.71 ? 47  LYS A CA  1 
ATOM   253  C  C   A LYS A 1 29  ? 14.892  -2.706  1.764   0.50 10.88 ? 47  LYS A C   1 
ATOM   254  C  C   B LYS A 1 29  ? 14.915  -2.709  1.762   0.50 10.42 ? 47  LYS A C   1 
ATOM   255  O  O   A LYS A 1 29  ? 14.377  -1.887  2.506   0.50 11.71 ? 47  LYS A O   1 
ATOM   256  O  O   B LYS A 1 29  ? 14.414  -1.881  2.503   0.50 11.62 ? 47  LYS A O   1 
ATOM   257  C  CB  A LYS A 1 29  ? 17.218  -1.999  1.198   0.50 15.95 ? 47  LYS A CB  1 
ATOM   258  C  CB  B LYS A 1 29  ? 17.261  -2.027  1.197   0.50 14.82 ? 47  LYS A CB  1 
ATOM   259  C  CG  A LYS A 1 29  ? 17.881  -3.205  1.810   0.50 15.43 ? 47  LYS A CG  1 
ATOM   260  C  CG  B LYS A 1 29  ? 18.302  -1.660  0.148   0.50 11.41 ? 47  LYS A CG  1 
ATOM   261  N  N   . VAL A 1 30  ? 14.689  -4.006  1.883   1.00 12.02 ? 48  VAL A N   1 
ATOM   262  C  CA  . VAL A 1 30  ? 13.827  -4.567  2.912   1.00 11.64 ? 48  VAL A CA  1 
ATOM   263  C  C   . VAL A 1 30  ? 14.510  -4.535  4.275   1.00 10.99 ? 48  VAL A C   1 
ATOM   264  O  O   . VAL A 1 30  ? 15.594  -5.089  4.467   1.00 13.23 ? 48  VAL A O   1 
ATOM   265  C  CB  . VAL A 1 30  ? 13.343  -5.988  2.583   1.00 13.66 ? 48  VAL A CB  1 
ATOM   266  C  CG1 . VAL A 1 30  ? 12.506  -6.576  3.739   1.00 13.45 ? 48  VAL A CG1 1 
ATOM   267  C  CG2 . VAL A 1 30  ? 12.484  -5.929  1.285   1.00 11.38 ? 48  VAL A CG2 1 
ATOM   268  N  N   . ALA A 1 31  ? 13.870  -3.866  5.220   1.00 7.35  ? 49  ALA A N   1 
ATOM   269  C  CA  . ALA A 1 31  ? 14.306  -3.841  6.635   1.00 7.20  ? 49  ALA A CA  1 
ATOM   270  C  C   . ALA A 1 31  ? 13.709  -4.982  7.466   1.00 8.41  ? 49  ALA A C   1 
ATOM   271  O  O   . ALA A 1 31  ? 14.383  -5.579  8.300   1.00 8.73  ? 49  ALA A O   1 
ATOM   272  C  CB  . ALA A 1 31  ? 13.945  -2.439  7.267   1.00 7.60  ? 49  ALA A CB  1 
ATOM   273  N  N   . LEU A 1 32  ? 12.444  -5.288  7.243   1.00 7.51  ? 50  LEU A N   1 
ATOM   274  C  CA  . LEU A 1 32  ? 11.761  -6.305  8.014   1.00 9.48  ? 50  LEU A CA  1 
ATOM   275  C  C   . LEU A 1 32  ? 10.553  -6.746  7.209   1.00 9.89  ? 50  LEU A C   1 
ATOM   276  O  O   . LEU A 1 32  ? 9.838   -5.923  6.688   1.00 11.00 ? 50  LEU A O   1 
ATOM   277  C  CB  . LEU A 1 32  ? 11.231  -5.781  9.373   1.00 10.84 ? 50  LEU A CB  1 
ATOM   278  C  CG  . LEU A 1 32  ? 10.336  -6.802  10.119  1.00 15.41 ? 50  LEU A CG  1 
ATOM   279  C  CD1 . LEU A 1 32  ? 11.064  -8.055  10.628  1.00 21.41 ? 50  LEU A CD1 1 
ATOM   280  C  CD2 . LEU A 1 32  ? 9.642   -6.097  11.295  1.00 21.14 ? 50  LEU A CD2 1 
ATOM   281  N  N   . ALA A 1 33  ? 10.331  -8.047  7.158   1.00 7.84  ? 51  ALA A N   1 
ATOM   282  C  CA  . ALA A 1 33  ? 9.090   -8.677  6.656   1.00 9.33  ? 51  ALA A CA  1 
ATOM   283  C  C   . ALA A 1 33  ? 8.473   -9.488  7.779   1.00 9.33  ? 51  ALA A C   1 
ATOM   284  O  O   . ALA A 1 33  ? 9.193   -10.107 8.580   1.00 9.85  ? 51  ALA A O   1 
ATOM   285  C  CB  . ALA A 1 33  ? 9.373   -9.580  5.441   1.00 11.32 ? 51  ALA A CB  1 
ATOM   286  N  N   . LYS A 1 34  ? 7.151   -9.460  7.885   1.00 9.01  ? 52  LYS A N   1 
ATOM   287  C  CA  . LYS A 1 34  ? 6.479   -10.233 8.918   1.00 8.82  ? 52  LYS A CA  1 
ATOM   288  C  C   . LYS A 1 34  ? 5.115   -10.722 8.437   1.00 7.47  ? 52  LYS A C   1 
ATOM   289  O  O   . LYS A 1 34  ? 4.490   -10.118 7.588   1.00 8.71  ? 52  LYS A O   1 
ATOM   290  C  CB  . LYS A 1 34  ? 6.307   -9.441  10.214  1.00 11.39 ? 52  LYS A CB  1 
ATOM   291  C  CG  . LYS A 1 34  ? 5.288   -8.352  10.121  1.00 14.21 ? 52  LYS A CG  1 
ATOM   292  C  CD  . LYS A 1 34  ? 5.116   -7.589  11.452  1.00 15.88 ? 52  LYS A CD  1 
ATOM   293  C  CE  . LYS A 1 34  ? 3.871   -6.694  11.430  1.00 19.75 ? 52  LYS A CE  1 
ATOM   294  N  NZ  . LYS A 1 34  ? 3.897   -5.703  12.575  1.00 21.60 ? 52  LYS A NZ  1 
HETATM 295  N  N   . MSE A 1 35  ? 4.662   -11.809 9.039   1.00 9.28  ? 53  MSE A N   1 
HETATM 296  C  CA  . MSE A 1 35  ? 3.293   -12.221 9.020   1.00 10.39 ? 53  MSE A CA  1 
HETATM 297  C  C   . MSE A 1 35  ? 2.603   -11.638 10.250  1.00 11.76 ? 53  MSE A C   1 
HETATM 298  O  O   . MSE A 1 35  ? 3.073   -11.751 11.392  1.00 11.02 ? 53  MSE A O   1 
HETATM 299  C  CB  . MSE A 1 35  ? 3.204   -13.734 9.060   1.00 11.41 ? 53  MSE A CB  1 
HETATM 300  C  CG  . MSE A 1 35  ? 1.817   -14.205 8.707   1.00 10.71 ? 53  MSE A CG  1 
HETATM 301  SE SE  . MSE A 1 35  ? 1.533   -16.134 8.636   0.75 20.07 ? 53  MSE A SE  1 
HETATM 302  C  CE  . MSE A 1 35  ? 2.054   -16.400 10.441  1.00 24.20 ? 53  MSE A CE  1 
ATOM   303  N  N   . GLU A 1 36  ? 1.471   -10.993 9.971   1.00 9.30  ? 54  GLU A N   1 
ATOM   304  C  CA  . GLU A 1 36  ? 0.613   -10.324 10.971  1.00 7.96  ? 54  GLU A CA  1 
ATOM   305  C  C   . GLU A 1 36  ? -0.653  -11.139 11.037  1.00 9.83  ? 54  GLU A C   1 
ATOM   306  O  O   . GLU A 1 36  ? -1.170  -11.577 10.020  1.00 10.11 ? 54  GLU A O   1 
ATOM   307  C  CB  . GLU A 1 36  ? 0.390   -8.886  10.565  1.00 8.85  ? 54  GLU A CB  1 
ATOM   308  C  CG  . GLU A 1 36  ? -0.517  -8.095  11.496  1.00 11.14 ? 54  GLU A CG  1 
ATOM   309  C  CD  . GLU A 1 36  ? -0.869  -6.719  10.930  1.00 9.05  ? 54  GLU A CD  1 
ATOM   310  O  OE1 . GLU A 1 36  ? 0.075   -6.037  10.504  1.00 10.76 ? 54  GLU A OE1 1 
ATOM   311  O  OE2 . GLU A 1 36  ? -2.064  -6.353  10.902  1.00 11.08 ? 54  GLU A OE2 1 
ATOM   312  N  N   . SER A 1 37  ? -1.146  -11.392 12.228  1.00 9.68  ? 55  SER A N   1 
ATOM   313  C  CA  . SER A 1 37  ? -2.351  -12.216 12.322  1.00 9.71  ? 55  SER A CA  1 
ATOM   314  C  C   . SER A 1 37  ? -3.078  -12.028 13.615  1.00 12.82 ? 55  SER A C   1 
ATOM   315  O  O   . SER A 1 37  ? -2.527  -11.484 14.595  1.00 11.67 ? 55  SER A O   1 
ATOM   316  C  CB  . SER A 1 37  ? -2.027  -13.705 12.110  1.00 10.68 ? 55  SER A CB  1 
ATOM   317  O  OG  . SER A 1 37  ? -1.271  -14.171 13.209  1.00 13.01 ? 55  SER A OG  1 
ATOM   318  N  N   . ASP A 1 38  ? -4.344  -12.440 13.574  1.00 10.61 ? 56  ASP A N   1 
ATOM   319  C  CA  . ASP A 1 38  ? -5.137  -12.614 14.792  1.00 10.23 ? 56  ASP A CA  1 
ATOM   320  C  C   . ASP A 1 38  ? -6.068  -13.785 14.508  1.00 11.04 ? 56  ASP A C   1 
ATOM   321  O  O   . ASP A 1 38  ? -5.841  -14.537 13.541  1.00 12.75 ? 56  ASP A O   1 
ATOM   322  C  CB  . ASP A 1 38  ? -5.930  -11.324 15.122  1.00 11.07 ? 56  ASP A CB  1 
ATOM   323  C  CG  . ASP A 1 38  ? -6.320  -11.218 16.600  1.00 14.84 ? 56  ASP A CG  1 
ATOM   324  O  OD1 . ASP A 1 38  ? -5.499  -10.732 17.436  1.00 13.99 ? 56  ASP A OD1 1 
ATOM   325  O  OD2 . ASP A 1 38  ? -7.470  -11.609 16.929  1.00 16.60 ? 56  ASP A OD2 1 
ATOM   326  N  N   . PHE A 1 39  ? -7.125  -13.954 15.313  1.00 12.04 ? 57  PHE A N   1 
ATOM   327  C  CA  . PHE A 1 39  ? -7.968  -15.136 15.129  1.00 11.59 ? 57  PHE A CA  1 
ATOM   328  C  C   . PHE A 1 39  ? -8.603  -15.238 13.745  1.00 12.77 ? 57  PHE A C   1 
ATOM   329  O  O   . PHE A 1 39  ? -8.786  -16.334 13.213  1.00 14.97 ? 57  PHE A O   1 
ATOM   330  C  CB  . PHE A 1 39  ? -9.048  -15.233 16.197  1.00 12.85 ? 57  PHE A CB  1 
ATOM   331  C  CG  . PHE A 1 39  ? -8.492  -15.493 17.577  1.00 15.34 ? 57  PHE A CG  1 
ATOM   332  C  CD1 . PHE A 1 39  ? -7.729  -16.626 17.836  1.00 15.51 ? 57  PHE A CD1 1 
ATOM   333  C  CD2 . PHE A 1 39  ? -8.718  -14.595 18.598  1.00 16.76 ? 57  PHE A CD2 1 
ATOM   334  C  CE1 . PHE A 1 39  ? -7.232  -16.863 19.124  1.00 17.88 ? 57  PHE A CE1 1 
ATOM   335  C  CE2 . PHE A 1 39  ? -8.209  -14.831 19.873  1.00 23.75 ? 57  PHE A CE2 1 
ATOM   336  C  CZ  . PHE A 1 39  ? -7.458  -15.961 20.118  1.00 17.51 ? 57  PHE A CZ  1 
ATOM   337  N  N   . LEU A 1 40  ? -8.952  -14.107 13.171  1.00 11.20 ? 58  LEU A N   1 
ATOM   338  C  CA  . LEU A 1 40  ? -9.749  -14.097 11.985  1.00 12.73 ? 58  LEU A CA  1 
ATOM   339  C  C   . LEU A 1 40  ? -9.076  -13.400 10.810  1.00 10.26 ? 58  LEU A C   1 
ATOM   340  O  O   . LEU A 1 40  ? -9.738  -13.100 9.833   1.00 13.10 ? 58  LEU A O   1 
ATOM   341  C  CB  . LEU A 1 40  ? -11.114 -13.509 12.284  1.00 16.42 ? 58  LEU A CB  1 
ATOM   342  C  CG  . LEU A 1 40  ? -11.929 -14.498 13.151  1.00 23.15 ? 58  LEU A CG  1 
ATOM   343  C  CD1 . LEU A 1 40  ? -13.149 -13.790 13.698  1.00 27.46 ? 58  LEU A CD1 1 
ATOM   344  C  CD2 . LEU A 1 40  ? -12.316 -15.761 12.351  1.00 19.84 ? 58  LEU A CD2 1 
ATOM   345  N  N   . TYR A 1 41  ? -7.761  -13.141 10.882  1.00 9.76  ? 59  TYR A N   1 
ATOM   346  C  CA  . TYR A 1 41  ? -7.057  -12.689 9.685   1.00 9.39  ? 59  TYR A CA  1 
ATOM   347  C  C   . TYR A 1 41  ? -5.593  -13.049 9.746   1.00 9.18  ? 59  TYR A C   1 
ATOM   348  O  O   . TYR A 1 41  ? -5.022  -13.324 10.774  1.00 10.47 ? 59  TYR A O   1 
ATOM   349  C  CB  . TYR A 1 41  ? -7.222  -11.219 9.498   1.00 9.93  ? 59  TYR A CB  1 
ATOM   350  C  CG  . TYR A 1 41  ? -6.249  -10.344 10.279  1.00 8.66  ? 59  TYR A CG  1 
ATOM   351  C  CD1 . TYR A 1 41  ? -6.474  -9.987  11.602  1.00 6.77  ? 59  TYR A CD1 1 
ATOM   352  C  CD2 . TYR A 1 41  ? -5.128  -9.825  9.665   1.00 8.24  ? 59  TYR A CD2 1 
ATOM   353  C  CE1 . TYR A 1 41  ? -5.607  -9.132  12.292  1.00 7.26  ? 59  TYR A CE1 1 
ATOM   354  C  CE2 . TYR A 1 41  ? -4.254  -8.989  10.345  1.00 10.03 ? 59  TYR A CE2 1 
ATOM   355  C  CZ  . TYR A 1 41  ? -4.511  -8.596  11.667  1.00 8.83  ? 59  TYR A CZ  1 
ATOM   356  O  OH  . TYR A 1 41  ? -3.670  -7.706  12.382  1.00 10.20 ? 59  TYR A OH  1 
ATOM   357  N  N   . LYS A 1 42  ? -5.025  -12.996 8.546   1.00 8.18  ? 60  LYS A N   1 
ATOM   358  C  CA  . LYS A 1 42  ? -3.603  -13.070 8.263   1.00 9.23  ? 60  LYS A CA  1 
ATOM   359  C  C   . LYS A 1 42  ? -3.239  -12.098 7.184   1.00 9.02  ? 60  LYS A C   1 
ATOM   360  O  O   . LYS A 1 42  ? -3.957  -11.935 6.208   1.00 12.17 ? 60  LYS A O   1 
ATOM   361  C  CB  . LYS A 1 42  ? -3.287  -14.473 7.772   1.00 11.64 ? 60  LYS A CB  1 
ATOM   362  C  CG  . LYS A 1 42  ? -1.863  -14.779 7.649   1.00 18.37 ? 60  LYS A CG  1 
ATOM   363  N  N   . SER A 1 43  ? -2.158  -11.382 7.395   1.00 9.38  ? 61  SER A N   1 
ATOM   364  C  CA  . SER A 1 43  ? -1.596  -10.525 6.372   1.00 10.51 ? 61  SER A CA  1 
ATOM   365  C  C   . SER A 1 43  ? -0.102  -10.531 6.460   1.00 7.94  ? 61  SER A C   1 
ATOM   366  O  O   . SER A 1 43  ? 0.477   -11.133 7.349   1.00 8.97  ? 61  SER A O   1 
ATOM   367  C  CB  . SER A 1 43  ? -2.059  -9.071  6.516   1.00 10.37 ? 61  SER A CB  1 
ATOM   368  O  OG  . SER A 1 43  ? -1.655  -8.606  7.772   1.00 13.03 ? 61  SER A OG  1 
ATOM   369  N  N   . TYR A 1 44  ? 0.538   -9.877  5.486   1.00 8.76  ? 62  TYR A N   1 
ATOM   370  C  CA  . TYR A 1 44  ? 1.975   -9.804  5.409   1.00 8.91  ? 62  TYR A CA  1 
ATOM   371  C  C   . TYR A 1 44  ? 2.366   -8.362  5.297   1.00 9.52  ? 62  TYR A C   1 
ATOM   372  O  O   . TYR A 1 44  ? 1.858   -7.661  4.432   1.00 10.01 ? 62  TYR A O   1 
ATOM   373  C  CB  . TYR A 1 44  ? 2.477   -10.570 4.162   1.00 9.46  ? 62  TYR A CB  1 
ATOM   374  C  CG  . TYR A 1 44  ? 2.230   -12.044 4.229   1.00 11.10 ? 62  TYR A CG  1 
ATOM   375  C  CD1 . TYR A 1 44  ? 3.080   -12.906 4.895   1.00 11.71 ? 62  TYR A CD1 1 
ATOM   376  C  CD2 . TYR A 1 44  ? 1.094   -12.570 3.652   1.00 9.73  ? 62  TYR A CD2 1 
ATOM   377  C  CE1 . TYR A 1 44  ? 2.818   -14.256 4.943   1.00 12.38 ? 62  TYR A CE1 1 
ATOM   378  C  CE2 . TYR A 1 44  ? 0.790   -13.910 3.726   1.00 11.17 ? 62  TYR A CE2 1 
ATOM   379  C  CZ  . TYR A 1 44  ? 1.651   -14.742 4.363   1.00 12.60 ? 62  TYR A CZ  1 
ATOM   380  O  OH  . TYR A 1 44  ? 1.336   -16.107 4.405   1.00 17.61 ? 62  TYR A OH  1 
ATOM   381  N  N   . GLU A 1 45  ? 3.345   -7.901  6.078   1.00 8.61  ? 63  GLU A N   1 
ATOM   382  C  CA  . GLU A 1 45  ? 3.839   -6.538  5.980   1.00 7.46  ? 63  GLU A CA  1 
ATOM   383  C  C   . GLU A 1 45  ? 5.328   -6.581  5.668   1.00 9.28  ? 63  GLU A C   1 
ATOM   384  O  O   . GLU A 1 45  ? 6.086   -7.390  6.219   1.00 9.98  ? 63  GLU A O   1 
ATOM   385  C  CB  . GLU A 1 45  ? 3.641   -5.752  7.297   1.00 9.08  ? 63  GLU A CB  1 
ATOM   386  C  CG  . GLU A 1 45  ? 2.186   -5.355  7.662   1.00 11.02 ? 63  GLU A CG  1 
ATOM   387  C  CD  . GLU A 1 45  ? 2.056   -4.333  8.756   1.00 13.90 ? 63  GLU A CD  1 
ATOM   388  O  OE1 . GLU A 1 45  ? 2.961   -4.114  9.577   1.00 13.33 ? 63  GLU A OE1 1 
ATOM   389  O  OE2 . GLU A 1 45  ? 0.964   -3.748  8.828   1.00 12.81 ? 63  GLU A OE2 1 
ATOM   390  N  N   A VAL A 1 46  ? 5.762   -5.694  4.783   0.50 9.93  ? 64  VAL A N   1 
ATOM   391  N  N   B VAL A 1 46  ? 5.735   -5.644  4.831   0.50 9.55  ? 64  VAL A N   1 
ATOM   392  C  CA  A VAL A 1 46  ? 7.187   -5.468  4.518   0.50 11.03 ? 64  VAL A CA  1 
ATOM   393  C  CA  B VAL A 1 46  ? 7.134   -5.375  4.544   0.50 9.37  ? 64  VAL A CA  1 
ATOM   394  C  C   A VAL A 1 46  ? 7.502   -4.008  4.707   0.50 9.71  ? 64  VAL A C   1 
ATOM   395  C  C   B VAL A 1 46  ? 7.428   -3.946  4.818   0.50 10.01 ? 64  VAL A C   1 
ATOM   396  O  O   A VAL A 1 46  ? 6.824   -3.166  4.142   0.50 8.09  ? 64  VAL A O   1 
ATOM   397  O  O   B VAL A 1 46  ? 6.692   -3.067  4.436   0.50 9.73  ? 64  VAL A O   1 
ATOM   398  C  CB  A VAL A 1 46  ? 7.574   -5.984  3.088   0.50 11.62 ? 64  VAL A CB  1 
ATOM   399  C  CB  B VAL A 1 46  ? 7.450   -5.694  3.086   0.50 6.71  ? 64  VAL A CB  1 
ATOM   400  C  CG1 A VAL A 1 46  ? 6.878   -5.177  1.965   0.50 9.58  ? 64  VAL A CG1 1 
ATOM   401  C  CG1 B VAL A 1 46  ? 8.940   -5.318  2.719   0.50 11.92 ? 64  VAL A CG1 1 
ATOM   402  C  CG2 A VAL A 1 46  ? 9.105   -6.032  2.881   0.50 13.09 ? 64  VAL A CG2 1 
ATOM   403  C  CG2 B VAL A 1 46  ? 7.136   -7.177  2.802   0.50 12.95 ? 64  VAL A CG2 1 
ATOM   404  N  N   . ILE A 1 47  ? 8.489   -3.704  5.562   1.00 10.11 ? 65  ILE A N   1 
ATOM   405  C  CA  . ILE A 1 47  ? 8.937   -2.344  5.835   1.00 9.25  ? 65  ILE A CA  1 
ATOM   406  C  C   . ILE A 1 47  ? 10.304  -2.196  5.181   1.00 9.31  ? 65  ILE A C   1 
ATOM   407  O  O   . ILE A 1 47  ? 11.191  -3.050  5.329   1.00 8.88  ? 65  ILE A O   1 
ATOM   408  C  CB  . ILE A 1 47  ? 9.039   -2.036  7.374   1.00 13.58 ? 65  ILE A CB  1 
ATOM   409  C  CG1 . ILE A 1 47  ? 7.722   -2.359  8.076   1.00 19.70 ? 65  ILE A CG1 1 
ATOM   410  C  CG2 . ILE A 1 47  ? 9.493   -0.587  7.604   1.00 14.18 ? 65  ILE A CG2 1 
ATOM   411  C  CD1 . ILE A 1 47  ? 7.462   -3.809  8.216   1.00 26.20 ? 65  ILE A CD1 1 
ATOM   412  N  N   . PHE A 1 48  ? 10.510  -1.089  4.484   1.00 9.01  ? 66  PHE A N   1 
ATOM   413  C  CA  . PHE A 1 48  ? 11.755  -0.827  3.777   1.00 8.63  ? 66  PHE A CA  1 
ATOM   414  C  C   . PHE A 1 48  ? 12.653  0.026   4.677   1.00 9.15  ? 66  PHE A C   1 
ATOM   415  O  O   . PHE A 1 48  ? 12.184  0.589   5.682   1.00 9.65  ? 66  PHE A O   1 
ATOM   416  C  CB  . PHE A 1 48  ? 11.426  -0.124  2.479   1.00 10.06 ? 66  PHE A CB  1 
ATOM   417  C  CG  . PHE A 1 48  ? 10.660  -0.977  1.531   1.00 10.94 ? 66  PHE A CG  1 
ATOM   418  C  CD1 . PHE A 1 48  ? 11.280  -2.038  0.844   1.00 10.51 ? 66  PHE A CD1 1 
ATOM   419  C  CD2 . PHE A 1 48  ? 9.312   -0.735  1.300   1.00 12.65 ? 66  PHE A CD2 1 
ATOM   420  C  CE1 . PHE A 1 48  ? 10.551  -2.829  -0.040  1.00 11.75 ? 66  PHE A CE1 1 
ATOM   421  C  CE2 . PHE A 1 48  ? 8.604   -1.538  0.384   1.00 13.48 ? 66  PHE A CE2 1 
ATOM   422  C  CZ  . PHE A 1 48  ? 9.199   -2.578  -0.252  1.00 12.62 ? 66  PHE A CZ  1 
ATOM   423  N  N   . THR A 1 49  ? 13.928  0.095   4.335   1.00 9.94  ? 67  THR A N   1 
ATOM   424  C  CA  . THR A 1 49  ? 14.877  0.801   5.196   1.00 8.98  ? 67  THR A CA  1 
ATOM   425  C  C   . THR A 1 49  ? 14.625  2.317   5.238   1.00 8.90  ? 67  THR A C   1 
ATOM   426  O  O   . THR A 1 49  ? 15.165  3.013   6.093   1.00 11.18 ? 67  THR A O   1 
ATOM   427  C  CB  . THR A 1 49  ? 16.310  0.509   4.739   1.00 9.44  ? 67  THR A CB  1 
ATOM   428  O  OG1 . THR A 1 49  ? 16.459  0.896   3.364   1.00 13.40 ? 67  THR A OG1 1 
ATOM   429  C  CG2 . THR A 1 49  ? 16.657  -0.982  4.922   1.00 9.95  ? 67  THR A CG2 1 
ATOM   430  N  N   . ASN A 1 50  ? 13.838  2.828   4.306   1.00 8.75  ? 68  ASN A N   1 
ATOM   431  C  CA  . ASN A 1 50  ? 13.414  4.220   4.328   1.00 10.81 ? 68  ASN A CA  1 
ATOM   432  C  C   . ASN A 1 50  ? 12.126  4.471   5.095   1.00 8.62  ? 68  ASN A C   1 
ATOM   433  O  O   . ASN A 1 50  ? 11.632  5.608   5.114   1.00 9.88  ? 68  ASN A O   1 
ATOM   434  C  CB  . ASN A 1 50  ? 13.272  4.832   2.919   1.00 11.25 ? 68  ASN A CB  1 
ATOM   435  C  CG  . ASN A 1 50  ? 12.220  4.150   2.096   1.00 12.69 ? 68  ASN A CG  1 
ATOM   436  O  OD1 . ASN A 1 50  ? 11.438  3.336   2.607   1.00 11.27 ? 68  ASN A OD1 1 
ATOM   437  N  ND2 . ASN A 1 50  ? 12.200  4.481   0.786   1.00 14.36 ? 68  ASN A ND2 1 
ATOM   438  N  N   . GLY A 1 51  ? 11.580  3.427   5.724   1.00 9.07  ? 69  GLY A N   1 
ATOM   439  C  CA  . GLY A 1 51  ? 10.375  3.562   6.540   1.00 9.07  ? 69  GLY A CA  1 
ATOM   440  C  C   . GLY A 1 51  ? 9.066   3.330   5.806   1.00 10.83 ? 69  GLY A C   1 
ATOM   441  O  O   . GLY A 1 51  ? 8.018   3.224   6.407   1.00 11.43 ? 69  GLY A O   1 
ATOM   442  N  N   . ASN A 1 52  ? 9.118   3.205   4.489   1.00 9.46  ? 70  ASN A N   1 
ATOM   443  C  CA  . ASN A 1 52  ? 7.894   2.886   3.744   1.00 10.68 ? 70  ASN A CA  1 
ATOM   444  C  C   . ASN A 1 52  ? 7.460   1.440   3.977   1.00 9.92  ? 70  ASN A C   1 
ATOM   445  O  O   . ASN A 1 52  ? 8.296   0.631   4.415   1.00 10.28 ? 70  ASN A O   1 
ATOM   446  C  CB  . ASN A 1 52  ? 8.124   3.130   2.248   1.00 8.70  ? 70  ASN A CB  1 
ATOM   447  C  CG  . ASN A 1 52  ? 8.251   4.597   1.917   1.00 8.64  ? 70  ASN A CG  1 
ATOM   448  O  OD1 . ASN A 1 52  ? 7.846   5.442   2.708   1.00 10.91 ? 70  ASN A OD1 1 
ATOM   449  N  ND2 . ASN A 1 52  ? 8.819   4.883   0.730   1.00 10.57 ? 70  ASN A ND2 1 
ATOM   450  N  N   . LYS A 1 53  ? 6.187   1.148   3.751   1.00 9.44  ? 71  LYS A N   1 
ATOM   451  C  CA  . LYS A 1 53  ? 5.613   -0.155  4.070   1.00 9.35  ? 71  LYS A CA  1 
ATOM   452  C  C   . LYS A 1 53  ? 4.580   -0.564  3.050   1.00 10.61 ? 71  LYS A C   1 
ATOM   453  O  O   . LYS A 1 53  ? 3.803   0.280   2.548   1.00 12.75 ? 71  LYS A O   1 
ATOM   454  C  CB  . LYS A 1 53  ? 4.943   -0.119  5.470   1.00 11.65 ? 71  LYS A CB  1 
ATOM   455  C  CG  . LYS A 1 53  ? 4.520   -1.474  5.991   1.00 13.80 ? 71  LYS A CG  1 
ATOM   456  C  CD  . LYS A 1 53  ? 3.516   -1.375  7.139   1.00 12.89 ? 71  LYS A CD  1 
ATOM   457  C  CE  . LYS A 1 53  ? 2.105   -1.129  6.659   1.00 12.50 ? 71  LYS A CE  1 
ATOM   458  N  NZ  . LYS A 1 53  ? 1.068   -1.109  7.735   1.00 12.00 ? 71  LYS A NZ  1 
ATOM   459  N  N   . VAL A 1 54  ? 4.522   -1.857  2.803   1.00 9.06  ? 72  VAL A N   1 
ATOM   460  C  CA  . VAL A 1 54  ? 3.417   -2.423  2.059   1.00 8.65  ? 72  VAL A CA  1 
ATOM   461  C  C   . VAL A 1 54  ? 2.809   -3.548  2.856   1.00 9.98  ? 72  VAL A C   1 
ATOM   462  O  O   . VAL A 1 54  ? 3.537   -4.335  3.480   1.00 10.87 ? 72  VAL A O   1 
ATOM   463  C  CB  . VAL A 1 54  ? 3.835   -3.006  0.681   1.00 9.83  ? 72  VAL A CB  1 
ATOM   464  C  CG1 . VAL A 1 54  ? 2.625   -3.572  -0.073  1.00 11.29 ? 72  VAL A CG1 1 
ATOM   465  C  CG2 . VAL A 1 54  ? 4.501   -1.913  -0.170  1.00 12.84 ? 72  VAL A CG2 1 
ATOM   466  N  N   . GLU A 1 55  ? 1.482   -3.622  2.890   1.00 9.12  ? 73  GLU A N   1 
ATOM   467  C  CA  . GLU A 1 55  ? 0.769   -4.742  3.484   1.00 8.55  ? 73  GLU A CA  1 
ATOM   468  C  C   . GLU A 1 55  ? -0.016  -5.444  2.431   1.00 7.83  ? 73  GLU A C   1 
ATOM   469  O  O   . GLU A 1 55  ? -0.644  -4.798  1.572   1.00 9.92  ? 73  GLU A O   1 
ATOM   470  C  CB  . GLU A 1 55  ? -0.152  -4.289  4.605   1.00 9.86  ? 73  GLU A CB  1 
ATOM   471  C  CG  . GLU A 1 55  ? -0.766  -5.457  5.382   1.00 10.35 ? 73  GLU A CG  1 
ATOM   472  C  CD  . GLU A 1 55  ? -1.267  -5.035  6.750   1.00 11.50 ? 73  GLU A CD  1 
ATOM   473  O  OE1 . GLU A 1 55  ? -1.537  -3.798  6.997   1.00 10.85 ? 73  GLU A OE1 1 
ATOM   474  O  OE2 . GLU A 1 55  ? -1.375  -5.930  7.599   1.00 12.82 ? 73  GLU A OE2 1 
ATOM   475  N  N   . PHE A 1 56  ? -0.019  -6.769  2.518   1.00 7.86  ? 74  PHE A N   1 
ATOM   476  C  CA  . PHE A 1 56  ? -0.653  -7.670  1.578   1.00 8.66  ? 74  PHE A CA  1 
ATOM   477  C  C   . PHE A 1 56  ? -1.629  -8.573  2.292   1.00 10.41 ? 74  PHE A C   1 
ATOM   478  O  O   . PHE A 1 56  ? -1.433  -8.925  3.468   1.00 10.59 ? 74  PHE A O   1 
ATOM   479  C  CB  . PHE A 1 56  ? 0.384   -8.568  0.877   1.00 9.63  ? 74  PHE A CB  1 
ATOM   480  C  CG  . PHE A 1 56  ? 1.506   -7.836  0.195   1.00 7.75  ? 74  PHE A CG  1 
ATOM   481  C  CD1 . PHE A 1 56  ? 1.389   -7.499  -1.157  1.00 7.62  ? 74  PHE A CD1 1 
ATOM   482  C  CD2 . PHE A 1 56  ? 2.710   -7.592  0.832   1.00 9.64  ? 74  PHE A CD2 1 
ATOM   483  C  CE1 . PHE A 1 56  ? 2.427   -6.872  -1.796  1.00 9.04  ? 74  PHE A CE1 1 
ATOM   484  C  CE2 . PHE A 1 56  ? 3.759   -6.962  0.178   1.00 9.89  ? 74  PHE A CE2 1 
ATOM   485  C  CZ  . PHE A 1 56  ? 3.609   -6.617  -1.116  1.00 8.83  ? 74  PHE A CZ  1 
ATOM   486  N  N   . ASP A 1 57  ? -2.652  -8.962  1.568   1.00 11.23 ? 75  ASP A N   1 
ATOM   487  C  CA  . ASP A 1 57  ? -3.570  -9.992  2.110   1.00 8.88  ? 75  ASP A CA  1 
ATOM   488  C  C   . ASP A 1 57  ? -2.921  -11.345 2.051   1.00 11.04 ? 75  ASP A C   1 
ATOM   489  O  O   . ASP A 1 57  ? -1.784  -11.472 1.587   1.00 10.76 ? 75  ASP A O   1 
ATOM   490  C  CB  . ASP A 1 57  ? -4.952  -9.951  1.424   1.00 11.23 ? 75  ASP A CB  1 
ATOM   491  C  CG  . ASP A 1 57  ? -4.962  -10.408 0.000   1.00 14.94 ? 75  ASP A CG  1 
ATOM   492  O  OD1 . ASP A 1 57  ? -4.009  -11.024 -0.487  1.00 11.47 ? 75  ASP A OD1 1 
ATOM   493  O  OD2 . ASP A 1 57  ? -6.050  -10.210 -0.620  1.00 17.17 ? 75  ASP A OD2 1 
ATOM   494  N  N   . LYS A 1 58  ? -3.655  -12.336 2.525   1.00 11.93 ? 76  LYS A N   1 
ATOM   495  C  CA  . LYS A 1 58  ? -3.121  -13.691 2.645   1.00 12.98 ? 76  LYS A CA  1 
ATOM   496  C  C   . LYS A 1 58  ? -2.727  -14.295 1.305   1.00 15.86 ? 76  LYS A C   1 
ATOM   497  O  O   . LYS A 1 58  ? -1.916  -15.247 1.257   1.00 15.38 ? 76  LYS A O   1 
ATOM   498  C  CB  . LYS A 1 58  ? -4.130  -14.631 3.369   1.00 15.84 ? 76  LYS A CB  1 
ATOM   499  C  CG  . LYS A 1 58  ? -5.380  -14.826 2.593   1.00 16.38 ? 76  LYS A CG  1 
ATOM   500  C  CD  . LYS A 1 58  ? -6.451  -15.647 3.336   1.00 24.52 ? 76  LYS A CD  1 
ATOM   501  C  CE  . LYS A 1 58  ? -7.641  -15.869 2.433   1.00 29.01 ? 76  LYS A CE  1 
ATOM   502  N  N   . LYS A 1 59  ? -3.271  -13.732 0.229   1.00 13.74 ? 77  LYS A N   1 
ATOM   503  C  CA  . LYS A 1 59  ? -2.962  -14.180 -1.136  1.00 12.97 ? 77  LYS A CA  1 
ATOM   504  C  C   . LYS A 1 59  ? -1.828  -13.400 -1.807  1.00 13.38 ? 77  LYS A C   1 
ATOM   505  O  O   . LYS A 1 59  ? -1.455  -13.676 -2.944  1.00 14.76 ? 77  LYS A O   1 
ATOM   506  C  CB  . LYS A 1 59  ? -4.205  -14.094 -2.027  1.00 14.29 ? 77  LYS A CB  1 
ATOM   507  C  CG  . LYS A 1 59  ? -5.328  -15.011 -1.590  1.00 19.07 ? 77  LYS A CG  1 
ATOM   508  C  CD  . LYS A 1 59  ? -6.543  -14.872 -2.516  1.00 31.89 ? 77  LYS A CD  1 
ATOM   509  N  N   . GLY A 1 60  ? -1.319  -12.400 -1.131  1.00 9.92  ? 78  GLY A N   1 
ATOM   510  C  CA  . GLY A 1 60  ? -0.274  -11.584 -1.706  1.00 9.83  ? 78  GLY A CA  1 
ATOM   511  C  C   . GLY A 1 60  ? -0.768  -10.402 -2.529  1.00 10.15 ? 78  GLY A C   1 
ATOM   512  O  O   . GLY A 1 60  ? 0.039   -9.780  -3.248  1.00 10.52 ? 78  GLY A O   1 
ATOM   513  N  N   . ASN A 1 61  ? -2.056  -10.081 -2.433  1.00 10.49 ? 79  ASN A N   1 
ATOM   514  C  CA  . ASN A 1 61  ? -2.588  -8.899  -3.106  1.00 9.03  ? 79  ASN A CA  1 
ATOM   515  C  C   . ASN A 1 61  ? -2.397  -7.713  -2.204  1.00 8.52  ? 79  ASN A C   1 
ATOM   516  O  O   . ASN A 1 61  ? -2.813  -7.741  -1.041  1.00 10.27 ? 79  ASN A O   1 
ATOM   517  C  CB  . ASN A 1 61  ? -4.061  -9.063  -3.378  1.00 13.00 ? 79  ASN A CB  1 
ATOM   518  C  CG  . ASN A 1 61  ? -4.351  -10.205 -4.275  1.00 18.88 ? 79  ASN A CG  1 
ATOM   519  O  OD1 . ASN A 1 61  ? -5.058  -11.144 -3.910  1.00 23.73 ? 79  ASN A OD1 1 
ATOM   520  N  ND2 . ASN A 1 61  ? -3.829  -10.120 -5.463  1.00 14.45 ? 79  ASN A ND2 1 
ATOM   521  N  N   . TRP A 1 62  ? -1.799  -6.642  -2.717  1.00 9.29  ? 80  TRP A N   1 
ATOM   522  C  CA  . TRP A 1 62  ? -1.595  -5.478  -1.856  1.00 9.57  ? 80  TRP A CA  1 
ATOM   523  C  C   . TRP A 1 62  ? -2.900  -4.938  -1.340  1.00 9.01  ? 80  TRP A C   1 
ATOM   524  O  O   . TRP A 1 62  ? -3.908  -4.896  -2.079  1.00 9.54  ? 80  TRP A O   1 
ATOM   525  C  CB  . TRP A 1 62  ? -0.781  -4.386  -2.552  1.00 11.31 ? 80  TRP A CB  1 
ATOM   526  C  CG  . TRP A 1 62  ? -1.429  -3.669  -3.676  1.00 9.94  ? 80  TRP A CG  1 
ATOM   527  C  CD1 . TRP A 1 62  ? -1.377  -3.999  -4.992  1.00 14.42 ? 80  TRP A CD1 1 
ATOM   528  C  CD2 . TRP A 1 62  ? -2.211  -2.453  -3.589  1.00 9.31  ? 80  TRP A CD2 1 
ATOM   529  N  NE1 . TRP A 1 62  ? -2.089  -3.063  -5.744  1.00 13.94 ? 80  TRP A NE1 1 
ATOM   530  C  CE2 . TRP A 1 62  ? -2.592  -2.111  -4.895  1.00 10.56 ? 80  TRP A CE2 1 
ATOM   531  C  CE3 . TRP A 1 62  ? -2.639  -1.636  -2.523  1.00 11.14 ? 80  TRP A CE3 1 
ATOM   532  C  CZ2 . TRP A 1 62  ? -3.365  -0.996  -5.174  1.00 11.61 ? 80  TRP A CZ2 1 
ATOM   533  C  CZ3 . TRP A 1 62  ? -3.380  -0.547  -2.803  1.00 12.11 ? 80  TRP A CZ3 1 
ATOM   534  C  CH2 . TRP A 1 62  ? -3.725  -0.226  -4.126  1.00 11.32 ? 80  TRP A CH2 1 
ATOM   535  N  N   . GLU A 1 63  ? -2.859  -4.476  -0.082  1.00 9.10  ? 81  GLU A N   1 
ATOM   536  C  CA  . GLU A 1 63  ? -4.003  -3.792  0.536   1.00 10.30 ? 81  GLU A CA  1 
ATOM   537  C  C   . GLU A 1 63  ? -3.641  -2.390  1.034   1.00 8.62  ? 81  GLU A C   1 
ATOM   538  O  O   . GLU A 1 63  ? -4.530  -1.543  1.160   1.00 9.15  ? 81  GLU A O   1 
ATOM   539  C  CB  . GLU A 1 63  ? -4.596  -4.601  1.677   1.00 11.83 ? 81  GLU A CB  1 
ATOM   540  C  CG  . GLU A 1 63  ? -5.392  -5.793  1.208   1.00 15.38 ? 81  GLU A CG  1 
ATOM   541  C  CD  . GLU A 1 63  ? -6.035  -6.629  2.293   1.00 22.62 ? 81  GLU A CD  1 
ATOM   542  O  OE1 . GLU A 1 63  ? -5.377  -6.934  3.299   1.00 19.54 ? 81  GLU A OE1 1 
ATOM   543  O  OE2 . GLU A 1 63  ? -7.183  -7.067  2.037   1.00 34.05 ? 81  GLU A OE2 1 
ATOM   544  N  N   . GLU A 1 64  ? -2.339  -2.136  1.278   1.00 9.22  ? 82  GLU A N   1 
ATOM   545  C  CA  . GLU A 1 64  ? -1.870  -0.844  1.769   1.00 8.50  ? 82  GLU A CA  1 
ATOM   546  C  C   . GLU A 1 64  ? -0.514  -0.608  1.241   1.00 7.92  ? 82  GLU A C   1 
ATOM   547  O  O   . GLU A 1 64  ? 0.355   -1.474  1.368   1.00 9.45  ? 82  GLU A O   1 
ATOM   548  C  CB  . GLU A 1 64  ? -1.838  -0.828  3.299   1.00 9.07  ? 82  GLU A CB  1 
ATOM   549  C  CG  . GLU A 1 64  ? -1.274  0.451   3.890   1.00 11.06 ? 82  GLU A CG  1 
ATOM   550  C  CD  . GLU A 1 64  ? -0.979  0.367   5.413   1.00 12.90 ? 82  GLU A CD  1 
ATOM   551  O  OE1 . GLU A 1 64  ? -1.281  -0.680  6.077   1.00 10.10 ? 82  GLU A OE1 1 
ATOM   552  O  OE2 . GLU A 1 64  ? -0.428  1.354   5.917   1.00 13.37 ? 82  GLU A OE2 1 
ATOM   553  N  N   . VAL A 1 65  ? -0.285  0.510   0.599   1.00 8.19  ? 83  VAL A N   1 
ATOM   554  C  CA  . VAL A 1 65  ? 1.038   0.964   0.214   1.00 9.03  ? 83  VAL A CA  1 
ATOM   555  C  C   . VAL A 1 65  ? 1.245   2.314   0.874   1.00 10.73 ? 83  VAL A C   1 
ATOM   556  O  O   . VAL A 1 65  ? 0.604   3.302   0.488   1.00 9.89  ? 83  VAL A O   1 
ATOM   557  C  CB  . VAL A 1 65  ? 1.172   1.085   -1.321  1.00 9.53  ? 83  VAL A CB  1 
ATOM   558  C  CG1 . VAL A 1 65  ? 2.557   1.643   -1.674  1.00 10.00 ? 83  VAL A CG1 1 
ATOM   559  C  CG2 . VAL A 1 65  ? 0.917   -0.265  -1.984  1.00 10.53 ? 83  VAL A CG2 1 
ATOM   560  N  N   . ASP A 1 66  ? 2.087   2.354   1.913   1.00 9.67  ? 84  ASP A N   1 
ATOM   561  C  CA  . ASP A 1 66  ? 2.329   3.578   2.687   1.00 10.56 ? 84  ASP A CA  1 
ATOM   562  C  C   . ASP A 1 66  ? 3.722   4.068   2.394   1.00 11.63 ? 84  ASP A C   1 
ATOM   563  O  O   . ASP A 1 66  ? 4.733   3.533   2.911   1.00 11.82 ? 84  ASP A O   1 
ATOM   564  C  CB  . ASP A 1 66  ? 2.165   3.318   4.190   1.00 11.75 ? 84  ASP A CB  1 
ATOM   565  C  CG  . ASP A 1 66  ? 2.327   4.560   5.014   1.00 17.37 ? 84  ASP A CG  1 
ATOM   566  O  OD1 . ASP A 1 66  ? 2.774   5.571   4.428   1.00 16.02 ? 84  ASP A OD1 1 
ATOM   567  O  OD2 . ASP A 1 66  ? 2.002   4.528   6.234   1.00 24.17 ? 84  ASP A OD2 1 
ATOM   568  N  N   . CYS A 1 67  ? 3.784   5.046   1.511   1.00 9.68  ? 85  CYS A N   1 
ATOM   569  C  CA  . CYS A 1 67  ? 5.036   5.634   1.111   1.00 9.15  ? 85  CYS A CA  1 
ATOM   570  C  C   . CYS A 1 67  ? 5.135   7.056   1.603   1.00 8.73  ? 85  CYS A C   1 
ATOM   571  O  O   . CYS A 1 67  ? 5.626   7.934   0.917   1.00 9.32  ? 85  CYS A O   1 
ATOM   572  C  CB  . CYS A 1 67  ? 5.181   5.561   -0.408  1.00 9.65  ? 85  CYS A CB  1 
ATOM   573  S  SG  . CYS A 1 67  ? 5.467   3.897   -1.039  1.00 11.76 ? 85  CYS A SG  1 
ATOM   574  N  N   . LYS A 1 68  ? 4.804   7.246   2.866   1.00 10.38 ? 86  LYS A N   1 
ATOM   575  C  CA  . LYS A 1 68  ? 4.817   8.611   3.413   1.00 13.16 ? 86  LYS A CA  1 
ATOM   576  C  C   . LYS A 1 68  ? 6.206   9.225   3.438   1.00 12.11 ? 86  LYS A C   1 
ATOM   577  O  O   . LYS A 1 68  ? 6.320   10.458  3.566   1.00 11.25 ? 86  LYS A O   1 
ATOM   578  C  CB  . LYS A 1 68  ? 4.183   8.681   4.786   1.00 12.96 ? 86  LYS A CB  1 
ATOM   579  C  CG  . LYS A 1 68  ? 4.968   7.960   5.799   1.00 15.29 ? 86  LYS A CG  1 
ATOM   580  C  CD  . LYS A 1 68  ? 4.164   8.002   7.136   1.00 23.87 ? 86  LYS A CD  1 
ATOM   581  C  CE  . LYS A 1 68  ? 4.640   6.958   8.096   1.00 35.33 ? 86  LYS A CE  1 
ATOM   582  N  NZ  . LYS A 1 68  ? 4.070   5.620   7.776   1.00 30.97 ? 86  LYS A NZ  1 
ATOM   583  N  N   . HIS A 1 69  ? 7.259   8.421   3.271   1.00 10.28 ? 87  HIS A N   1 
ATOM   584  C  CA  . HIS A 1 69  ? 8.630   8.956   3.290   1.00 11.42 ? 87  HIS A CA  1 
ATOM   585  C  C   . HIS A 1 69  ? 9.139   9.343   1.910   1.00 13.21 ? 87  HIS A C   1 
ATOM   586  O  O   . HIS A 1 69  ? 10.164  10.043  1.760   1.00 13.99 ? 87  HIS A O   1 
ATOM   587  C  CB  . HIS A 1 69  ? 9.600   7.995   4.018   1.00 13.39 ? 87  HIS A CB  1 
ATOM   588  C  CG  . HIS A 1 69  ? 9.248   7.771   5.461   1.00 14.59 ? 87  HIS A CG  1 
ATOM   589  N  ND1 . HIS A 1 69  ? 8.464   6.722   5.896   1.00 20.93 ? 87  HIS A ND1 1 
ATOM   590  C  CD2 . HIS A 1 69  ? 9.568   8.487   6.561   1.00 17.20 ? 87  HIS A CD2 1 
ATOM   591  C  CE1 . HIS A 1 69  ? 8.315   6.803   7.210   1.00 15.10 ? 87  HIS A CE1 1 
ATOM   592  N  NE2 . HIS A 1 69  ? 8.983   7.855   7.634   1.00 21.51 ? 87  HIS A NE2 1 
ATOM   593  N  N   . THR A 1 70  ? 8.418   8.905   0.896   1.00 10.66 ? 88  THR A N   1 
ATOM   594  C  CA  . THR A 1 70  ? 8.676   9.304   -0.485  1.00 12.13 ? 88  THR A CA  1 
ATOM   595  C  C   . THR A 1 70  ? 7.329   9.610   -1.151  1.00 11.32 ? 88  THR A C   1 
ATOM   596  O  O   . THR A 1 70  ? 6.701   10.632  -0.833  1.00 11.82 ? 88  THR A O   1 
ATOM   597  C  CB  . THR A 1 70  ? 9.502   8.269   -1.220  1.00 11.76 ? 88  THR A CB  1 
ATOM   598  O  OG1 . THR A 1 70  ? 8.842   7.011   -1.220  1.00 13.32 ? 88  THR A OG1 1 
ATOM   599  C  CG2 . THR A 1 70  ? 10.892  8.135   -0.544  1.00 14.89 ? 88  THR A CG2 1 
ATOM   600  N  N   . SER A 1 71  ? 6.898   8.753   -2.059  1.00 9.90  ? 89  SER A N   1 
ATOM   601  C  CA  . SER A 1 71  ? 5.509   8.771   -2.526  1.00 10.21 ? 89  SER A CA  1 
ATOM   602  C  C   . SER A 1 71  ? 5.202   7.454   -3.182  1.00 8.99  ? 89  SER A C   1 
ATOM   603  O  O   . SER A 1 71  ? 6.094   6.678   -3.480  1.00 10.65 ? 89  SER A O   1 
ATOM   604  C  CB  . SER A 1 71  ? 5.262   9.931   -3.475  1.00 11.34 ? 89  SER A CB  1 
ATOM   605  O  OG  . SER A 1 71  ? 6.139   9.856   -4.591  1.00 13.56 ? 89  SER A OG  1 
ATOM   606  N  N   . VAL A 1 72  ? 3.924   7.196   -3.392  1.00 9.06  ? 90  VAL A N   1 
ATOM   607  C  CA  . VAL A 1 72  ? 3.506   5.922   -3.944  1.00 8.24  ? 90  VAL A CA  1 
ATOM   608  C  C   . VAL A 1 72  ? 3.883   5.827   -5.436  1.00 11.94 ? 90  VAL A C   1 
ATOM   609  O  O   . VAL A 1 72  ? 3.523   6.715   -6.219  1.00 11.95 ? 90  VAL A O   1 
ATOM   610  C  CB  . VAL A 1 72  ? 1.994   5.738   -3.810  1.00 10.00 ? 90  VAL A CB  1 
ATOM   611  C  CG1 . VAL A 1 72  ? 1.524   4.521   -4.551  1.00 10.80 ? 90  VAL A CG1 1 
ATOM   612  C  CG2 . VAL A 1 72  ? 1.605   5.674   -2.314  1.00 10.64 ? 90  VAL A CG2 1 
ATOM   613  N  N   . PRO A 1 73  ? 4.538   4.735   -5.849  1.00 11.32 ? 91  PRO A N   1 
ATOM   614  C  CA  . PRO A 1 73  ? 4.804   4.573   -7.280  1.00 11.80 ? 91  PRO A CA  1 
ATOM   615  C  C   . PRO A 1 73  ? 3.535   4.696   -8.109  1.00 12.46 ? 91  PRO A C   1 
ATOM   616  O  O   . PRO A 1 73  ? 2.552   4.062   -7.827  1.00 11.91 ? 91  PRO A O   1 
ATOM   617  C  CB  . PRO A 1 73  ? 5.429   3.191   -7.364  1.00 14.33 ? 91  PRO A CB  1 
ATOM   618  C  CG  . PRO A 1 73  ? 6.104   3.007   -5.959  1.00 13.41 ? 91  PRO A CG  1 
ATOM   619  C  CD  . PRO A 1 73  ? 5.151   3.692   -5.000  1.00 13.15 ? 91  PRO A CD  1 
ATOM   620  N  N   . VAL A 1 74  ? 3.573   5.528   -9.146  1.00 11.91 ? 92  VAL A N   1 
ATOM   621  C  CA  . VAL A 1 74  ? 2.358   5.887   -9.878  1.00 10.06 ? 92  VAL A CA  1 
ATOM   622  C  C   . VAL A 1 74  ? 1.733   4.680   -10.538 1.00 9.63  ? 92  VAL A C   1 
ATOM   623  O  O   . VAL A 1 74  ? 0.512   4.599   -10.666 1.00 10.56 ? 92  VAL A O   1 
ATOM   624  C  CB  . VAL A 1 74  ? 2.624   7.008   -10.952 1.00 11.78 ? 92  VAL A CB  1 
ATOM   625  C  CG1 . VAL A 1 74  ? 1.363   7.294   -11.815 1.00 10.26 ? 92  VAL A CG1 1 
ATOM   626  C  CG2 . VAL A 1 74  ? 3.062   8.287   -10.254 1.00 14.29 ? 92  VAL A CG2 1 
ATOM   627  N  N   . ALA A 1 75  ? 2.563   3.727   -10.961 1.00 9.46  ? 93  ALA A N   1 
ATOM   628  C  CA  . ALA A 1 75  ? 2.013   2.555   -11.655 1.00 10.77 ? 93  ALA A CA  1 
ATOM   629  C  C   . ALA A 1 75  ? 0.957   1.823   -10.814 1.00 10.96 ? 93  ALA A C   1 
ATOM   630  O  O   . ALA A 1 75  ? 0.101   1.169   -11.360 1.00 11.95 ? 93  ALA A O   1 
ATOM   631  C  CB  . ALA A 1 75  ? 3.139   1.589   -12.016 1.00 11.79 ? 93  ALA A CB  1 
ATOM   632  N  N   . ILE A 1 76  ? 1.073   1.900   -9.484  1.00 11.07 ? 94  ILE A N   1 
ATOM   633  C  CA  . ILE A 1 76  ? 0.133   1.236   -8.552  1.00 10.95 ? 94  ILE A CA  1 
ATOM   634  C  C   . ILE A 1 76  ? -1.236  1.931   -8.506  1.00 12.21 ? 94  ILE A C   1 
ATOM   635  O  O   . ILE A 1 76  ? -2.243  1.327   -8.135  1.00 12.47 ? 94  ILE A O   1 
ATOM   636  C  CB  . ILE A 1 76  ? 0.740   1.282   -7.113  1.00 11.75 ? 94  ILE A CB  1 
ATOM   637  C  CG1 . ILE A 1 76  ? 2.028   0.460   -7.077  1.00 13.72 ? 94  ILE A CG1 1 
ATOM   638  C  CG2 . ILE A 1 76  ? -0.220  0.736   -6.029  1.00 14.34 ? 94  ILE A CG2 1 
ATOM   639  C  CD1 . ILE A 1 76  ? 2.873   0.680   -5.801  1.00 13.21 ? 94  ILE A CD1 1 
ATOM   640  N  N   . ILE A 1 77  ? -1.277  3.227   -8.808  1.00 10.77 ? 95  ILE A N   1 
ATOM   641  C  CA  . ILE A 1 77  ? -2.481  4.034   -8.673  1.00 9.91  ? 95  ILE A CA  1 
ATOM   642  C  C   . ILE A 1 77  ? -3.407  3.913   -9.888  1.00 10.84 ? 95  ILE A C   1 
ATOM   643  O  O   . ILE A 1 77  ? -2.967  4.141   -11.040 1.00 11.26 ? 95  ILE A O   1 
ATOM   644  C  CB  . ILE A 1 77  ? -2.087  5.527   -8.503  1.00 11.94 ? 95  ILE A CB  1 
ATOM   645  C  CG1 . ILE A 1 77  ? -1.085  5.706   -7.350  1.00 11.73 ? 95  ILE A CG1 1 
ATOM   646  C  CG2 . ILE A 1 77  ? -3.307  6.383   -8.306  1.00 11.44 ? 95  ILE A CG2 1 
ATOM   647  C  CD1 . ILE A 1 77  ? -0.473  7.054   -7.312  1.00 11.32 ? 95  ILE A CD1 1 
ATOM   648  N  N   . PRO A 1 78  ? -4.667  3.519   -9.676  1.00 10.78 ? 96  PRO A N   1 
ATOM   649  C  CA  . PRO A 1 78  ? -5.564  3.413   -10.833 1.00 10.04 ? 96  PRO A CA  1 
ATOM   650  C  C   . PRO A 1 78  ? -5.608  4.723   -11.610 1.00 9.93  ? 96  PRO A C   1 
ATOM   651  O  O   . PRO A 1 78  ? -5.600  5.801   -11.022 1.00 10.43 ? 96  PRO A O   1 
ATOM   652  C  CB  . PRO A 1 78  ? -6.927  3.074   -10.209 1.00 12.53 ? 96  PRO A CB  1 
ATOM   653  C  CG  . PRO A 1 78  ? -6.593  2.412   -8.870  1.00 13.44 ? 96  PRO A CG  1 
ATOM   654  C  CD  . PRO A 1 78  ? -5.287  3.014   -8.420  1.00 12.55 ? 96  PRO A CD  1 
ATOM   655  N  N   . ALA A 1 79  ? -5.640  4.605   -12.940 1.00 8.54  ? 97  ALA A N   1 
ATOM   656  C  CA  . ALA A 1 79  ? -5.536  5.788   -13.772 1.00 7.02  ? 97  ALA A CA  1 
ATOM   657  C  C   . ALA A 1 79  ? -6.575  6.830   -13.442 1.00 8.06  ? 97  ALA A C   1 
ATOM   658  O  O   . ALA A 1 79  ? -6.294  8.029   -13.443 1.00 8.41  ? 97  ALA A O   1 
ATOM   659  C  CB  . ALA A 1 79  ? -5.628  5.397   -15.281 1.00 9.18  ? 97  ALA A CB  1 
ATOM   660  N  N   . ALA A 1 80  ? -7.794  6.415   -13.143 1.00 10.38 ? 98  ALA A N   1 
ATOM   661  C  CA  . ALA A 1 80  ? -8.844  7.406   -12.907 1.00 10.16 ? 98  ALA A CA  1 
ATOM   662  C  C   . ALA A 1 80  ? -8.559  8.168   -11.615 1.00 9.57  ? 98  ALA A C   1 
ATOM   663  O  O   . ALA A 1 80  ? -8.814  9.360   -11.497 1.00 10.92 ? 98  ALA A O   1 
ATOM   664  C  CB  . ALA A 1 80  ? -10.246 6.765   -12.782 1.00 10.67 ? 98  ALA A CB  1 
ATOM   665  N  N   . ILE A 1 81  ? -7.935  7.486   -10.655 1.00 10.59 ? 99  ILE A N   1 
ATOM   666  C  CA  . ILE A 1 81  ? -7.619  8.150   -9.370  1.00 9.19  ? 99  ILE A CA  1 
ATOM   667  C  C   . ILE A 1 81  ? -6.421  9.112   -9.583  1.00 9.21  ? 99  ILE A C   1 
ATOM   668  O  O   . ILE A 1 81  ? -6.403  10.246  -9.127  1.00 9.05  ? 99  ILE A O   1 
ATOM   669  C  CB  . ILE A 1 81  ? -7.330  7.137   -8.280  1.00 11.68 ? 99  ILE A CB  1 
ATOM   670  C  CG1 . ILE A 1 81  ? -8.633  6.404   -7.924  1.00 10.76 ? 99  ILE A CG1 1 
ATOM   671  C  CG2 . ILE A 1 81  ? -6.700  7.788   -7.041  1.00 11.24 ? 99  ILE A CG2 1 
ATOM   672  C  CD1 . ILE A 1 81  ? -8.506  5.235   -6.880  1.00 13.52 ? 99  ILE A CD1 1 
ATOM   673  N  N   . GLN A 1 82  ? -5.439  8.671   -10.366 1.00 8.96  ? 100 GLN A N   1 
ATOM   674  C  CA  . GLN A 1 82  ? -4.257  9.491   -10.668 1.00 9.91  ? 100 GLN A CA  1 
ATOM   675  C  C   . GLN A 1 82  ? -4.663  10.768  -11.405 1.00 9.56  ? 100 GLN A C   1 
ATOM   676  O  O   . GLN A 1 82  ? -4.176  11.865  -11.156 1.00 9.24  ? 100 GLN A O   1 
ATOM   677  C  CB  . GLN A 1 82  ? -3.254  8.661   -11.452 1.00 10.48 ? 100 GLN A CB  1 
ATOM   678  C  CG  . GLN A 1 82  ? -2.065  9.442   -11.955 1.00 10.54 ? 100 GLN A CG  1 
ATOM   679  C  CD  . GLN A 1 82  ? -1.133  9.959   -10.874 1.00 10.05 ? 100 GLN A CD  1 
ATOM   680  O  OE1 . GLN A 1 82  ? -1.412  9.846   -9.658  1.00 12.16 ? 100 GLN A OE1 1 
ATOM   681  N  NE2 . GLN A 1 82  ? -0.023  10.564  -11.307 1.00 9.01  ? 100 GLN A NE2 1 
ATOM   682  N  N   . LYS A 1 83  ? -5.642  10.638  -12.303 1.00 7.47  ? 101 LYS A N   1 
ATOM   683  C  CA  . LYS A 1 83  ? -6.127  11.783  -13.024 1.00 8.30  ? 101 LYS A CA  1 
ATOM   684  C  C   . LYS A 1 83  ? -6.868  12.714  -12.094 1.00 7.57  ? 101 LYS A C   1 
ATOM   685  O  O   . LYS A 1 83  ? -6.647  13.901  -12.174 1.00 8.67  ? 101 LYS A O   1 
ATOM   686  C  CB  . LYS A 1 83  ? -7.022  11.419  -14.208 1.00 9.65  ? 101 LYS A CB  1 
ATOM   687  C  CG  . LYS A 1 83  ? -7.495  12.627  -14.981 1.00 8.41  ? 101 LYS A CG  1 
ATOM   688  C  CD  . LYS A 1 83  ? -8.136  12.300  -16.279 1.00 8.57  ? 101 LYS A CD  1 
ATOM   689  C  CE  . LYS A 1 83  ? -8.729  13.504  -16.911 1.00 10.66 ? 101 LYS A CE  1 
ATOM   690  N  NZ  . LYS A 1 83  ? -9.362  13.225  -18.282 1.00 8.56  ? 101 LYS A NZ  1 
ATOM   691  N  N   . TYR A 1 84  ? -7.722  12.192  -11.198 1.00 7.84  ? 102 TYR A N   1 
ATOM   692  C  CA  . TYR A 1 84  ? -8.422  13.057  -10.253 1.00 8.78  ? 102 TYR A CA  1 
ATOM   693  C  C   . TYR A 1 84  ? -7.421  13.845  -9.395  1.00 8.37  ? 102 TYR A C   1 
ATOM   694  O  O   . TYR A 1 84  ? -7.570  15.045  -9.162  1.00 8.50  ? 102 TYR A O   1 
ATOM   695  C  CB  . TYR A 1 84  ? -9.390  12.216  -9.345  1.00 9.57  ? 102 TYR A CB  1 
ATOM   696  C  CG  . TYR A 1 84  ? -10.292 13.056  -8.524  1.00 9.48  ? 102 TYR A CG  1 
ATOM   697  C  CD1 . TYR A 1 84  ? -11.487 13.456  -9.033  1.00 10.05 ? 102 TYR A CD1 1 
ATOM   698  C  CD2 . TYR A 1 84  ? -9.880  13.554  -7.287  1.00 11.69 ? 102 TYR A CD2 1 
ATOM   699  C  CE1 . TYR A 1 84  ? -12.286 14.328  -8.349  1.00 10.32 ? 102 TYR A CE1 1 
ATOM   700  C  CE2 . TYR A 1 84  ? -10.700 14.380  -6.595  1.00 11.79 ? 102 TYR A CE2 1 
ATOM   701  C  CZ  . TYR A 1 84  ? -11.898 14.773  -7.140  1.00 11.91 ? 102 TYR A CZ  1 
ATOM   702  O  OH  . TYR A 1 84  ? -12.721 15.700  -6.491  1.00 14.17 ? 102 TYR A OH  1 
ATOM   703  N  N   . VAL A 1 85  ? -6.415  13.139  -8.906  1.00 7.55  ? 103 VAL A N   1 
ATOM   704  C  CA  . VAL A 1 85  ? -5.437  13.757  -8.011  1.00 7.58  ? 103 VAL A CA  1 
ATOM   705  C  C   . VAL A 1 85  ? -4.613  14.819  -8.725  1.00 8.02  ? 103 VAL A C   1 
ATOM   706  O  O   . VAL A 1 85  ? -4.457  15.935  -8.265  1.00 9.91  ? 103 VAL A O   1 
ATOM   707  C  CB  . VAL A 1 85  ? -4.534  12.728  -7.317  1.00 8.66  ? 103 VAL A CB  1 
ATOM   708  C  CG1 . VAL A 1 85  ? -3.384  13.427  -6.621  1.00 10.79 ? 103 VAL A CG1 1 
ATOM   709  C  CG2 . VAL A 1 85  ? -5.345  11.805  -6.348  1.00 9.36  ? 103 VAL A CG2 1 
ATOM   710  N  N   . THR A 1 86  ? -4.105  14.477  -9.885  1.00 7.75  ? 104 THR A N   1 
ATOM   711  C  CA  . THR A 1 86  ? -3.268  15.415  -10.628 1.00 9.23  ? 104 THR A CA  1 
ATOM   712  C  C   . THR A 1 86  ? -4.018  16.595  -11.225 1.00 9.34  ? 104 THR A C   1 
ATOM   713  O  O   . THR A 1 86  ? -3.440  17.621  -11.489 1.00 8.47  ? 104 THR A O   1 
ATOM   714  C  CB  . THR A 1 86  ? -2.427  14.706  -11.679 1.00 9.09  ? 104 THR A CB  1 
ATOM   715  O  OG1 . THR A 1 86  ? -3.261  13.997  -12.601 1.00 8.84  ? 104 THR A OG1 1 
ATOM   716  C  CG2 . THR A 1 86  ? -1.452  13.764  -11.033 1.00 10.16 ? 104 THR A CG2 1 
ATOM   717  N  N   . THR A 1 87  ? -5.319  16.449  -11.412 1.00 7.78  ? 105 THR A N   1 
ATOM   718  C  CA  . THR A 1 87  ? -6.190  17.566  -11.827 1.00 9.84  ? 105 THR A CA  1 
ATOM   719  C  C   . THR A 1 87  ? -6.477  18.499  -10.664 1.00 9.14  ? 105 THR A C   1 
ATOM   720  O  O   . THR A 1 87  ? -6.317  19.717  -10.774 1.00 11.65 ? 105 THR A O   1 
ATOM   721  C  CB  . THR A 1 87  ? -7.531  17.051  -12.359 1.00 8.35  ? 105 THR A CB  1 
ATOM   722  O  OG1 . THR A 1 87  ? -7.298  16.227  -13.514 1.00 9.51  ? 105 THR A OG1 1 
ATOM   723  C  CG2 . THR A 1 87  ? -8.496  18.240  -12.703 1.00 11.69 ? 105 THR A CG2 1 
ATOM   724  N  N   . ASN A 1 88  ? -6.917  17.961  -9.543  1.00 9.19  ? 106 ASN A N   1 
ATOM   725  C  CA  . ASN A 1 88  ? -7.499  18.778  -8.479  1.00 9.00  ? 106 ASN A CA  1 
ATOM   726  C  C   . ASN A 1 88  ? -6.536  19.144  -7.378  1.00 11.82 ? 106 ASN A C   1 
ATOM   727  O  O   . ASN A 1 88  ? -6.784  20.100  -6.614  1.00 12.06 ? 106 ASN A O   1 
ATOM   728  C  CB  . ASN A 1 88  ? -8.710  18.037  -7.879  1.00 9.43  ? 106 ASN A CB  1 
ATOM   729  C  CG  . ASN A 1 88  ? -9.817  17.919  -8.878  1.00 12.10 ? 106 ASN A CG  1 
ATOM   730  O  OD1 . ASN A 1 88  ? -10.354 18.952  -9.287  1.00 15.07 ? 106 ASN A OD1 1 
ATOM   731  N  ND2 . ASN A 1 88  ? -10.113 16.701  -9.363  1.00 10.75 ? 106 ASN A ND2 1 
ATOM   732  N  N   . TYR A 1 89  ? -5.440  18.391  -7.279  1.00 9.51  ? 107 TYR A N   1 
ATOM   733  C  CA  . TYR A 1 89  ? -4.380  18.605  -6.300  1.00 9.05  ? 107 TYR A CA  1 
ATOM   734  C  C   . TYR A 1 89  ? -3.024  18.511  -6.973  1.00 10.25 ? 107 TYR A C   1 
ATOM   735  O  O   . TYR A 1 89  ? -2.219  17.628  -6.672  1.00 12.35 ? 107 TYR A O   1 
ATOM   736  C  CB  . TYR A 1 89  ? -4.493  17.638  -5.106  1.00 10.19 ? 107 TYR A CB  1 
ATOM   737  C  CG  . TYR A 1 89  ? -5.848  17.620  -4.494  1.00 12.11 ? 107 TYR A CG  1 
ATOM   738  C  CD1 . TYR A 1 89  ? -6.176  18.503  -3.493  1.00 12.01 ? 107 TYR A CD1 1 
ATOM   739  C  CD2 . TYR A 1 89  ? -6.809  16.734  -4.915  1.00 13.08 ? 107 TYR A CD2 1 
ATOM   740  C  CE1 . TYR A 1 89  ? -7.432  18.497  -2.898  1.00 11.75 ? 107 TYR A CE1 1 
ATOM   741  C  CE2 . TYR A 1 89  ? -8.063  16.721  -4.371  1.00 12.56 ? 107 TYR A CE2 1 
ATOM   742  C  CZ  . TYR A 1 89  ? -8.390  17.615  -3.345  1.00 15.23 ? 107 TYR A CZ  1 
ATOM   743  O  OH  . TYR A 1 89  ? -9.674  17.591  -2.819  1.00 16.64 ? 107 TYR A OH  1 
ATOM   744  N  N   . PRO A 1 90  ? -2.786  19.434  -7.919  1.00 11.89 ? 108 PRO A N   1 
ATOM   745  C  CA  . PRO A 1 90  ? -1.571  19.325  -8.748  1.00 12.67 ? 108 PRO A CA  1 
ATOM   746  C  C   . PRO A 1 90  ? -0.218  19.442  -8.040  1.00 12.69 ? 108 PRO A C   1 
ATOM   747  O  O   . PRO A 1 90  ? 0.815   19.047  -8.606  1.00 16.78 ? 108 PRO A O   1 
ATOM   748  C  CB  . PRO A 1 90  ? -1.742  20.439  -9.759  1.00 14.49 ? 108 PRO A CB  1 
ATOM   749  C  CG  . PRO A 1 90  ? -2.601  21.441  -9.046  1.00 13.18 ? 108 PRO A CG  1 
ATOM   750  C  CD  . PRO A 1 90  ? -3.581  20.624  -8.267  1.00 12.33 ? 108 PRO A CD  1 
ATOM   751  N  N   . ASP A 1 91  ? -0.246  19.951  -6.826  1.00 13.43 ? 109 ASP A N   1 
ATOM   752  C  CA  . ASP A 1 91  ? 0.967   20.137  -6.025  1.00 14.97 ? 109 ASP A CA  1 
ATOM   753  C  C   . ASP A 1 91  ? 1.171   19.036  -4.996  1.00 17.49 ? 109 ASP A C   1 
ATOM   754  O  O   . ASP A 1 91  ? 2.171   19.040  -4.256  1.00 19.45 ? 109 ASP A O   1 
ATOM   755  C  CB  . ASP A 1 91  ? 0.974   21.504  -5.356  1.00 16.59 ? 109 ASP A CB  1 
ATOM   756  C  CG  . ASP A 1 91  ? 1.019   22.632  -6.373  1.00 11.36 ? 109 ASP A CG  1 
ATOM   757  O  OD1 . ASP A 1 91  ? 2.030   22.702  -7.101  1.00 13.42 ? 109 ASP A OD1 1 
ATOM   758  O  OD2 . ASP A 1 91  ? 0.075   23.415  -6.413  1.00 15.21 ? 109 ASP A OD2 1 
ATOM   759  N  N   . ALA A 1 92  ? 0.265   18.070  -4.984  1.00 13.96 ? 110 ALA A N   1 
ATOM   760  C  CA  . ALA A 1 92  ? 0.310   16.990  -3.982  1.00 13.41 ? 110 ALA A CA  1 
ATOM   761  C  C   . ALA A 1 92  ? 0.879   15.705  -4.554  1.00 14.57 ? 110 ALA A C   1 
ATOM   762  O  O   . ALA A 1 92  ? 0.747   15.411  -5.702  1.00 16.48 ? 110 ALA A O   1 
ATOM   763  C  CB  . ALA A 1 92  ? -1.071  16.761  -3.399  1.00 17.88 ? 110 ALA A CB  1 
ATOM   764  N  N   A LYS A 1 93  ? 1.556   14.950  -3.715  0.50 13.57 ? 111 LYS A N   1 
ATOM   765  N  N   B LYS A 1 93  ? 1.591   15.007  -3.671  0.50 13.28 ? 111 LYS A N   1 
ATOM   766  C  CA  A LYS A 1 93  ? 1.859   13.576  -4.056  0.50 12.23 ? 111 LYS A CA  1 
ATOM   767  C  CA  B LYS A 1 93  ? 2.025   13.616  -3.831  0.50 12.01 ? 111 LYS A CA  1 
ATOM   768  C  C   A LYS A 1 93  ? 0.957   12.683  -3.242  0.50 10.83 ? 111 LYS A C   1 
ATOM   769  C  C   B LYS A 1 93  ? 0.938   12.693  -3.232  0.50 10.26 ? 111 LYS A C   1 
ATOM   770  O  O   A LYS A 1 93  ? 0.440   13.058  -2.170  0.50 10.11 ? 111 LYS A O   1 
ATOM   771  O  O   B LYS A 1 93  ? 0.247   13.073  -2.284  0.50 9.98  ? 111 LYS A O   1 
ATOM   772  C  CB  A LYS A 1 93  ? 3.322   13.238  -3.769  0.50 14.01 ? 111 LYS A CB  1 
ATOM   773  C  CB  B LYS A 1 93  ? 3.356   13.377  -3.070  0.50 10.99 ? 111 LYS A CB  1 
ATOM   774  C  CG  A LYS A 1 93  ? 4.338   13.982  -4.649  0.50 13.81 ? 111 LYS A CG  1 
ATOM   775  C  CG  B LYS A 1 93  ? 4.505   14.312  -3.392  0.50 14.53 ? 111 LYS A CG  1 
ATOM   776  C  CD  A LYS A 1 93  ? 4.716   13.196  -5.918  0.50 21.62 ? 111 LYS A CD  1 
ATOM   777  C  CD  B LYS A 1 93  ? 5.757   13.914  -2.595  0.50 14.96 ? 111 LYS A CD  1 
ATOM   778  N  N   . VAL A 1 94  ? 0.799   11.478  -3.771  1.00 10.79 ? 112 VAL A N   1 
ATOM   779  C  CA  . VAL A 1 94  ? 0.060   10.437  -3.074  1.00 9.47  ? 112 VAL A CA  1 
ATOM   780  C  C   . VAL A 1 94  ? 1.024   9.764   -2.118  1.00 10.01 ? 112 VAL A C   1 
ATOM   781  O  O   . VAL A 1 94  ? 2.027   9.198   -2.549  1.00 9.79  ? 112 VAL A O   1 
ATOM   782  C  CB  . VAL A 1 94  ? -0.539  9.437   -4.020  1.00 10.73 ? 112 VAL A CB  1 
ATOM   783  C  CG1 . VAL A 1 94  ? -1.154  8.268   -3.275  1.00 10.28 ? 112 VAL A CG1 1 
ATOM   784  C  CG2 . VAL A 1 94  ? -1.607  10.087  -4.977  1.00 11.80 ? 112 VAL A CG2 1 
ATOM   785  N  N   . LEU A 1 95  ? 0.793   9.884   -0.822  1.00 8.80  ? 113 LEU A N   1 
ATOM   786  C  CA  . LEU A 1 95  ? 1.647   9.337   0.205   1.00 8.22  ? 113 LEU A CA  1 
ATOM   787  C  C   . LEU A 1 95  ? 1.216   7.904   0.613   1.00 8.21  ? 113 LEU A C   1 
ATOM   788  O  O   . LEU A 1 95  ? 2.074   7.122   1.053   1.00 10.17 ? 113 LEU A O   1 
ATOM   789  C  CB  . LEU A 1 95  ? 1.713   10.242  1.449   1.00 10.95 ? 113 LEU A CB  1 
ATOM   790  C  CG  . LEU A 1 95  ? 2.355   11.584  1.230   1.00 11.54 ? 113 LEU A CG  1 
ATOM   791  C  CD1 . LEU A 1 95  ? 2.641   12.253  2.563   1.00 17.45 ? 113 LEU A CD1 1 
ATOM   792  C  CD2 . LEU A 1 95  ? 3.663   11.447  0.415   1.00 13.20 ? 113 LEU A CD2 1 
ATOM   793  N  N   A LYS A 1 96  ? -0.076  7.589   0.511   0.50 8.71  ? 114 LYS A N   1 
ATOM   794  N  N   B LYS A 1 96  ? -0.064  7.570   0.444   0.50 9.18  ? 114 LYS A N   1 
ATOM   795  C  CA  A LYS A 1 96  ? -0.558  6.269   0.833   0.50 9.31  ? 114 LYS A CA  1 
ATOM   796  C  CA  B LYS A 1 96  ? -0.583  6.303   0.897   0.50 10.09 ? 114 LYS A CA  1 
ATOM   797  C  C   A LYS A 1 96  ? -1.752  5.952   -0.029  0.50 9.23  ? 114 LYS A C   1 
ATOM   798  C  C   B LYS A 1 96  ? -1.791  5.942   0.051   0.50 10.18 ? 114 LYS A C   1 
ATOM   799  O  O   A LYS A 1 96  ? -2.519  6.841   -0.387  0.50 7.91  ? 114 LYS A O   1 
ATOM   800  O  O   B LYS A 1 96  ? -2.612  6.810   -0.227  0.50 9.17  ? 114 LYS A O   1 
ATOM   801  C  CB  A LYS A 1 96  ? -0.966  6.175   2.318   0.50 9.93  ? 114 LYS A CB  1 
ATOM   802  C  CB  B LYS A 1 96  ? -0.977  6.431   2.387   0.50 11.24 ? 114 LYS A CB  1 
ATOM   803  C  CG  A LYS A 1 96  ? -1.487  4.818   2.744   0.50 13.96 ? 114 LYS A CG  1 
ATOM   804  C  CG  B LYS A 1 96  ? -1.453  5.183   3.062   0.50 13.93 ? 114 LYS A CG  1 
ATOM   805  C  CD  A LYS A 1 96  ? -1.573  4.732   4.245   0.50 16.51 ? 114 LYS A CD  1 
ATOM   806  C  CD  B LYS A 1 96  ? -1.481  5.397   4.575   0.50 14.91 ? 114 LYS A CD  1 
ATOM   807  C  CE  A LYS A 1 96  ? -2.356  5.904   4.768   0.50 16.44 ? 114 LYS A CE  1 
ATOM   808  C  CE  B LYS A 1 96  ? -1.811  4.117   5.339   0.50 16.72 ? 114 LYS A CE  1 
ATOM   809  N  NZ  A LYS A 1 96  ? -2.417  5.853   6.282   0.50 30.36 ? 114 LYS A NZ  1 
ATOM   810  N  NZ  B LYS A 1 96  ? -2.248  4.465   6.703   0.50 18.35 ? 114 LYS A NZ  1 
ATOM   811  N  N   . ILE A 1 97  ? -1.896  4.673   -0.360  1.00 9.05  ? 115 ILE A N   1 
ATOM   812  C  CA  . ILE A 1 97  ? -3.087  4.178   -1.002  1.00 10.28 ? 115 ILE A CA  1 
ATOM   813  C  C   . ILE A 1 97  ? -3.458  2.864   -0.338  1.00 9.72  ? 115 ILE A C   1 
ATOM   814  O  O   . ILE A 1 97  ? -2.577  2.031   -0.023  1.00 10.55 ? 115 ILE A O   1 
ATOM   815  C  CB  . ILE A 1 97  ? -2.947  4.045   -2.529  1.00 8.66  ? 115 ILE A CB  1 
ATOM   816  C  CG1 . ILE A 1 97  ? -4.274  3.657   -3.189  1.00 9.96  ? 115 ILE A CG1 1 
ATOM   817  C  CG2 . ILE A 1 97  ? -1.814  3.052   -2.951  1.00 12.33 ? 115 ILE A CG2 1 
ATOM   818  C  CD1 . ILE A 1 97  ? -4.220  3.784   -4.743  1.00 14.30 ? 115 ILE A CD1 1 
ATOM   819  N  N   . GLU A 1 98  ? -4.744  2.674   -0.140  1.00 8.69  ? 116 GLU A N   1 
ATOM   820  C  CA  . GLU A 1 98  ? -5.313  1.455   0.446   1.00 9.09  ? 116 GLU A CA  1 
ATOM   821  C  C   . GLU A 1 98  ? -6.484  1.013   -0.358  1.00 10.17 ? 116 GLU A C   1 
ATOM   822  O  O   . GLU A 1 98  ? -7.160  1.827   -0.986  1.00 9.34  ? 116 GLU A O   1 
ATOM   823  C  CB  . GLU A 1 98  ? -5.800  1.725   1.846   1.00 9.12  ? 116 GLU A CB  1 
ATOM   824  C  CG  . GLU A 1 98  ? -4.668  2.142   2.781   1.00 12.53 ? 116 GLU A CG  1 
ATOM   825  C  CD  . GLU A 1 98  ? -5.147  2.650   4.137   1.00 24.08 ? 116 GLU A CD  1 
ATOM   826  O  OE1 . GLU A 1 98  ? -5.693  3.780   4.221   1.00 23.72 ? 116 GLU A OE1 1 
ATOM   827  O  OE2 . GLU A 1 98  ? -4.978  1.929   5.126   1.00 26.52 ? 116 GLU A OE2 1 
ATOM   828  N  N   . ARG A 1 99  ? -6.796  -0.288  -0.288  1.00 9.50  ? 117 ARG A N   1 
ATOM   829  C  CA  . ARG A 1 99  ? -7.980  -0.789  -0.964  1.00 10.25 ? 117 ARG A CA  1 
ATOM   830  C  C   . ARG A 1 99  ? -8.529  -1.998  -0.203  1.00 11.86 ? 117 ARG A C   1 
ATOM   831  O  O   . ARG A 1 99  ? -7.760  -2.714  0.477   1.00 12.07 ? 117 ARG A O   1 
ATOM   832  C  CB  . ARG A 1 99  ? -7.671  -1.152  -2.410  1.00 9.91  ? 117 ARG A CB  1 
ATOM   833  C  CG  . ARG A 1 99  ? -6.792  -2.340  -2.540  1.00 10.59 ? 117 ARG A CG  1 
ATOM   834  C  CD  . ARG A 1 99  ? -6.556  -2.734  -4.009  1.00 11.56 ? 117 ARG A CD  1 
ATOM   835  N  NE  . ARG A 1 99  ? -5.551  -3.793  -4.069  1.00 12.39 ? 117 ARG A NE  1 
ATOM   836  C  CZ  . ARG A 1 99  ? -5.252  -4.520  -5.123  1.00 15.27 ? 117 ARG A CZ  1 
ATOM   837  N  NH1 . ARG A 1 99  ? -5.864  -4.326  -6.299  1.00 18.38 ? 117 ARG A NH1 1 
ATOM   838  N  NH2 . ARG A 1 99  ? -4.343  -5.466  -4.986  1.00 14.06 ? 117 ARG A NH2 1 
ATOM   839  N  N   . ASP A 1 100 ? -9.828  -2.195  -0.355  1.00 10.91 ? 118 ASP A N   1 
ATOM   840  C  CA  . ASP A 1 100 ? -10.475 -3.391  0.136   1.00 11.03 ? 118 ASP A CA  1 
ATOM   841  C  C   . ASP A 1 100 ? -11.561 -3.732  -0.847  1.00 17.07 ? 118 ASP A C   1 
ATOM   842  O  O   . ASP A 1 100 ? -11.487 -3.321  -2.007  1.00 16.32 ? 118 ASP A O   1 
ATOM   843  C  CB  . ASP A 1 100 ? -10.927 -3.227  1.567   1.00 14.41 ? 118 ASP A CB  1 
ATOM   844  C  CG  . ASP A 1 100 ? -12.072 -2.306  1.712   1.00 19.98 ? 118 ASP A CG  1 
ATOM   845  O  OD1 . ASP A 1 100 ? -12.561 -1.800  0.704   1.00 15.34 ? 118 ASP A OD1 1 
ATOM   846  O  OD2 . ASP A 1 100 ? -12.542 -2.115  2.856   1.00 32.08 ? 118 ASP A OD2 1 
ATOM   847  N  N   . LYS A 1 101 ? -12.497 -4.555  -0.413  1.00 15.65 ? 119 LYS A N   1 
ATOM   848  C  CA  . LYS A 1 101 ? -13.467 -5.108  -1.336  1.00 16.98 ? 119 LYS A CA  1 
ATOM   849  C  C   . LYS A 1 101 ? -14.496 -4.115  -1.712  1.00 19.00 ? 119 LYS A C   1 
ATOM   850  O  O   . LYS A 1 101 ? -15.385 -4.420  -2.522  1.00 24.08 ? 119 LYS A O   1 
ATOM   851  C  CB  . LYS A 1 101 ? -14.200 -6.302  -0.713  1.00 19.69 ? 119 LYS A CB  1 
ATOM   852  C  CG  . LYS A 1 101 ? -13.668 -7.601  -1.124  1.00 30.71 ? 119 LYS A CG  1 
ATOM   853  C  CD  . LYS A 1 101 ? -12.212 -7.657  -0.907  1.00 31.86 ? 119 LYS A CD  1 
ATOM   854  C  CE  . LYS A 1 101 ? -11.555 -8.570  -1.907  1.00 31.92 ? 119 LYS A CE  1 
ATOM   855  N  NZ  . LYS A 1 101 ? -10.350 -9.155  -1.288  1.00 31.81 ? 119 LYS A NZ  1 
ATOM   856  N  N   . LYS A 1 102 ? -14.402 -2.933  -1.143  1.00 15.08 ? 120 LYS A N   1 
ATOM   857  C  CA  . LYS A 1 102 ? -15.395 -1.909  -1.458  1.00 19.78 ? 120 LYS A CA  1 
ATOM   858  C  C   . LYS A 1 102 ? -14.892 -0.530  -1.879  1.00 15.39 ? 120 LYS A C   1 
ATOM   859  O  O   . LYS A 1 102 ? -15.637 0.202   -2.539  1.00 14.98 ? 120 LYS A O   1 
ATOM   860  C  CB  . LYS A 1 102 ? -16.408 -1.772  -0.328  1.00 22.48 ? 120 LYS A CB  1 
ATOM   861  C  CG  . LYS A 1 102 ? -15.981 -0.892  0.821   1.00 21.81 ? 120 LYS A CG  1 
ATOM   862  C  CD  . LYS A 1 102 ? -17.050 0.111   1.121   1.00 30.66 ? 120 LYS A CD  1 
ATOM   863  N  N   . ASP A 1 103 ? -13.708 -0.122  -1.448  1.00 12.65 ? 121 ASP A N   1 
ATOM   864  C  CA  . ASP A 1 103 ? -13.253 1.208   -1.809  1.00 11.80 ? 121 ASP A CA  1 
ATOM   865  C  C   . ASP A 1 103 ? -11.729 1.296   -1.892  1.00 8.72  ? 121 ASP A C   1 
ATOM   866  O  O   . ASP A 1 103 ? -11.025 0.361   -1.472  1.00 10.34 ? 121 ASP A O   1 
ATOM   867  C  CB  . ASP A 1 103 ? -13.871 2.278   -0.887  1.00 14.04 ? 121 ASP A CB  1 
ATOM   868  C  CG  . ASP A 1 103 ? -13.484 2.107   0.571   1.00 20.72 ? 121 ASP A CG  1 
ATOM   869  O  OD1 . ASP A 1 103 ? -12.417 1.522   0.804   1.00 32.57 ? 121 ASP A OD1 1 
ATOM   870  O  OD2 . ASP A 1 103 ? -14.226 2.538   1.461   1.00 27.15 ? 121 ASP A OD2 1 
ATOM   871  N  N   . TYR A 1 104 ? -11.251 2.383   -2.478  1.00 9.01  ? 122 TYR A N   1 
ATOM   872  C  CA  . TYR A 1 104 ? -9.861  2.848   -2.373  1.00 9.85  ? 122 TYR A CA  1 
ATOM   873  C  C   . TYR A 1 104 ? -9.816  4.080   -1.491  1.00 10.55 ? 122 TYR A C   1 
ATOM   874  O  O   . TYR A 1 104 ? -10.698 4.943   -1.600  1.00 11.38 ? 122 TYR A O   1 
ATOM   875  C  CB  . TYR A 1 104 ? -9.306  3.324   -3.696  1.00 10.05 ? 122 TYR A CB  1 
ATOM   876  C  CG  . TYR A 1 104 ? -9.247  2.316   -4.734  1.00 11.44 ? 122 TYR A CG  1 
ATOM   877  C  CD1 . TYR A 1 104 ? -10.342 2.057   -5.562  1.00 14.73 ? 122 TYR A CD1 1 
ATOM   878  C  CD2 . TYR A 1 104 ? -8.085  1.605   -4.909  1.00 11.94 ? 122 TYR A CD2 1 
ATOM   879  C  CE1 . TYR A 1 104 ? -10.276 1.119   -6.556  1.00 18.03 ? 122 TYR A CE1 1 
ATOM   880  C  CE2 . TYR A 1 104 ? -7.991  0.600   -5.911  1.00 15.18 ? 122 TYR A CE2 1 
ATOM   881  C  CZ  . TYR A 1 104 ? -9.111  0.370   -6.703  1.00 17.57 ? 122 TYR A CZ  1 
ATOM   882  O  OH  . TYR A 1 104 ? -9.128  -0.566  -7.725  1.00 21.46 ? 122 TYR A OH  1 
ATOM   883  N  N   A GLU A 1 105 ? -8.824  4.155   -0.591  0.50 9.56  ? 123 GLU A N   1 
ATOM   884  N  N   B GLU A 1 105 ? -8.715  4.249   -0.782  0.50 9.71  ? 123 GLU A N   1 
ATOM   885  C  CA  A GLU A 1 105 ? -8.472  5.384   0.151   0.50 9.56  ? 123 GLU A CA  1 
ATOM   886  C  CA  B GLU A 1 105 ? -8.515  5.451   -0.023  0.50 10.34 ? 123 GLU A CA  1 
ATOM   887  C  C   A GLU A 1 105 ? -7.156  5.896   -0.422  0.50 8.17  ? 123 GLU A C   1 
ATOM   888  C  C   B GLU A 1 105 ? -7.113  5.938   -0.228  0.50 8.23  ? 123 GLU A C   1 
ATOM   889  O  O   A GLU A 1 105 ? -6.269  5.102   -0.798  0.50 7.84  ? 123 GLU A O   1 
ATOM   890  O  O   B GLU A 1 105 ? -6.133  5.208   -0.102  0.50 6.78  ? 123 GLU A O   1 
ATOM   891  C  CB  A GLU A 1 105 ? -8.196  5.111   1.621   0.50 8.22  ? 123 GLU A CB  1 
ATOM   892  C  CB  B GLU A 1 105 ? -8.726  5.203   1.437   0.50 11.28 ? 123 GLU A CB  1 
ATOM   893  C  CG  A GLU A 1 105 ? -9.416  4.759   2.512   0.50 14.59 ? 123 GLU A CG  1 
ATOM   894  C  CG  B GLU A 1 105 ? -8.497  6.442   2.274   0.50 11.19 ? 123 GLU A CG  1 
ATOM   895  C  CD  A GLU A 1 105 ? -9.005  4.441   3.963   0.50 16.85 ? 123 GLU A CD  1 
ATOM   896  C  CD  B GLU A 1 105 ? -8.665  6.218   3.754   0.50 15.09 ? 123 GLU A CD  1 
ATOM   897  O  OE1 A GLU A 1 105 ? -7.863  4.802   4.384   0.50 20.12 ? 123 GLU A OE1 1 
ATOM   898  O  OE1 B GLU A 1 105 ? -9.403  5.288   4.150   0.50 14.96 ? 123 GLU A OE1 1 
ATOM   899  O  OE2 A GLU A 1 105 ? -9.814  3.819   4.679   0.50 14.45 ? 123 GLU A OE2 1 
ATOM   900  O  OE2 B GLU A 1 105 ? -8.053  6.987   4.524   0.50 18.69 ? 123 GLU A OE2 1 
ATOM   901  N  N   . VAL A 1 106 ? -7.034  7.224   -0.521  1.00 10.24 ? 124 VAL A N   1 
ATOM   902  C  CA  . VAL A 1 106 ? -5.804  7.865   -0.925  1.00 10.60 ? 124 VAL A CA  1 
ATOM   903  C  C   . VAL A 1 106 ? -5.490  9.018   0.022   1.00 9.85  ? 124 VAL A C   1 
ATOM   904  O  O   . VAL A 1 106 ? -6.362  9.840   0.303   1.00 11.61 ? 124 VAL A O   1 
ATOM   905  C  CB  . VAL A 1 106 ? -6.022  8.413   -2.338  1.00 17.70 ? 124 VAL A CB  1 
ATOM   906  C  CG1 . VAL A 1 106 ? -4.864  9.164   -2.782  1.00 20.38 ? 124 VAL A CG1 1 
ATOM   907  C  CG2 . VAL A 1 106 ? -6.352  7.203   -3.308  1.00 20.47 ? 124 VAL A CG2 1 
ATOM   908  N  N   . LYS A 1 107 ? -4.264  9.053   0.549   1.00 8.92  ? 125 LYS A N   1 
ATOM   909  C  CA  . LYS A 1 107 ? -3.815  10.138  1.437   1.00 11.13 ? 125 LYS A CA  1 
ATOM   910  C  C   . LYS A 1 107 ? -2.784  10.949  0.717   1.00 8.45  ? 125 LYS A C   1 
ATOM   911  O  O   . LYS A 1 107 ? -1.802  10.389  0.185   1.00 9.44  ? 125 LYS A O   1 
ATOM   912  C  CB  . LYS A 1 107 ? -3.202  9.593   2.732   1.00 11.58 ? 125 LYS A CB  1 
ATOM   913  C  CG  . LYS A 1 107 ? -2.751  10.626  3.724   1.00 21.32 ? 125 LYS A CG  1 
ATOM   914  C  CD  . LYS A 1 107 ? -3.884  11.062  4.628   1.00 32.12 ? 125 LYS A CD  1 
ATOM   915  C  CE  . LYS A 1 107 ? -3.376  11.886  5.827   1.00 31.38 ? 125 LYS A CE  1 
ATOM   916  N  NZ  . LYS A 1 107 ? -4.461  12.699  6.450   1.00 28.09 ? 125 LYS A NZ  1 
ATOM   917  N  N   . LEU A 1 108 ? -2.980  12.257  0.663   1.00 8.88  ? 126 LEU A N   1 
ATOM   918  C  CA  . LEU A 1 108 ? -2.119  13.120  -0.128  1.00 9.09  ? 126 LEU A CA  1 
ATOM   919  C  C   . LEU A 1 108 ? -1.156  13.868  0.804   1.00 9.35  ? 126 LEU A C   1 
ATOM   920  O  O   . LEU A 1 108 ? -1.411  14.009  2.019   1.00 10.92 ? 126 LEU A O   1 
ATOM   921  C  CB  . LEU A 1 108 ? -2.939  14.173  -0.893  1.00 8.53  ? 126 LEU A CB  1 
ATOM   922  C  CG  . LEU A 1 108 ? -4.013  13.613  -1.822  1.00 9.84  ? 126 LEU A CG  1 
ATOM   923  C  CD1 . LEU A 1 108 ? -4.794  14.761  -2.532  1.00 10.97 ? 126 LEU A CD1 1 
ATOM   924  C  CD2 . LEU A 1 108 ? -3.476  12.593  -2.779  1.00 11.45 ? 126 LEU A CD2 1 
ATOM   925  N  N   . SER A 1 109 ? -0.105  14.413  0.207   1.00 9.78  ? 127 SER A N   1 
ATOM   926  C  CA  . SER A 1 109 ? 0.907   15.128  1.007   1.00 10.20 ? 127 SER A CA  1 
ATOM   927  C  C   . SER A 1 109 ? 0.396   16.430  1.659   1.00 12.80 ? 127 SER A C   1 
ATOM   928  O  O   . SER A 1 109 ? 1.009   16.951  2.617   1.00 13.92 ? 127 SER A O   1 
ATOM   929  C  CB  . SER A 1 109 ? 2.124   15.427  0.146   1.00 11.94 ? 127 SER A CB  1 
ATOM   930  O  OG  . SER A 1 109 ? 1.745   16.104  -1.038  1.00 13.07 ? 127 SER A OG  1 
ATOM   931  N  N   . ASN A 1 110 ? -0.743  16.914  1.184   1.00 12.08 ? 128 ASN A N   1 
ATOM   932  C  CA  . ASN A 1 110 ? -1.372  18.129  1.750   1.00 12.18 ? 128 ASN A CA  1 
ATOM   933  C  C   . ASN A 1 110 ? -2.345  17.748  2.880   1.00 12.73 ? 128 ASN A C   1 
ATOM   934  O  O   . ASN A 1 110 ? -3.030  18.592  3.443   1.00 14.20 ? 128 ASN A O   1 
ATOM   935  C  CB  . ASN A 1 110 ? -2.054  18.970  0.669   1.00 13.13 ? 128 ASN A CB  1 
ATOM   936  C  CG  . ASN A 1 110 ? -3.317  18.324  0.147   1.00 14.65 ? 128 ASN A CG  1 
ATOM   937  O  OD1 . ASN A 1 110 ? -3.538  17.153  0.406   1.00 13.46 ? 128 ASN A OD1 1 
ATOM   938  N  ND2 . ASN A 1 110 ? -4.179  19.100  -0.523  1.00 18.24 ? 128 ASN A ND2 1 
ATOM   939  N  N   . ARG A 1 111 ? -2.347  16.470  3.194   1.00 13.30 ? 129 ARG A N   1 
ATOM   940  C  CA  . ARG A 1 111 ? -3.130  15.855  4.298   1.00 13.13 ? 129 ARG A CA  1 
ATOM   941  C  C   . ARG A 1 111 ? -4.585  15.508  3.920   1.00 13.53 ? 129 ARG A C   1 
ATOM   942  O  O   . ARG A 1 111 ? -5.243  14.795  4.675   1.00 16.52 ? 129 ARG A O   1 
ATOM   943  C  CB  . ARG A 1 111 ? -3.087  16.642  5.591   1.00 15.49 ? 129 ARG A CB  1 
ATOM   944  C  CG  . ARG A 1 111 ? -1.685  16.564  6.251   1.00 22.06 ? 129 ARG A CG  1 
ATOM   945  C  CD  . ARG A 1 111 ? -1.738  17.050  7.691   1.00 33.21 ? 129 ARG A CD  1 
ATOM   946  N  NE  . ARG A 1 111 ? -2.446  18.323  7.783   1.00 38.43 ? 129 ARG A NE  1 
ATOM   947  N  N   . THR A 1 112 ? -5.016  15.902  2.731   1.00 11.23 ? 130 THR A N   1 
ATOM   948  C  CA  . THR A 1 112 ? -6.361  15.501  2.229   1.00 12.12 ? 130 THR A CA  1 
ATOM   949  C  C   . THR A 1 112 ? -6.419  14.002  2.050   1.00 11.96 ? 130 THR A C   1 
ATOM   950  O  O   . THR A 1 112 ? -5.452  13.354  1.613   1.00 12.03 ? 130 THR A O   1 
ATOM   951  C  CB  . THR A 1 112 ? -6.623  16.150  0.924   1.00 10.50 ? 130 THR A CB  1 
ATOM   952  O  OG1 . THR A 1 112 ? -6.675  17.579  1.081   1.00 15.68 ? 130 THR A OG1 1 
ATOM   953  C  CG2 . THR A 1 112 ? -7.933  15.718  0.292   1.00 15.06 ? 130 THR A CG2 1 
ATOM   954  N  N   . GLU A 1 113 ? -7.566  13.429  2.376   1.00 11.97 ? 131 GLU A N   1 
ATOM   955  C  CA  . GLU A 1 113 ? -7.814  12.014  2.170   1.00 10.45 ? 131 GLU A CA  1 
ATOM   956  C  C   . GLU A 1 113 ? -9.044  11.894  1.252   1.00 10.36 ? 131 GLU A C   1 
ATOM   957  O  O   . GLU A 1 113 ? -10.038 12.576  1.479   1.00 11.15 ? 131 GLU A O   1 
ATOM   958  C  CB  . GLU A 1 113 ? -8.115  11.291  3.482   1.00 11.97 ? 131 GLU A CB  1 
ATOM   959  C  CG  . GLU A 1 113 ? -7.004  11.403  4.502   1.00 16.48 ? 131 GLU A CG  1 
ATOM   960  C  CD  . GLU A 1 113 ? -7.276  10.578  5.787   1.00 21.68 ? 131 GLU A CD  1 
ATOM   961  O  OE1 . GLU A 1 113 ? -8.212  9.737   5.801   1.00 24.22 ? 131 GLU A OE1 1 
ATOM   962  O  OE2 . GLU A 1 113 ? -6.505  10.743  6.757   1.00 27.91 ? 131 GLU A OE2 1 
ATOM   963  N  N   . LEU A 1 114 ? -8.903  11.079  0.216   1.00 8.35  ? 132 LEU A N   1 
ATOM   964  C  CA  . LEU A 1 114 ? -9.964  10.863  -0.742  1.00 8.88  ? 132 LEU A CA  1 
ATOM   965  C  C   . LEU A 1 114 ? -10.361 9.413   -0.710  1.00 9.71  ? 132 LEU A C   1 
ATOM   966  O  O   . LEU A 1 114 ? -9.519  8.560   -0.468  1.00 11.66 ? 132 LEU A O   1 
ATOM   967  C  CB  . LEU A 1 114 ? -9.439  11.174  -2.159  1.00 9.82  ? 132 LEU A CB  1 
ATOM   968  C  CG  . LEU A 1 114 ? -8.793  12.542  -2.405  1.00 12.18 ? 132 LEU A CG  1 
ATOM   969  C  CD1 . LEU A 1 114 ? -8.205  12.575  -3.799  1.00 14.04 ? 132 LEU A CD1 1 
ATOM   970  C  CD2 . LEU A 1 114 ? -9.786  13.660  -2.156  1.00 12.54 ? 132 LEU A CD2 1 
ATOM   971  N  N   . LYS A 1 115 ? -11.625 9.137   -0.903  1.00 8.15  ? 133 LYS A N   1 
ATOM   972  C  CA  . LYS A 1 115 ? -12.107 7.759   -1.054  1.00 9.06  ? 133 LYS A CA  1 
ATOM   973  C  C   . LYS A 1 115 ? -12.853 7.656   -2.349  1.00 8.29  ? 133 LYS A C   1 
ATOM   974  O  O   . LYS A 1 115 ? -13.607 8.552   -2.732  1.00 8.73  ? 133 LYS A O   1 
ATOM   975  C  CB  . LYS A 1 115 ? -13.009 7.397   0.120   1.00 9.94  ? 133 LYS A CB  1 
ATOM   976  C  CG  . LYS A 1 115 ? -12.250 7.255   1.428   1.00 15.46 ? 133 LYS A CG  1 
ATOM   977  C  CD  . LYS A 1 115 ? -13.164 6.935   2.644   1.00 19.08 ? 133 LYS A CD  1 
ATOM   978  C  CE  . LYS A 1 115 ? -13.817 5.637   2.509   1.00 22.19 ? 133 LYS A CE  1 
ATOM   979  N  NZ  . LYS A 1 115 ? -14.687 5.305   3.758   1.00 23.02 ? 133 LYS A NZ  1 
ATOM   980  N  N   . PHE A 1 116 ? -12.674 6.512   -2.991  1.00 8.04  ? 134 PHE A N   1 
ATOM   981  C  CA  . PHE A 1 116 ? -13.317 6.203   -4.285  1.00 8.12  ? 134 PHE A CA  1 
ATOM   982  C  C   . PHE A 1 116 ? -13.961 4.817   -4.162  1.00 8.23  ? 134 PHE A C   1 
ATOM   983  O  O   . PHE A 1 116 ? -13.381 3.900   -3.527  1.00 8.80  ? 134 PHE A O   1 
ATOM   984  C  CB  . PHE A 1 116 ? -12.309 6.174   -5.416  1.00 9.06  ? 134 PHE A CB  1 
ATOM   985  C  CG  . PHE A 1 116 ? -11.589 7.449   -5.599  1.00 9.90  ? 134 PHE A CG  1 
ATOM   986  C  CD1 . PHE A 1 116 ? -10.471 7.759   -4.822  1.00 8.46  ? 134 PHE A CD1 1 
ATOM   987  C  CD2 . PHE A 1 116 ? -12.004 8.355   -6.572  1.00 9.18  ? 134 PHE A CD2 1 
ATOM   988  C  CE1 . PHE A 1 116 ? -9.800  8.960   -5.006  1.00 12.41 ? 134 PHE A CE1 1 
ATOM   989  C  CE2 . PHE A 1 116 ? -11.320 9.531   -6.770  1.00 11.37 ? 134 PHE A CE2 1 
ATOM   990  C  CZ  . PHE A 1 116 ? -10.232 9.838   -5.995  1.00 12.37 ? 134 PHE A CZ  1 
ATOM   991  N  N   . ASP A 1 117 ? -15.081 4.604   -4.825  1.00 9.12  ? 135 ASP A N   1 
ATOM   992  C  CA  . ASP A 1 117 ? -15.588 3.244   -4.948  1.00 8.97  ? 135 ASP A CA  1 
ATOM   993  C  C   . ASP A 1 117 ? -14.736 2.491   -5.973  1.00 9.95  ? 135 ASP A C   1 
ATOM   994  O  O   . ASP A 1 117 ? -13.771 3.017   -6.542  1.00 9.93  ? 135 ASP A O   1 
ATOM   995  C  CB  . ASP A 1 117 ? -17.120 3.233   -5.224  1.00 9.42  ? 135 ASP A CB  1 
ATOM   996  C  CG  . ASP A 1 117 ? -17.493 3.698   -6.631  1.00 13.70 ? 135 ASP A CG  1 
ATOM   997  O  OD1 . ASP A 1 117 ? -16.604 3.806   -7.505  1.00 12.44 ? 135 ASP A OD1 1 
ATOM   998  O  OD2 . ASP A 1 117 ? -18.715 3.988   -6.843  1.00 12.83 ? 135 ASP A OD2 1 
ATOM   999  N  N   . LEU A 1 118 ? -15.072 1.224   -6.163  1.00 10.39 ? 136 LEU A N   1 
ATOM   1000 C  CA  . LEU A 1 118 ? -14.233 0.368   -7.000  1.00 9.01  ? 136 LEU A CA  1 
ATOM   1001 C  C   . LEU A 1 118 ? -14.389 0.693   -8.479  1.00 11.38 ? 136 LEU A C   1 
ATOM   1002 O  O   . LEU A 1 118 ? -13.614 0.169   -9.318  1.00 14.18 ? 136 LEU A O   1 
ATOM   1003 C  CB  . LEU A 1 118 ? -14.457 -1.133  -6.674  1.00 13.38 ? 136 LEU A CB  1 
ATOM   1004 C  CG  . LEU A 1 118 ? -13.966 -1.591  -5.291  1.00 14.74 ? 136 LEU A CG  1 
ATOM   1005 C  CD1 . LEU A 1 118 ? -14.020 -3.143  -5.161  1.00 19.78 ? 136 LEU A CD1 1 
ATOM   1006 C  CD2 . LEU A 1 118 ? -12.588 -1.094  -4.996  1.00 18.91 ? 136 LEU A CD2 1 
ATOM   1007 N  N   A LYS A 1 119 ? -15.373 1.521   -8.810  0.60 12.04 ? 137 LYS A N   1 
ATOM   1008 N  N   B LYS A 1 119 ? -15.366 1.544   -8.774  0.40 11.91 ? 137 LYS A N   1 
ATOM   1009 C  CA  A LYS A 1 119 ? -15.505 2.032   -10.162 0.60 11.27 ? 137 LYS A CA  1 
ATOM   1010 C  CA  B LYS A 1 119 ? -15.593 2.053   -10.115 0.40 10.76 ? 137 LYS A CA  1 
ATOM   1011 C  C   A LYS A 1 119 ? -14.922 3.440   -10.278 0.60 14.00 ? 137 LYS A C   1 
ATOM   1012 C  C   B LYS A 1 119 ? -14.880 3.405   -10.293 0.40 13.09 ? 137 LYS A C   1 
ATOM   1013 O  O   A LYS A 1 119 ? -15.150 4.143   -11.246 0.60 16.24 ? 137 LYS A O   1 
ATOM   1014 O  O   B LYS A 1 119 ? -14.917 4.011   -11.346 0.40 15.45 ? 137 LYS A O   1 
ATOM   1015 C  CB  A LYS A 1 119 ? -16.967 1.985   -10.616 0.60 12.89 ? 137 LYS A CB  1 
ATOM   1016 C  CB  B LYS A 1 119 ? -17.109 2.144   -10.403 0.40 11.64 ? 137 LYS A CB  1 
ATOM   1017 C  CG  A LYS A 1 119 ? -17.517 0.561   -10.668 0.60 19.96 ? 137 LYS A CG  1 
ATOM   1018 C  CG  B LYS A 1 119 ? -17.847 0.801   -10.198 0.40 11.97 ? 137 LYS A CG  1 
ATOM   1019 C  CD  A LYS A 1 119 ? -19.028 0.548   -10.715 0.60 23.76 ? 137 LYS A CD  1 
ATOM   1020 C  CD  B LYS A 1 119 ? -19.324 0.824   -10.594 0.40 15.59 ? 137 LYS A CD  1 
ATOM   1021 C  CE  A LYS A 1 119 ? -19.609 -0.866  -10.542 0.60 27.37 ? 137 LYS A CE  1 
ATOM   1022 C  CE  B LYS A 1 119 ? -19.999 -0.559  -10.412 0.40 15.43 ? 137 LYS A CE  1 
ATOM   1023 N  NZ  A LYS A 1 119 ? -21.013 -0.785  -10.048 0.60 32.26 ? 137 LYS A NZ  1 
ATOM   1024 N  NZ  B LYS A 1 119 ? -19.572 -1.549  -11.453 0.40 9.41  ? 137 LYS A NZ  1 
ATOM   1025 N  N   . PHE A 1 120 ? -14.202 3.825   -9.232  1.00 10.38 ? 138 PHE A N   1 
ATOM   1026 C  CA  . PHE A 1 120 ? -13.415 5.079   -9.203  1.00 10.00 ? 138 PHE A CA  1 
ATOM   1027 C  C   . PHE A 1 120 ? -14.270 6.324   -9.143  1.00 12.49 ? 138 PHE A C   1 
ATOM   1028 O  O   . PHE A 1 120 ? -13.816 7.431   -9.464  1.00 13.14 ? 138 PHE A O   1 
ATOM   1029 C  CB  . PHE A 1 120 ? -12.361 5.174   -10.349 1.00 13.00 ? 138 PHE A CB  1 
ATOM   1030 C  CG  . PHE A 1 120 ? -11.684 3.897   -10.625 1.00 18.65 ? 138 PHE A CG  1 
ATOM   1031 C  CD1 . PHE A 1 120 ? -10.851 3.332   -9.708  1.00 14.90 ? 138 PHE A CD1 1 
ATOM   1032 C  CD2 . PHE A 1 120 ? -11.945 3.231   -11.804 1.00 22.91 ? 138 PHE A CD2 1 
ATOM   1033 C  CE1 . PHE A 1 120 ? -10.261 2.069   -9.980  1.00 18.47 ? 138 PHE A CE1 1 
ATOM   1034 C  CE2 . PHE A 1 120 ? -11.339 2.009   -12.074 1.00 26.62 ? 138 PHE A CE2 1 
ATOM   1035 C  CZ  . PHE A 1 120 ? -10.498 1.452   -11.169 1.00 19.47 ? 138 PHE A CZ  1 
ATOM   1036 N  N   . ASN A 1 121 ? -15.485 6.155   -8.651  1.00 9.91  ? 139 ASN A N   1 
ATOM   1037 C  CA  . ASN A 1 121 ? -16.330 7.324   -8.329  1.00 11.50 ? 139 ASN A CA  1 
ATOM   1038 C  C   . ASN A 1 121 ? -15.955 7.861   -6.941  1.00 10.63 ? 139 ASN A C   1 
ATOM   1039 O  O   . ASN A 1 121 ? -15.745 7.111   -6.014  1.00 10.09 ? 139 ASN A O   1 
ATOM   1040 C  CB  . ASN A 1 121 ? -17.784 6.974   -8.317  1.00 11.56 ? 139 ASN A CB  1 
ATOM   1041 C  CG  . ASN A 1 121 ? -18.238 6.448   -9.657  1.00 12.16 ? 139 ASN A CG  1 
ATOM   1042 O  OD1 . ASN A 1 121 ? -18.127 7.126   -10.648 1.00 12.21 ? 139 ASN A OD1 1 
ATOM   1043 N  ND2 . ASN A 1 121 ? -18.731 5.210   -9.682  1.00 10.08 ? 139 ASN A ND2 1 
ATOM   1044 N  N   . LEU A 1 122 ? -15.802 9.170   -6.850  1.00 9.96  ? 140 LEU A N   1 
ATOM   1045 C  CA  . LEU A 1 122 ? -15.495 9.800   -5.585  1.00 8.55  ? 140 LEU A CA  1 
ATOM   1046 C  C   . LEU A 1 122 ? -16.618 9.614   -4.601  1.00 10.01 ? 140 LEU A C   1 
ATOM   1047 O  O   . LEU A 1 122 ? -17.771 9.865   -4.930  1.00 10.43 ? 140 LEU A O   1 
ATOM   1048 C  CB  . LEU A 1 122 ? -15.291 11.303  -5.810  1.00 10.07 ? 140 LEU A CB  1 
ATOM   1049 C  CG  . LEU A 1 122 ? -14.806 12.089  -4.604  1.00 11.75 ? 140 LEU A CG  1 
ATOM   1050 C  CD1 . LEU A 1 122 ? -13.294 11.760  -4.295  1.00 10.85 ? 140 LEU A CD1 1 
ATOM   1051 C  CD2 . LEU A 1 122 ? -14.978 13.602  -4.804  1.00 11.77 ? 140 LEU A CD2 1 
ATOM   1052 N  N   . ILE A 1 123 ? -16.285 9.174   -3.393  1.00 8.44  ? 141 ILE A N   1 
ATOM   1053 C  CA  . ILE A 1 123 ? -17.301 9.023   -2.338  1.00 8.60  ? 141 ILE A CA  1 
ATOM   1054 C  C   . ILE A 1 123 ? -16.962 9.731   -1.032  1.00 8.96  ? 141 ILE A C   1 
ATOM   1055 O  O   . ILE A 1 123 ? -17.798 9.758   -0.123  1.00 9.25  ? 141 ILE A O   1 
ATOM   1056 C  CB  . ILE A 1 123 ? -17.615 7.531   -2.081  1.00 10.09 ? 141 ILE A CB  1 
ATOM   1057 C  CG1 . ILE A 1 123 ? -16.391 6.742   -1.599  1.00 12.18 ? 141 ILE A CG1 1 
ATOM   1058 C  CG2 . ILE A 1 123 ? -18.312 6.898   -3.378  1.00 9.30  ? 141 ILE A CG2 1 
ATOM   1059 C  CD1 . ILE A 1 123 ? -16.701 5.304   -1.188  1.00 12.28 ? 141 ILE A CD1 1 
ATOM   1060 N  N   . ASP A 1 124 ? -15.789 10.358  -0.944  1.00 8.69  ? 142 ASP A N   1 
ATOM   1061 C  CA  . ASP A 1 124 ? -15.458 11.183  0.230   1.00 8.32  ? 142 ASP A CA  1 
ATOM   1062 C  C   . ASP A 1 124 ? -14.238 12.038  -0.059  1.00 9.53  ? 142 ASP A C   1 
ATOM   1063 O  O   . ASP A 1 124 ? -13.304 11.605  -0.694  1.00 10.04 ? 142 ASP A O   1 
ATOM   1064 C  CB  . ASP A 1 124 ? -15.149 10.301  1.426   1.00 8.49  ? 142 ASP A CB  1 
ATOM   1065 C  CG  . ASP A 1 124 ? -15.269 11.020  2.784   1.00 11.18 ? 142 ASP A CG  1 
ATOM   1066 O  OD1 . ASP A 1 124 ? -15.546 12.233  2.807   1.00 10.03 ? 142 ASP A OD1 1 
ATOM   1067 O  OD2 . ASP A 1 124 ? -15.062 10.280  3.795   1.00 12.05 ? 142 ASP A OD2 1 
ATOM   1068 N  N   . ILE A 1 125 ? -14.280 13.281  0.400   1.00 9.99  ? 143 ILE A N   1 
ATOM   1069 C  CA  . ILE A 1 125 ? -13.088 14.107  0.574   1.00 9.84  ? 143 ILE A CA  1 
ATOM   1070 C  C   . ILE A 1 125 ? -13.047 14.582  2.018   1.00 10.06 ? 143 ILE A C   1 
ATOM   1071 O  O   . ILE A 1 125 ? -14.048 15.076  2.532   1.00 8.96  ? 143 ILE A O   1 
ATOM   1072 C  CB  . ILE A 1 125 ? -13.141 15.372  -0.284  1.00 9.67  ? 143 ILE A CB  1 
ATOM   1073 C  CG1 . ILE A 1 125 ? -13.308 14.999  -1.773  1.00 10.92 ? 143 ILE A CG1 1 
ATOM   1074 C  CG2 . ILE A 1 125 ? -11.840 16.239  -0.052  1.00 12.76 ? 143 ILE A CG2 1 
ATOM   1075 C  CD1 . ILE A 1 125 ? -13.254 16.216  -2.729  1.00 12.91 ? 143 ILE A CD1 1 
ATOM   1076 N  N   . ASP A 1 126 ? -11.907 14.390  2.686   1.00 9.67  ? 144 ASP A N   1 
ATOM   1077 C  CA  . ASP A 1 126 ? -11.679 14.883  4.034   1.00 10.53 ? 144 ASP A CA  1 
ATOM   1078 C  C   . ASP A 1 126 ? -10.454 15.759  4.015   1.00 12.49 ? 144 ASP A C   1 
ATOM   1079 O  O   . ASP A 1 126 ? -9.398  15.356  3.525   1.00 13.19 ? 144 ASP A O   1 
ATOM   1080 C  CB  . ASP A 1 126 ? -11.457 13.719  4.972   1.00 10.64 ? 144 ASP A CB  1 
ATOM   1081 C  CG  . ASP A 1 126 ? -12.713 12.895  5.183   1.00 9.95  ? 144 ASP A CG  1 
ATOM   1082 O  OD1 . ASP A 1 126 ? -13.831 13.474  5.085   1.00 8.98  ? 144 ASP A OD1 1 
ATOM   1083 O  OD2 . ASP A 1 126 ? -12.581 11.665  5.430   1.00 11.93 ? 144 ASP A OD2 1 
ATOM   1084 N  N   . ASN A 1 127 ? -10.593 16.960  4.530   1.00 13.63 ? 145 ASN A N   1 
ATOM   1085 C  CA  . ASN A 1 127 ? -9.462  17.855  4.581   1.00 20.40 ? 145 ASN A CA  1 
ATOM   1086 C  C   . ASN A 1 127 ? -8.918  18.041  5.963   1.00 25.62 ? 145 ASN A C   1 
ATOM   1087 O  O   . ASN A 1 127 ? -9.478  17.562  6.956   1.00 27.34 ? 145 ASN A O   1 
ATOM   1088 C  CB  . ASN A 1 127 ? -9.821  19.205  3.996   1.00 22.18 ? 145 ASN A CB  1 
ATOM   1089 C  CG  . ASN A 1 127 ? -10.282 19.091  2.575   1.00 26.96 ? 145 ASN A CG  1 
ATOM   1090 O  OD1 . ASN A 1 127 ? -9.542  18.597  1.729   1.00 28.99 ? 145 ASN A OD1 1 
ATOM   1091 N  ND2 . ASN A 1 127 ? -11.508 19.521  2.299   1.00 28.88 ? 145 ASN A ND2 1 
ATOM   1092 O  OXT . ASN A 1 127 ? -7.884  18.715  6.088   1.00 32.28 ? 145 ASN A OXT 1 
HETATM 1093 CA CA  . CA  B 2 .   ? -1.242  -4.243  9.447   1.00 8.61  ? 1   CA  A CA  1 
HETATM 1094 CA CA  . CA  C 2 .   ? -2.953  -1.969  6.935   1.00 9.06  ? 2   CA  A CA  1 
HETATM 1095 CA CA  . CA  D 2 .   ? -11.349 2.149   5.007   0.50 12.90 ? 3   CA  A CA  1 
HETATM 1096 C  C1  . EDO E 3 .   ? 14.436  -9.202  5.936   1.00 23.27 ? 4   EDO A C1  1 
HETATM 1097 O  O1  . EDO E 3 .   ? 15.209  -10.194 6.629   1.00 32.32 ? 4   EDO A O1  1 
HETATM 1098 C  C2  . EDO E 3 .   ? 12.998  -9.679  6.041   1.00 21.85 ? 4   EDO A C2  1 
HETATM 1099 O  O2  . EDO E 3 .   ? 12.584  -9.940  7.407   1.00 17.15 ? 4   EDO A O2  1 
HETATM 1100 C  C1  A EDO F 3 .   ? -9.921  0.724   2.111   0.50 20.48 ? 5   EDO A C1  1 
HETATM 1101 C  C1  B EDO F 3 .   ? -9.870  0.520   2.669   0.50 14.23 ? 5   EDO A C1  1 
HETATM 1102 O  O1  A EDO F 3 .   ? -11.062 1.359   2.695   0.50 12.34 ? 5   EDO A O1  1 
HETATM 1103 O  O1  B EDO F 3 .   ? -9.523  1.355   1.548   0.50 18.70 ? 5   EDO A O1  1 
HETATM 1104 C  C2  A EDO F 3 .   ? -9.025  0.263   3.249   0.50 16.16 ? 5   EDO A C2  1 
HETATM 1105 C  C2  B EDO F 3 .   ? -8.714  0.531   3.664   0.50 19.17 ? 5   EDO A C2  1 
HETATM 1106 O  O2  A EDO F 3 .   ? -9.131  1.252   4.294   0.50 24.32 ? 5   EDO A O2  1 
HETATM 1107 O  O2  B EDO F 3 .   ? -9.232  0.784   4.975   0.50 19.23 ? 5   EDO A O2  1 
HETATM 1108 O  O   . HOH G 4 .   ? -3.813  -3.223  5.059   1.00 12.02 ? 146 HOH A O   1 
HETATM 1109 O  O   . HOH G 4 .   ? 0.197   -7.363  -4.754  1.00 12.41 ? 147 HOH A O   1 
HETATM 1110 O  O   . HOH G 4 .   ? -18.531 11.112  2.405   1.00 13.09 ? 148 HOH A O   1 
HETATM 1111 O  O   . HOH G 4 .   ? 10.555  -9.838  -3.582  1.00 13.63 ? 149 HOH A O   1 
HETATM 1112 O  O   . HOH G 4 .   ? 0.335   -10.157 14.399  1.00 13.97 ? 150 HOH A O   1 
HETATM 1113 O  O   . HOH G 4 .   ? 6.490   1.091   -10.456 1.00 13.97 ? 151 HOH A O   1 
HETATM 1114 O  O   . HOH G 4 .   ? 5.516   3.612   -11.066 1.00 14.17 ? 152 HOH A O   1 
HETATM 1115 O  O   . HOH G 4 .   ? 11.741  -12.403 -3.593  1.00 14.18 ? 153 HOH A O   1 
HETATM 1116 O  O   . HOH G 4 .   ? -19.215 10.727  -7.087  1.00 14.21 ? 154 HOH A O   1 
HETATM 1117 O  O   . HOH G 4 .   ? -5.832  -1.623  3.701   1.00 14.62 ? 155 HOH A O   1 
HETATM 1118 O  O   . HOH G 4 .   ? 14.689  1.271   1.296   1.00 15.46 ? 156 HOH A O   1 
HETATM 1119 O  O   . HOH G 4 .   ? -11.941 10.500  2.650   1.00 15.58 ? 157 HOH A O   1 
HETATM 1120 O  O   . HOH G 4 .   ? -4.484  -0.409  5.793   1.00 15.83 ? 158 HOH A O   1 
HETATM 1121 O  O   . HOH G 4 .   ? -2.127  -8.295  14.725  1.00 15.93 ? 159 HOH A O   1 
HETATM 1122 O  O   . HOH G 4 .   ? -0.679  15.708  -8.040  1.00 16.05 ? 160 HOH A O   1 
HETATM 1123 O  O   . HOH G 4 .   ? 13.174  7.854   4.891   1.00 16.34 ? 161 HOH A O   1 
HETATM 1124 O  O   . HOH G 4 .   ? 10.363  2.995   -0.999  1.00 16.58 ? 162 HOH A O   1 
HETATM 1125 O  O   . HOH G 4 .   ? -9.893  15.538  -14.335 1.00 16.74 ? 163 HOH A O   1 
HETATM 1126 O  O   . HOH G 4 .   ? -0.860  18.120  -12.572 1.00 16.76 ? 164 HOH A O   1 
HETATM 1127 O  O   . HOH G 4 .   ? -20.084 8.353   0.794   1.00 16.78 ? 165 HOH A O   1 
HETATM 1128 O  O   . HOH G 4 .   ? -7.142  -13.017 6.316   1.00 16.83 ? 166 HOH A O   1 
HETATM 1129 O  O   . HOH G 4 .   ? -20.580 4.074   -4.921  1.00 17.29 ? 167 HOH A O   1 
HETATM 1130 O  O   . HOH G 4 .   ? 8.441   1.968   -8.801  1.00 17.33 ? 168 HOH A O   1 
HETATM 1131 O  O   . HOH G 4 .   ? 0.433   -6.630  14.752  1.00 17.55 ? 169 HOH A O   1 
HETATM 1132 O  O   . HOH G 4 .   ? 1.335   -4.770  12.739  1.00 18.21 ? 170 HOH A O   1 
HETATM 1133 O  O   . HOH G 4 .   ? 14.302  -11.676 3.383   1.00 18.34 ? 171 HOH A O   1 
HETATM 1134 O  O   . HOH G 4 .   ? -4.829  5.641   2.324   1.00 18.36 ? 172 HOH A O   1 
HETATM 1135 O  O   . HOH G 4 .   ? -2.341  20.633  -4.890  1.00 18.44 ? 173 HOH A O   1 
HETATM 1136 O  O   . HOH G 4 .   ? -4.116  -5.884  5.067   1.00 18.68 ? 174 HOH A O   1 
HETATM 1137 O  O   . HOH G 4 .   ? -5.982  -11.638 4.208   1.00 19.15 ? 175 HOH A O   1 
HETATM 1138 O  O   . HOH G 4 .   ? 2.147   -8.913  -8.044  1.00 19.21 ? 176 HOH A O   1 
HETATM 1139 O  O   . HOH G 4 .   ? 1.934   12.259  -10.135 1.00 19.28 ? 177 HOH A O   1 
HETATM 1140 O  O   . HOH G 4 .   ? -10.792 13.525  -12.768 1.00 19.50 ? 178 HOH A O   1 
HETATM 1141 O  O   . HOH G 4 .   ? -8.824  3.757   -13.698 1.00 19.64 ? 179 HOH A O   1 
HETATM 1142 O  O   . HOH G 4 .   ? 7.087   12.258  1.454   1.00 19.94 ? 180 HOH A O   1 
HETATM 1143 O  O   . HOH G 4 .   ? -11.435 -1.383  -8.923  1.00 20.11 ? 181 HOH A O   1 
HETATM 1144 O  O   . HOH G 4 .   ? 1.457   -13.921 12.793  1.00 20.32 ? 182 HOH A O   1 
HETATM 1145 O  O   . HOH G 4 .   ? 14.286  -13.528 1.321   1.00 20.33 ? 183 HOH A O   1 
HETATM 1146 O  O   . HOH G 4 .   ? -9.669  -12.178 7.162   1.00 20.39 ? 184 HOH A O   1 
HETATM 1147 O  O   . HOH G 4 .   ? 2.419   -2.050  11.178  1.00 20.41 ? 185 HOH A O   1 
HETATM 1148 O  O   . HOH G 4 .   ? -10.229 19.329  -0.935  1.00 20.54 ? 186 HOH A O   1 
HETATM 1149 O  O   . HOH G 4 .   ? -16.247 6.430   -12.572 1.00 20.59 ? 187 HOH A O   1 
HETATM 1150 O  O   . HOH G 4 .   ? -7.925  -3.110  3.224   1.00 20.67 ? 188 HOH A O   1 
HETATM 1151 O  O   . HOH G 4 .   ? -16.261 7.762   3.858   1.00 20.77 ? 189 HOH A O   1 
HETATM 1152 O  O   . HOH G 4 .   ? 16.735  1.930   8.008   1.00 20.99 ? 190 HOH A O   1 
HETATM 1153 O  O   . HOH G 4 .   ? -4.993  1.945   -14.367 1.00 21.06 ? 191 HOH A O   1 
HETATM 1154 O  O   . HOH G 4 .   ? -0.036  24.988  -8.585  1.00 21.08 ? 192 HOH A O   1 
HETATM 1155 O  O   . HOH G 4 .   ? -10.587 10.777  -13.115 1.00 21.18 ? 193 HOH A O   1 
HETATM 1156 O  O   . HOH G 4 .   ? 11.929  -19.173 2.422   1.00 21.29 ? 194 HOH A O   1 
HETATM 1157 O  O   . HOH G 4 .   ? 9.843   -18.166 -2.294  1.00 21.57 ? 195 HOH A O   1 
HETATM 1158 O  O   . HOH G 4 .   ? -10.976 9.456   -15.631 1.00 21.61 ? 196 HOH A O   1 
HETATM 1159 O  O   . HOH G 4 .   ? 10.690  -16.095 -4.995  1.00 21.61 ? 197 HOH A O   1 
HETATM 1160 O  O   . HOH G 4 .   ? -18.568 9.861   -10.585 1.00 21.86 ? 198 HOH A O   1 
HETATM 1161 O  O   . HOH G 4 .   ? 10.911  -0.752  -8.999  1.00 21.86 ? 199 HOH A O   1 
HETATM 1162 O  O   . HOH G 4 .   ? -11.820 17.478  -13.849 1.00 22.01 ? 200 HOH A O   1 
HETATM 1163 O  O   . HOH G 4 .   ? -10.420 12.865  -21.147 1.00 22.05 ? 201 HOH A O   1 
HETATM 1164 O  O   . HOH G 4 .   ? 5.007   12.367  5.289   1.00 22.28 ? 202 HOH A O   1 
HETATM 1165 O  O   . HOH G 4 .   ? 5.411   4.205   5.876   1.00 22.63 ? 203 HOH A O   1 
HETATM 1166 O  O   . HOH G 4 .   ? 9.136   -12.463 -7.495  1.00 22.65 ? 204 HOH A O   1 
HETATM 1167 O  O   . HOH G 4 .   ? 1.807   0.976   9.455   1.00 22.68 ? 205 HOH A O   1 
HETATM 1168 O  O   . HOH G 4 .   ? -0.338  -7.484  -7.462  1.00 22.72 ? 206 HOH A O   1 
HETATM 1169 O  O   . HOH G 4 .   ? -12.179 16.243  -11.471 1.00 22.99 ? 207 HOH A O   1 
HETATM 1170 O  O   . HOH G 4 .   ? 7.983   -8.673  -10.433 1.00 23.24 ? 208 HOH A O   1 
HETATM 1171 O  O   . HOH G 4 .   ? 0.565   2.842   7.568   1.00 23.27 ? 209 HOH A O   1 
HETATM 1172 O  O   . HOH G 4 .   ? 3.399   -6.895  -9.366  1.00 23.32 ? 210 HOH A O   1 
HETATM 1173 O  O   . HOH G 4 .   ? 2.089   10.868  -6.232  1.00 23.57 ? 211 HOH A O   1 
HETATM 1174 O  O   . HOH G 4 .   ? 4.258   9.326   -6.676  1.00 23.95 ? 212 HOH A O   1 
HETATM 1175 O  O   . HOH G 4 .   ? -4.505  21.002  -12.599 1.00 24.05 ? 213 HOH A O   1 
HETATM 1176 O  O   . HOH G 4 .   ? 11.308  -13.570 -6.527  1.00 24.22 ? 214 HOH A O   1 
HETATM 1177 O  O   . HOH G 4 .   ? -21.068 6.315   -0.711  1.00 24.25 ? 215 HOH A O   1 
HETATM 1178 O  O   . HOH G 4 .   ? -14.935 16.282  -7.853  1.00 24.32 ? 216 HOH A O   1 
HETATM 1179 O  O   . HOH G 4 .   ? -1.484  -15.953 -4.103  1.00 24.49 ? 217 HOH A O   1 
HETATM 1180 O  O   . HOH G 4 .   ? -5.703  -9.308  5.200   1.00 24.67 ? 218 HOH A O   1 
HETATM 1181 O  O   . HOH G 4 .   ? -16.153 3.060   2.885   1.00 24.74 ? 219 HOH A O   1 
HETATM 1182 O  O   . HOH G 4 .   ? -12.810 19.666  -0.043  1.00 25.12 ? 220 HOH A O   1 
HETATM 1183 O  O   . HOH G 4 .   ? 3.523   -17.669 1.255   1.00 25.54 ? 221 HOH A O   1 
HETATM 1184 O  O   . HOH G 4 .   ? 12.866  -8.551  -2.953  1.00 25.64 ? 222 HOH A O   1 
HETATM 1185 O  O   . HOH G 4 .   ? -5.825  18.873  3.713   1.00 26.03 ? 223 HOH A O   1 
HETATM 1186 O  O   . HOH G 4 .   ? -12.836 9.156   -11.429 1.00 26.23 ? 224 HOH A O   1 
HETATM 1187 O  O   . HOH G 4 .   ? 0.563   16.756  -10.039 1.00 26.26 ? 225 HOH A O   1 
HETATM 1188 O  O   . HOH G 4 .   ? 15.856  -5.913  -0.033  1.00 26.45 ? 226 HOH A O   1 
HETATM 1189 O  O   . HOH G 4 .   ? -8.608  -11.174 19.313  1.00 26.48 ? 227 HOH A O   1 
HETATM 1190 O  O   . HOH G 4 .   ? -0.929  -17.080 2.920   1.00 26.74 ? 228 HOH A O   1 
HETATM 1191 O  O   . HOH G 4 .   ? 1.629   -4.592  -9.889  1.00 26.75 ? 229 HOH A O   1 
HETATM 1192 O  O   . HOH G 4 .   ? 12.135  1.621   -4.815  1.00 26.98 ? 230 HOH A O   1 
HETATM 1193 O  O   . HOH G 4 .   ? -3.901  22.084  -0.149  1.00 27.06 ? 231 HOH A O   1 
HETATM 1194 O  O   . HOH G 4 .   ? 1.777   18.782  -0.721  1.00 27.06 ? 232 HOH A O   1 
HETATM 1195 O  O   . HOH G 4 .   ? 6.452   6.054   -9.934  1.00 27.21 ? 233 HOH A O   1 
HETATM 1196 O  O   . HOH G 4 .   ? 16.831  5.040   5.635   1.00 27.24 ? 234 HOH A O   1 
HETATM 1197 O  O   . HOH G 4 .   ? -9.163  7.828   7.430   1.00 27.30 ? 235 HOH A O   1 
HETATM 1198 O  O   . HOH G 4 .   ? -5.681  7.743   4.158   1.00 27.33 ? 236 HOH A O   1 
HETATM 1199 O  O   . HOH G 4 .   ? 15.712  -12.020 -4.954  1.00 27.33 ? 237 HOH A O   1 
HETATM 1200 O  O   . HOH G 4 .   ? -17.428 -0.131  -4.399  1.00 27.39 ? 238 HOH A O   1 
HETATM 1201 O  O   . HOH G 4 .   ? 4.230   21.400  -6.629  1.00 27.52 ? 239 HOH A O   1 
HETATM 1202 O  O   . HOH G 4 .   ? 12.336  -17.099 8.768   1.00 27.62 ? 240 HOH A O   1 
HETATM 1203 O  O   . HOH G 4 .   ? -7.369  -15.744 6.974   1.00 27.77 ? 241 HOH A O   1 
HETATM 1204 O  O   . HOH G 4 .   ? -11.725 17.845  -5.077  1.00 27.96 ? 242 HOH A O   1 
HETATM 1205 O  O   . HOH G 4 .   ? 10.056  2.835   -5.460  1.00 27.98 ? 243 HOH A O   1 
HETATM 1206 O  O   . HOH G 4 .   ? 19.054  1.024   2.908   1.00 28.02 ? 244 HOH A O   1 
HETATM 1207 O  O   . HOH G 4 .   ? -10.475 10.777  6.929   1.00 28.36 ? 245 HOH A O   1 
HETATM 1208 O  O   . HOH G 4 .   ? 14.198  6.726   0.068   1.00 28.46 ? 246 HOH A O   1 
HETATM 1209 O  O   . HOH G 4 .   ? 1.974   15.530  4.645   1.00 28.81 ? 247 HOH A O   1 
HETATM 1210 O  O   . HOH G 4 .   ? -5.790  22.077  -2.037  1.00 28.94 ? 248 HOH A O   1 
HETATM 1211 O  O   . HOH G 4 .   ? 13.120  -4.339  -2.528  1.00 28.98 ? 249 HOH A O   1 
HETATM 1212 O  O   . HOH G 4 .   ? 14.047  -11.881 -2.709  1.00 29.12 ? 250 HOH A O   1 
HETATM 1213 O  O   . HOH G 4 .   ? -0.744  -4.749  -8.485  1.00 29.20 ? 251 HOH A O   1 
HETATM 1214 O  O   . HOH G 4 .   ? -5.144  -16.292 11.193  1.00 29.24 ? 252 HOH A O   1 
HETATM 1215 O  O   . HOH G 4 .   ? 13.243  -13.957 9.514   1.00 29.44 ? 253 HOH A O   1 
HETATM 1216 O  O   . HOH G 4 .   ? 9.860   5.205   -2.991  1.00 29.45 ? 254 HOH A O   1 
HETATM 1217 O  O   . HOH G 4 .   ? -7.431  2.185   6.487   1.00 30.22 ? 255 HOH A O   1 
HETATM 1218 O  O   . HOH G 4 .   ? -3.700  -0.712  -8.818  1.00 30.35 ? 256 HOH A O   1 
HETATM 1219 O  O   . HOH G 4 .   ? 3.776   -5.213  16.744  1.00 30.44 ? 257 HOH A O   1 
HETATM 1220 O  O   . HOH G 4 .   ? -10.167 -4.072  -4.146  1.00 30.77 ? 258 HOH A O   1 
HETATM 1221 O  O   . HOH G 4 .   ? -13.731 -0.808  -11.862 1.00 30.91 ? 259 HOH A O   1 
HETATM 1222 O  O   . HOH G 4 .   ? -14.724 -6.602  -4.577  1.00 31.03 ? 260 HOH A O   1 
HETATM 1223 O  O   . HOH G 4 .   ? 9.276   -11.112 -9.796  1.00 31.05 ? 261 HOH A O   1 
HETATM 1224 O  O   . HOH G 4 .   ? -1.210  -9.149  21.238  1.00 31.34 ? 262 HOH A O   1 
HETATM 1225 O  O   . HOH G 4 .   ? -0.244  13.431  4.411   1.00 31.37 ? 263 HOH A O   1 
HETATM 1226 O  O   . HOH G 4 .   ? -19.868 2.865   -2.635  1.00 31.80 ? 264 HOH A O   1 
HETATM 1227 O  O   . HOH G 4 .   ? 15.250  -9.447  2.269   1.00 31.97 ? 265 HOH A O   1 
HETATM 1228 O  O   . HOH G 4 .   ? -5.114  -13.842 -5.982  1.00 32.36 ? 266 HOH A O   1 
HETATM 1229 O  O   . HOH G 4 .   ? 16.761  -7.371  3.350   1.00 32.43 ? 267 HOH A O   1 
HETATM 1230 O  O   . HOH G 4 .   ? -2.499  23.296  -5.462  1.00 32.53 ? 268 HOH A O   1 
HETATM 1231 O  O   . HOH G 4 .   ? 4.764   -17.850 5.102   1.00 32.54 ? 269 HOH A O   1 
HETATM 1232 O  O   . HOH G 4 .   ? 15.651  3.482   0.027   1.00 32.66 ? 270 HOH A O   1 
HETATM 1233 O  O   . HOH G 4 .   ? -3.006  -7.606  -6.632  1.00 32.77 ? 271 HOH A O   1 
HETATM 1234 O  O   . HOH G 4 .   ? 3.209   -16.214 -9.500  1.00 32.95 ? 272 HOH A O   1 
HETATM 1235 O  O   . HOH G 4 .   ? 14.358  -8.276  -0.446  1.00 33.16 ? 273 HOH A O   1 
HETATM 1236 O  O   . HOH G 4 .   ? 6.037   -18.425 -0.699  1.00 33.35 ? 274 HOH A O   1 
HETATM 1237 O  O   . HOH G 4 .   ? 9.771   -20.401 1.532   1.00 33.60 ? 275 HOH A O   1 
HETATM 1238 O  O   . HOH G 4 .   ? 6.953   -7.044  15.057  1.00 33.66 ? 276 HOH A O   1 
HETATM 1239 O  O   . HOH G 4 .   ? -14.360 8.174   -13.015 1.00 33.75 ? 277 HOH A O   1 
HETATM 1240 O  O   . HOH G 4 .   ? 11.388  -7.929  14.625  1.00 34.09 ? 278 HOH A O   1 
HETATM 1241 O  O   . HOH G 4 .   ? 6.827   -0.192  -12.675 1.00 34.36 ? 279 HOH A O   1 
HETATM 1242 O  O   . HOH G 4 .   ? 2.128   21.439  -9.863  1.00 34.46 ? 280 HOH A O   1 
HETATM 1243 O  O   . HOH G 4 .   ? 8.258   11.496  -4.333  1.00 34.84 ? 281 HOH A O   1 
HETATM 1244 O  O   . HOH G 4 .   ? -8.586  13.110  7.252   1.00 34.94 ? 282 HOH A O   1 
HETATM 1245 O  O   . HOH G 4 .   ? -13.085 -5.627  2.240   1.00 35.26 ? 283 HOH A O   1 
HETATM 1246 O  O   . HOH G 4 .   ? -0.448  19.912  -2.427  1.00 35.28 ? 284 HOH A O   1 
HETATM 1247 O  O   . HOH G 4 .   ? -10.099 8.365   4.561   1.00 35.51 ? 285 HOH A O   1 
HETATM 1248 O  O   . HOH G 4 .   ? 12.784  9.091   2.582   1.00 35.61 ? 286 HOH A O   1 
HETATM 1249 O  O   . HOH G 4 .   ? 7.825   7.007   -5.885  1.00 35.70 ? 287 HOH A O   1 
HETATM 1250 O  O   . HOH G 4 .   ? 0.706   8.040   5.074   1.00 35.81 ? 288 HOH A O   1 
HETATM 1251 O  O   . HOH G 4 .   ? 1.007   14.114  6.181   1.00 36.74 ? 289 HOH A O   1 
HETATM 1252 O  O   . HOH G 4 .   ? -1.965  -16.228 14.940  1.00 37.11 ? 290 HOH A O   1 
HETATM 1253 O  O   . HOH G 4 .   ? -8.351  -9.391  0.791   1.00 37.57 ? 291 HOH A O   1 
HETATM 1254 O  O   . HOH G 4 .   ? -12.241 -3.937  -8.528  1.00 37.84 ? 292 HOH A O   1 
HETATM 1255 O  O   . HOH G 4 .   ? 1.625   -16.423 14.007  1.00 37.95 ? 293 HOH A O   1 
HETATM 1256 O  O   . HOH G 4 .   ? -3.359  14.032  8.869   1.00 38.12 ? 294 HOH A O   1 
HETATM 1257 O  O   . HOH G 4 .   ? -12.220 13.536  -17.080 1.00 38.45 ? 295 HOH A O   1 
HETATM 1258 O  O   . HOH G 4 .   ? 18.141  -4.072  5.233   1.00 38.59 ? 296 HOH A O   1 
HETATM 1259 O  O   . HOH G 4 .   ? 4.449   17.724  -3.254  1.00 38.98 ? 297 HOH A O   1 
HETATM 1260 O  O   . HOH G 4 .   ? -18.076 -2.394  -6.134  1.00 39.02 ? 298 HOH A O   1 
HETATM 1261 O  O   . HOH G 4 .   ? -2.211  -2.809  -8.734  1.00 39.58 ? 299 HOH A O   1 
HETATM 1262 O  O   . HOH G 4 .   ? 6.243   -4.030  12.333  1.00 39.73 ? 300 HOH A O   1 
HETATM 1263 O  O   . HOH G 4 .   ? -6.806  -16.261 9.353   1.00 39.79 ? 301 HOH A O   1 
HETATM 1264 O  O   . HOH G 4 .   ? 3.164   -16.078 15.812  1.00 39.80 ? 302 HOH A O   1 
HETATM 1265 O  O   . HOH G 4 .   ? -17.858 2.741   0.986   1.00 39.83 ? 303 HOH A O   1 
HETATM 1266 O  O   . HOH G 4 .   ? 2.364   -10.391 -10.506 1.00 39.88 ? 304 HOH A O   1 
HETATM 1267 O  O   . HOH G 4 .   ? 13.327  -5.773  -9.009  1.00 40.09 ? 305 HOH A O   1 
HETATM 1268 O  O   . HOH G 4 .   ? 2.941   -13.401 -12.333 1.00 40.19 ? 306 HOH A O   1 
HETATM 1269 O  O   . HOH G 4 .   ? 8.064   -10.306 16.471  1.00 40.33 ? 307 HOH A O   1 
HETATM 1270 O  O   . HOH G 4 .   ? -9.905  21.771  -8.267  1.00 40.38 ? 308 HOH A O   1 
HETATM 1271 O  O   . HOH G 4 .   ? -4.513  -14.044 18.748  1.00 40.87 ? 309 HOH A O   1 
HETATM 1272 O  O   . HOH G 4 .   ? 8.469   -9.061  13.824  1.00 41.15 ? 310 HOH A O   1 
HETATM 1273 O  O   . HOH G 4 .   ? -9.678  20.768  -5.269  1.00 41.29 ? 311 HOH A O   1 
HETATM 1274 O  O   . HOH G 4 .   ? -6.614  22.734  -8.805  1.00 41.41 ? 312 HOH A O   1 
HETATM 1275 O  O   . HOH G 4 .   ? -7.736  -11.755 22.137  1.00 41.96 ? 313 HOH A O   1 
HETATM 1276 O  O   . HOH G 4 .   ? -0.093  6.512   7.499   1.00 42.23 ? 314 HOH A O   1 
HETATM 1277 O  O   . HOH G 4 .   ? -12.540 13.302  -19.876 1.00 42.33 ? 315 HOH A O   1 
HETATM 1278 O  O   . HOH G 4 .   ? -18.250 0.033   -6.492  1.00 42.75 ? 316 HOH A O   1 
HETATM 1279 O  O   . HOH G 4 .   ? 9.597   -19.137 9.776   1.00 43.02 ? 317 HOH A O   1 
HETATM 1280 O  O   . HOH G 4 .   ? 4.759   -7.880  -11.301 1.00 44.02 ? 318 HOH A O   1 
HETATM 1281 O  O   . HOH G 4 .   ? 1.247   -20.072 8.300   1.00 44.33 ? 319 HOH A O   1 
HETATM 1282 O  O   . HOH G 4 .   ? 18.158  -11.867 5.109   1.00 45.63 ? 320 HOH A O   1 
HETATM 1283 O  O   . HOH G 4 .   ? -7.592  -12.801 -0.365  1.00 46.25 ? 321 HOH A O   1 
HETATM 1284 O  O   . HOH G 4 .   ? -2.322  -17.388 11.730  1.00 46.36 ? 322 HOH A O   1 
HETATM 1285 O  O   . HOH G 4 .   ? -0.659  13.246  7.983   1.00 46.45 ? 323 HOH A O   1 
HETATM 1286 O  O   . HOH G 4 .   ? 3.358   -14.394 21.204  1.00 46.53 ? 324 HOH A O   1 
HETATM 1287 O  O   . HOH G 4 .   ? -6.298  -1.433  -8.106  1.00 46.66 ? 325 HOH A O   1 
HETATM 1288 O  O   . HOH G 4 .   ? -9.635  21.827  -3.024  1.00 46.96 ? 326 HOH A O   1 
HETATM 1289 O  O   . HOH G 4 .   ? 4.765   -14.896 17.025  1.00 50.08 ? 327 HOH A O   1 
HETATM 1290 O  O   . HOH G 4 .   ? 7.108   -20.298 5.242   1.00 51.16 ? 328 HOH A O   1 
HETATM 1291 O  O   . HOH G 4 .   ? 11.140  -3.644  -11.597 1.00 51.67 ? 329 HOH A O   1 
HETATM 1292 O  O   . HOH G 4 .   ? 0.245   -20.027 10.954  1.00 55.39 ? 330 HOH A O   1 
HETATM 1293 O  O   . HOH G 4 .   ? 4.810   -11.886 21.759  1.00 61.28 ? 331 HOH A O   1 
HETATM 1294 O  O   . HOH G 4 .   ? -8.105  4.376   6.824   0.50 3.84  ? 332 HOH A O   1 
HETATM 1295 O  O   . HOH G 4 .   ? 1.977   14.468  -11.406 0.50 13.18 ? 333 HOH A O   1 
HETATM 1296 O  O   . HOH G 4 .   ? -4.190  9.285   -14.867 0.50 13.76 ? 334 HOH A O   1 
HETATM 1297 O  O   . HOH G 4 .   ? -7.197  6.629   7.186   0.50 23.06 ? 335 HOH A O   1 
HETATM 1298 O  O   B HOH G 4 .   ? -12.650 1.193   3.542   0.50 14.96 ? 336 HOH A O   1 
HETATM 1299 O  O   A HOH G 4 .   ? -13.140 3.091   3.743   0.50 17.54 ? 337 HOH A O   1 
HETATM 1300 O  O   B HOH G 4 .   ? -11.382 3.799   3.555   0.50 18.16 ? 337 HOH A O   1 
HETATM 1301 O  O   A HOH G 4 .   ? 0.299   12.090  -8.076  0.50 12.70 ? 338 HOH A O   1 
HETATM 1302 O  O   B HOH G 4 .   ? 0.370   10.641  -7.840  0.50 11.11 ? 338 HOH A O   1 
HETATM 1303 O  O   A HOH G 4 .   ? -15.391 11.007  -9.504  0.50 16.01 ? 339 HOH A O   1 
HETATM 1304 O  O   B HOH G 4 .   ? -16.552 10.867  -8.941  0.50 9.37  ? 339 HOH A O   1 
# 
